data_8D6Q
#
_entry.id   8D6Q
#
_cell.length_a   96.394
_cell.length_b   107.145
_cell.length_c   254.785
_cell.angle_alpha   90.000
_cell.angle_beta   90.000
_cell.angle_gamma   90.000
#
_symmetry.space_group_name_H-M   'P 21 21 21'
#
loop_
_entity.id
_entity.type
_entity.pdbx_description
1 polymer Saxiphilin
2 water water
#
_entity_poly.entity_id   1
_entity_poly.type   'polypeptide(L)'
_entity_poly.pdbx_seq_one_letter_code
;MAPTFQTALFFTIISLSFAAPNAKQVRWCAISDLEQKKCNDLVGSCNVPDITLVCVLRSSTEDCMTAIKDGQADAMFLDS
GEVYEASKDPYNLKPIIAEPYSSNRDLQKCLKERQQALAKKMIGHYIPQCDEKGNYQPQQCHGSTGHCWCVNAMGEKISG
TNTPPGQTRATCERHELPKCLKERQVALGGDEKVLGRFVPQCDEKGNYEPQQFHGSTGYSWCVNAIGEEIAGTKTPPGKI
PATCQKHDLVTTCHYAVAMVKKSSAFQFNQLKGKRSCHSGVSKTDGWKALVTVLVEKKLLSWDGPAKESIQRAMSKFFSV
SCIPGATQTNLCKQCKGEEGKNCKNSHDEPYYGNYGAFRCLKEDMGDVAFLRSTALSDEHSEVYELLCPDNTRKPLNKYK
ECNLGTVPAGTVVTRKISDKTEDINNFLMEAQKRQCKLFSSAHGKDLMFDDSTLQLALLSSEVDAFLYLGVKLFHAMKAL
TGDAHLPSKNKVRWCTINKLEKMKCDDWSAVSGGAIACTEASCPKGCVKQILKGEADAVKLEVQYMYEALMCGLLPAVEE
YHNKDDFGPCKTPGSPITDFGTLRAVALVKKSNKDINWNNIKGKKSCHTGVGDIAGWVIPVSLIRRQNDNSDIDSFFGES
CAPGSDTKSNLCKLCIGDPKNSAANTKCSLSDKEAYYGNQGAFRCLVEKGDVAFVPHTVVFENTDGKNPAVWAKNLKSED
FELLCLDGSRAPVSNYKSCKLSGIPPPAIVTREESISDVVRIVANQQSLYGRKGFEKDMFQLFSSNKGNNLLFNDNTQCL
ITFDRQPKDIMEDYFGKPYYTTVYGASRSAMSSELISACTIKHCSNSLEVL
;
_entity_poly.pdbx_strand_id   A,B
#
# COMPACT_ATOMS: atom_id res chain seq x y z
N LYS A 24 -4.52 -10.06 35.53
CA LYS A 24 -4.04 -9.47 36.77
C LYS A 24 -3.95 -7.94 36.69
N GLN A 25 -4.01 -7.39 35.48
CA GLN A 25 -3.88 -5.95 35.30
C GLN A 25 -4.53 -5.54 33.97
N VAL A 26 -5.24 -4.41 33.99
CA VAL A 26 -5.99 -3.93 32.84
C VAL A 26 -5.75 -2.42 32.69
N ARG A 27 -5.17 -2.01 31.56
CA ARG A 27 -4.83 -0.63 31.31
C ARG A 27 -5.89 0.01 30.42
N TRP A 28 -6.57 1.02 30.94
CA TRP A 28 -7.57 1.78 30.21
C TRP A 28 -6.94 3.06 29.68
N CYS A 29 -7.27 3.41 28.43
CA CYS A 29 -6.70 4.59 27.77
C CYS A 29 -7.70 5.75 27.86
N ALA A 30 -7.28 6.84 28.51
CA ALA A 30 -8.09 8.04 28.64
C ALA A 30 -7.64 9.10 27.65
N ILE A 31 -8.60 9.77 27.02
CA ILE A 31 -8.28 10.72 25.96
C ILE A 31 -8.20 12.16 26.44
N SER A 32 -8.55 12.44 27.69
CA SER A 32 -8.53 13.80 28.19
C SER A 32 -8.18 13.79 29.66
N ASP A 33 -8.00 14.98 30.22
CA ASP A 33 -7.66 15.10 31.64
C ASP A 33 -8.85 14.69 32.51
N LEU A 34 -10.07 15.00 32.07
CA LEU A 34 -11.25 14.65 32.85
C LEU A 34 -11.48 13.13 32.85
N GLU A 35 -11.26 12.49 31.70
CA GLU A 35 -11.35 11.04 31.65
C GLU A 35 -10.31 10.40 32.55
N GLN A 36 -9.09 10.95 32.60
CA GLN A 36 -8.08 10.39 33.48
C GLN A 36 -8.43 10.63 34.94
N LYS A 37 -9.07 11.75 35.25
CA LYS A 37 -9.48 12.00 36.62
C LYS A 37 -10.56 11.00 37.06
N LYS A 38 -11.54 10.75 36.18
CA LYS A 38 -12.53 9.72 36.48
C LYS A 38 -11.88 8.34 36.59
N CYS A 39 -10.87 8.08 35.75
CA CYS A 39 -10.18 6.80 35.80
C CYS A 39 -9.45 6.61 37.13
N ASN A 40 -8.79 7.67 37.62
CA ASN A 40 -8.12 7.59 38.92
C ASN A 40 -9.13 7.44 40.05
N ASP A 41 -10.28 8.12 39.94
CA ASP A 41 -11.35 7.92 40.90
C ASP A 41 -11.76 6.45 40.97
N LEU A 42 -11.93 5.81 39.81
CA LEU A 42 -12.34 4.41 39.83
C LEU A 42 -11.21 3.49 40.27
N VAL A 43 -9.95 3.89 40.03
CA VAL A 43 -8.81 3.15 40.57
C VAL A 43 -8.88 3.14 42.09
N GLY A 44 -9.15 4.31 42.68
CA GLY A 44 -9.18 4.40 44.14
C GLY A 44 -10.38 3.69 44.74
N SER A 45 -11.57 3.90 44.18
CA SER A 45 -12.81 3.43 44.78
C SER A 45 -13.13 1.97 44.43
N CYS A 46 -13.05 1.60 43.15
CA CYS A 46 -13.46 0.27 42.71
C CYS A 46 -12.36 -0.73 43.05
N ASN A 47 -12.65 -1.63 43.99
CA ASN A 47 -11.72 -2.68 44.40
C ASN A 47 -12.22 -4.00 43.84
N VAL A 48 -11.64 -4.41 42.72
CA VAL A 48 -11.91 -5.71 42.12
C VAL A 48 -10.80 -6.66 42.55
N PRO A 49 -11.13 -7.85 43.07
CA PRO A 49 -10.07 -8.77 43.52
C PRO A 49 -9.28 -9.33 42.33
N ASP A 50 -7.96 -9.32 42.46
CA ASP A 50 -7.00 -9.92 41.54
C ASP A 50 -6.83 -9.16 40.22
N ILE A 51 -7.48 -8.02 40.04
CA ILE A 51 -7.36 -7.23 38.82
C ILE A 51 -7.12 -5.78 39.20
N THR A 52 -5.99 -5.24 38.76
CA THR A 52 -5.62 -3.85 39.04
C THR A 52 -5.89 -2.99 37.81
N LEU A 53 -6.44 -1.80 38.05
CA LEU A 53 -6.76 -0.85 36.98
C LEU A 53 -5.63 0.16 36.81
N VAL A 54 -5.31 0.47 35.55
CA VAL A 54 -4.26 1.42 35.21
C VAL A 54 -4.79 2.38 34.16
N CYS A 55 -4.42 3.65 34.26
CA CYS A 55 -4.91 4.70 33.37
C CYS A 55 -3.76 5.21 32.52
N VAL A 56 -3.83 4.94 31.22
CA VAL A 56 -2.87 5.45 30.25
C VAL A 56 -3.47 6.70 29.62
N LEU A 57 -2.73 7.80 29.67
CA LEU A 57 -3.22 9.09 29.20
C LEU A 57 -2.71 9.37 27.80
N ARG A 58 -3.64 9.71 26.89
CA ARG A 58 -3.32 10.17 25.55
C ARG A 58 -4.15 11.43 25.26
N SER A 59 -3.79 12.14 24.19
CA SER A 59 -4.35 13.45 23.92
C SER A 59 -5.60 13.43 23.03
N SER A 60 -5.94 12.30 22.44
CA SER A 60 -7.09 12.24 21.54
C SER A 60 -7.54 10.78 21.40
N THR A 61 -8.68 10.61 20.73
CA THR A 61 -9.20 9.28 20.46
C THR A 61 -8.24 8.47 19.60
N GLU A 62 -7.70 9.08 18.55
CA GLU A 62 -6.82 8.36 17.64
C GLU A 62 -5.53 7.92 18.36
N ASP A 63 -5.00 8.77 19.24
CA ASP A 63 -3.80 8.40 19.98
C ASP A 63 -4.07 7.21 20.90
N CYS A 64 -5.25 7.16 21.50
CA CYS A 64 -5.60 6.01 22.34
C CYS A 64 -5.74 4.75 21.50
N MET A 65 -6.34 4.86 20.31
CA MET A 65 -6.40 3.70 19.42
C MET A 65 -5.01 3.21 19.06
N THR A 66 -4.10 4.13 18.77
CA THR A 66 -2.72 3.75 18.44
C THR A 66 -2.04 3.09 19.64
N ALA A 67 -2.24 3.65 20.85
CA ALA A 67 -1.64 3.06 22.03
C ALA A 67 -2.16 1.65 22.28
N ILE A 68 -3.44 1.40 21.99
CA ILE A 68 -3.94 0.03 22.11
C ILE A 68 -3.32 -0.86 21.05
N LYS A 69 -3.15 -0.34 19.83
CA LYS A 69 -2.52 -1.11 18.76
C LYS A 69 -1.07 -1.42 19.09
N ASP A 70 -0.42 -0.57 19.87
CA ASP A 70 0.98 -0.74 20.25
C ASP A 70 1.16 -1.49 21.55
N GLY A 71 0.08 -1.99 22.15
CA GLY A 71 0.20 -2.70 23.41
C GLY A 71 0.50 -1.81 24.61
N GLN A 72 0.50 -0.49 24.43
CA GLN A 72 0.67 0.43 25.55
C GLN A 72 -0.60 0.56 26.39
N ALA A 73 -1.75 0.16 25.85
CA ALA A 73 -3.00 0.14 26.59
C ALA A 73 -3.81 -1.07 26.13
N ASP A 74 -4.92 -1.35 26.81
CA ASP A 74 -5.63 -2.60 26.58
C ASP A 74 -7.02 -2.45 26.00
N ALA A 75 -7.77 -1.40 26.36
CA ALA A 75 -9.15 -1.29 25.91
C ALA A 75 -9.60 0.16 25.95
N MET A 76 -10.66 0.45 25.20
CA MET A 76 -11.24 1.79 25.27
C MET A 76 -12.65 1.75 24.70
N PHE A 77 -13.43 2.78 25.00
CA PHE A 77 -14.77 2.90 24.47
C PHE A 77 -14.74 3.72 23.19
N LEU A 78 -15.52 3.28 22.20
CA LEU A 78 -15.62 3.95 20.91
C LEU A 78 -17.07 4.12 20.48
N ASP A 79 -17.33 5.18 19.74
CA ASP A 79 -18.61 5.33 19.05
C ASP A 79 -18.71 4.31 17.93
N SER A 80 -19.95 3.98 17.56
CA SER A 80 -20.17 2.98 16.52
C SER A 80 -19.53 3.40 15.20
N GLY A 81 -19.62 4.68 14.84
CA GLY A 81 -19.06 5.13 13.58
C GLY A 81 -17.56 4.97 13.52
N GLU A 82 -16.89 5.08 14.65
CA GLU A 82 -15.45 4.90 14.70
C GLU A 82 -15.04 3.43 14.64
N VAL A 83 -16.00 2.51 14.55
CA VAL A 83 -15.68 1.09 14.66
C VAL A 83 -15.13 0.55 13.34
N TYR A 84 -15.78 0.88 12.22
CA TYR A 84 -15.33 0.34 10.94
C TYR A 84 -13.89 0.74 10.64
N GLU A 85 -13.57 2.01 10.84
CA GLU A 85 -12.20 2.47 10.61
C GLU A 85 -11.24 1.92 11.66
N ALA A 86 -11.75 1.43 12.79
CA ALA A 86 -10.88 0.87 13.82
C ALA A 86 -10.44 -0.55 13.48
N SER A 87 -11.25 -1.28 12.71
CA SER A 87 -10.93 -2.67 12.39
C SER A 87 -9.87 -2.80 11.31
N LYS A 88 -9.46 -1.71 10.69
CA LYS A 88 -8.49 -1.70 9.61
C LYS A 88 -7.17 -1.10 10.07
N ASP A 89 -6.19 -1.10 9.17
CA ASP A 89 -4.96 -0.36 9.40
C ASP A 89 -5.28 1.13 9.52
N PRO A 90 -4.54 1.87 10.36
CA PRO A 90 -3.43 1.41 11.19
C PRO A 90 -3.82 1.19 12.65
N TYR A 91 -4.94 0.50 12.89
CA TYR A 91 -5.41 0.28 14.25
C TYR A 91 -5.69 -1.20 14.51
N ASN A 92 -6.49 -1.83 13.65
CA ASN A 92 -6.82 -3.26 13.74
C ASN A 92 -7.32 -3.62 15.14
N LEU A 93 -8.46 -3.03 15.48
CA LEU A 93 -9.15 -3.27 16.73
C LEU A 93 -10.45 -4.01 16.46
N LYS A 94 -10.95 -4.70 17.49
CA LYS A 94 -12.22 -5.38 17.39
C LYS A 94 -13.08 -5.06 18.61
N PRO A 95 -14.39 -4.94 18.42
CA PRO A 95 -15.29 -4.80 19.57
C PRO A 95 -15.38 -6.10 20.37
N ILE A 96 -15.57 -5.95 21.68
CA ILE A 96 -15.67 -7.12 22.56
C ILE A 96 -16.81 -7.00 23.55
N ILE A 97 -17.12 -5.78 24.01
CA ILE A 97 -18.06 -5.58 25.10
C ILE A 97 -18.99 -4.42 24.75
N ALA A 98 -20.29 -4.69 24.63
CA ALA A 98 -21.25 -3.68 24.22
C ALA A 98 -22.46 -3.68 25.15
N GLU A 99 -23.33 -2.68 24.96
CA GLU A 99 -24.54 -2.67 25.77
C GLU A 99 -25.63 -3.47 25.08
N PRO A 100 -26.31 -4.38 25.77
CA PRO A 100 -27.31 -5.21 25.11
C PRO A 100 -28.67 -4.52 25.03
N TYR A 101 -29.34 -4.71 23.91
CA TYR A 101 -30.66 -4.12 23.70
C TYR A 101 -31.73 -5.15 24.05
N SER A 102 -32.83 -4.66 24.63
CA SER A 102 -33.99 -5.50 24.83
C SER A 102 -34.73 -5.68 23.51
N SER A 103 -35.22 -6.89 23.26
CA SER A 103 -35.87 -7.18 22.00
C SER A 103 -37.00 -8.17 22.23
N ASN A 104 -37.74 -8.44 21.15
CA ASN A 104 -38.81 -9.44 21.14
C ASN A 104 -38.30 -10.83 20.83
N ARG A 105 -37.00 -11.07 20.95
CA ARG A 105 -36.42 -12.38 20.74
C ARG A 105 -35.86 -13.00 22.01
N ASP A 106 -35.76 -12.24 23.10
CA ASP A 106 -35.23 -12.76 24.35
C ASP A 106 -36.14 -13.86 24.91
N LEU A 107 -35.53 -14.91 25.44
CA LEU A 107 -36.24 -16.03 26.03
C LEU A 107 -35.84 -16.19 27.49
N GLN A 108 -36.85 -16.43 28.33
CA GLN A 108 -36.67 -16.49 29.79
C GLN A 108 -35.94 -15.24 30.30
N LYS A 109 -36.46 -14.07 29.93
CA LYS A 109 -35.83 -12.82 30.33
C LYS A 109 -35.90 -12.61 31.83
N CYS A 110 -37.00 -13.02 32.47
CA CYS A 110 -37.11 -12.85 33.91
C CYS A 110 -36.04 -13.63 34.65
N LEU A 111 -35.79 -14.88 34.25
CA LEU A 111 -34.76 -15.67 34.93
C LEU A 111 -33.39 -15.02 34.81
N LYS A 112 -33.03 -14.58 33.60
CA LYS A 112 -31.75 -13.93 33.39
C LYS A 112 -31.63 -12.65 34.20
N GLU A 113 -32.68 -11.82 34.20
CA GLU A 113 -32.63 -10.57 34.95
C GLU A 113 -32.57 -10.82 36.45
N ARG A 114 -33.29 -11.83 36.94
CA ARG A 114 -33.24 -12.17 38.36
C ARG A 114 -31.85 -12.65 38.76
N GLN A 115 -31.24 -13.49 37.93
CA GLN A 115 -29.88 -13.95 38.22
C GLN A 115 -28.91 -12.76 38.23
N GLN A 116 -28.98 -11.91 37.20
CA GLN A 116 -28.07 -10.77 37.13
C GLN A 116 -28.26 -9.84 38.33
N ALA A 117 -29.50 -9.69 38.80
CA ALA A 117 -29.75 -8.81 39.95
C ALA A 117 -29.25 -9.45 41.23
N LEU A 118 -29.46 -10.75 41.41
CA LEU A 118 -28.96 -11.43 42.60
C LEU A 118 -27.43 -11.44 42.63
N ALA A 119 -26.78 -11.37 41.47
CA ALA A 119 -25.33 -11.34 41.45
C ALA A 119 -24.75 -10.01 41.88
N LYS A 120 -25.57 -8.98 42.04
CA LYS A 120 -25.08 -7.67 42.46
C LYS A 120 -24.72 -7.68 43.95
N LYS A 121 -23.57 -7.08 44.26
CA LYS A 121 -23.11 -6.99 45.65
C LYS A 121 -23.67 -5.72 46.27
N MET A 122 -24.96 -5.78 46.61
CA MET A 122 -25.69 -4.64 47.16
C MET A 122 -26.99 -5.18 47.73
N ILE A 123 -27.68 -4.35 48.51
CA ILE A 123 -28.99 -4.70 49.04
C ILE A 123 -29.92 -3.52 48.91
N GLY A 124 -31.21 -3.82 48.72
CA GLY A 124 -32.21 -2.80 48.49
C GLY A 124 -32.48 -2.51 47.04
N HIS A 125 -32.18 -3.43 46.14
CA HIS A 125 -32.41 -3.24 44.71
C HIS A 125 -33.47 -4.21 44.21
N TYR A 126 -34.09 -3.84 43.10
CA TYR A 126 -35.19 -4.63 42.55
C TYR A 126 -34.68 -5.94 41.96
N ILE A 127 -35.14 -7.05 42.52
CA ILE A 127 -34.85 -8.38 42.03
C ILE A 127 -36.11 -8.92 41.37
N PRO A 128 -36.17 -9.00 40.05
CA PRO A 128 -37.38 -9.46 39.35
C PRO A 128 -37.91 -10.79 39.90
N GLN A 129 -39.21 -10.83 40.16
CA GLN A 129 -39.86 -12.01 40.70
C GLN A 129 -40.37 -12.87 39.57
N CYS A 130 -39.94 -14.13 39.54
CA CYS A 130 -40.33 -15.05 38.49
C CYS A 130 -41.28 -16.10 39.05
N ASP A 131 -42.05 -16.71 38.17
CA ASP A 131 -42.93 -17.80 38.60
C ASP A 131 -42.22 -19.13 38.42
N GLU A 132 -42.97 -20.24 38.40
CA GLU A 132 -42.34 -21.55 38.26
C GLU A 132 -41.73 -21.74 36.87
N LYS A 133 -42.39 -21.22 35.84
CA LYS A 133 -42.07 -21.54 34.46
C LYS A 133 -41.10 -20.55 33.81
N GLY A 134 -40.51 -19.64 34.59
CA GLY A 134 -39.59 -18.68 34.01
C GLY A 134 -40.26 -17.54 33.28
N ASN A 135 -41.46 -17.16 33.71
CA ASN A 135 -42.18 -16.00 33.20
C ASN A 135 -42.28 -14.93 34.29
N TYR A 136 -42.43 -13.69 33.86
CA TYR A 136 -42.61 -12.60 34.81
C TYR A 136 -43.91 -12.76 35.58
N GLN A 137 -43.85 -12.61 36.89
CA GLN A 137 -45.07 -12.48 37.68
C GLN A 137 -45.78 -11.20 37.27
N PRO A 138 -47.09 -11.25 36.95
CA PRO A 138 -47.79 -10.03 36.54
C PRO A 138 -47.58 -8.85 37.46
N GLN A 139 -47.58 -9.06 38.78
CA GLN A 139 -47.26 -8.01 39.73
C GLN A 139 -45.79 -8.11 40.13
N GLN A 140 -45.08 -6.99 40.07
CA GLN A 140 -43.68 -6.90 40.45
C GLN A 140 -43.54 -5.87 41.56
N CYS A 141 -42.82 -6.21 42.62
CA CYS A 141 -42.64 -5.32 43.75
C CYS A 141 -41.17 -5.03 43.99
N HIS A 142 -40.90 -3.84 44.52
CA HIS A 142 -39.58 -3.45 45.00
C HIS A 142 -39.58 -3.62 46.52
N GLY A 143 -38.79 -4.57 47.01
CA GLY A 143 -38.89 -4.95 48.41
C GLY A 143 -38.53 -3.82 49.35
N SER A 144 -37.45 -3.10 49.06
CA SER A 144 -36.93 -2.12 50.01
C SER A 144 -37.82 -0.89 50.09
N THR A 145 -38.55 -0.59 49.03
CA THR A 145 -39.37 0.60 49.01
C THR A 145 -40.86 0.33 49.12
N GLY A 146 -41.29 -0.92 48.99
CA GLY A 146 -42.70 -1.22 49.09
C GLY A 146 -43.53 -0.82 47.88
N HIS A 147 -42.89 -0.34 46.82
CA HIS A 147 -43.60 0.00 45.60
C HIS A 147 -43.86 -1.25 44.77
N CYS A 148 -45.03 -1.30 44.13
CA CYS A 148 -45.40 -2.42 43.27
C CYS A 148 -46.01 -1.86 41.99
N TRP A 149 -46.04 -2.70 40.96
CA TRP A 149 -46.58 -2.30 39.66
C TRP A 149 -46.92 -3.56 38.88
N CYS A 150 -47.48 -3.37 37.70
CA CYS A 150 -47.84 -4.48 36.83
C CYS A 150 -46.91 -4.53 35.63
N VAL A 151 -46.92 -5.68 34.95
CA VAL A 151 -45.87 -5.97 33.98
C VAL A 151 -46.34 -6.94 32.91
N ASN A 152 -46.06 -6.64 31.64
CA ASN A 152 -46.39 -7.57 30.57
C ASN A 152 -45.28 -8.63 30.45
N ALA A 153 -45.49 -9.58 29.54
CA ALA A 153 -44.64 -10.77 29.49
C ALA A 153 -43.16 -10.44 29.43
N MET A 154 -42.80 -9.36 28.74
CA MET A 154 -41.40 -8.99 28.55
C MET A 154 -40.85 -8.10 29.67
N GLY A 155 -41.60 -7.92 30.75
CA GLY A 155 -41.11 -7.20 31.91
C GLY A 155 -41.39 -5.72 31.94
N GLU A 156 -41.97 -5.15 30.89
CA GLU A 156 -42.21 -3.71 30.85
C GLU A 156 -43.33 -3.32 31.82
N LYS A 157 -43.16 -2.17 32.47
CA LYS A 157 -44.15 -1.67 33.41
C LYS A 157 -45.37 -1.15 32.66
N ILE A 158 -46.54 -1.69 32.98
CA ILE A 158 -47.79 -1.15 32.46
C ILE A 158 -47.94 0.28 32.99
N SER A 159 -48.06 1.23 32.06
CA SER A 159 -48.01 2.64 32.43
C SER A 159 -49.10 3.00 33.42
N GLY A 160 -48.71 3.68 34.50
CA GLY A 160 -49.64 4.16 35.50
C GLY A 160 -49.89 3.24 36.67
N THR A 161 -49.32 2.03 36.66
CA THR A 161 -49.63 1.05 37.70
C THR A 161 -48.68 1.09 38.89
N ASN A 162 -47.72 1.99 38.92
CA ASN A 162 -46.84 2.12 40.08
C ASN A 162 -47.62 2.61 41.28
N THR A 163 -47.63 1.82 42.35
CA THR A 163 -48.35 2.15 43.57
C THR A 163 -47.39 2.19 44.76
N PRO A 164 -47.47 3.20 45.62
CA PRO A 164 -46.63 3.24 46.81
C PRO A 164 -47.22 2.38 47.92
N PRO A 165 -46.43 2.02 48.93
CA PRO A 165 -46.99 1.25 50.05
C PRO A 165 -48.04 2.05 50.80
N GLY A 166 -48.96 1.32 51.45
CA GLY A 166 -50.08 1.94 52.13
C GLY A 166 -51.22 2.37 51.22
N GLN A 167 -51.13 2.09 49.93
CA GLN A 167 -52.14 2.47 48.95
C GLN A 167 -52.56 1.23 48.18
N THR A 168 -53.84 1.18 47.81
CA THR A 168 -54.39 0.04 47.07
C THR A 168 -53.55 -0.28 45.84
N ARG A 169 -53.08 -1.53 45.76
CA ARG A 169 -52.30 -1.95 44.60
C ARG A 169 -53.19 -2.03 43.37
N ALA A 170 -52.59 -1.71 42.22
CA ALA A 170 -53.26 -1.93 40.95
C ALA A 170 -53.34 -3.42 40.66
N THR A 171 -54.55 -3.90 40.40
CA THR A 171 -54.74 -5.29 40.04
C THR A 171 -54.11 -5.56 38.68
N CYS A 172 -53.29 -6.61 38.61
CA CYS A 172 -52.46 -6.88 37.45
C CYS A 172 -53.09 -8.00 36.63
N GLU A 173 -53.45 -7.69 35.39
CA GLU A 173 -53.83 -8.71 34.43
C GLU A 173 -52.59 -9.44 33.93
N ARG A 174 -52.82 -10.45 33.10
CA ARG A 174 -51.75 -11.25 32.50
C ARG A 174 -51.66 -10.87 31.02
N HIS A 175 -50.74 -9.94 30.72
CA HIS A 175 -50.52 -9.46 29.35
C HIS A 175 -49.35 -10.23 28.74
N GLU A 176 -49.64 -11.46 28.28
CA GLU A 176 -48.62 -12.27 27.62
C GLU A 176 -49.10 -12.89 26.32
N LEU A 177 -50.20 -12.43 25.74
CA LEU A 177 -50.68 -12.96 24.47
C LEU A 177 -50.07 -12.15 23.34
N PRO A 178 -49.27 -12.75 22.46
CA PRO A 178 -48.66 -11.98 21.37
C PRO A 178 -49.69 -11.60 20.31
N LYS A 179 -49.34 -10.55 19.56
CA LYS A 179 -50.27 -10.02 18.56
C LYS A 179 -50.48 -10.98 17.40
N CYS A 180 -49.47 -11.78 17.05
CA CYS A 180 -49.61 -12.72 15.94
C CYS A 180 -50.65 -13.80 16.28
N LEU A 181 -50.59 -14.34 17.49
CA LEU A 181 -51.57 -15.34 17.91
C LEU A 181 -52.94 -14.70 18.14
N LYS A 182 -52.97 -13.45 18.60
CA LYS A 182 -54.24 -12.76 18.75
C LYS A 182 -54.89 -12.50 17.39
N GLU A 183 -54.08 -12.39 16.34
CA GLU A 183 -54.62 -12.21 14.99
C GLU A 183 -54.97 -13.55 14.34
N ARG A 184 -54.26 -14.63 14.69
CA ARG A 184 -54.62 -15.94 14.16
C ARG A 184 -56.02 -16.35 14.61
N GLN A 185 -56.34 -16.11 15.87
CA GLN A 185 -57.72 -16.25 16.33
C GLN A 185 -58.56 -15.11 15.74
N VAL A 186 -59.87 -15.20 15.97
CA VAL A 186 -60.83 -14.29 15.35
C VAL A 186 -60.64 -14.36 13.84
N ALA A 187 -60.38 -15.56 13.34
CA ALA A 187 -60.13 -15.77 11.92
C ALA A 187 -60.26 -17.25 11.57
N PHE A 198 -57.76 -14.17 6.14
CA PHE A 198 -56.30 -14.22 6.18
C PHE A 198 -55.80 -14.71 7.53
N VAL A 199 -55.01 -15.79 7.51
CA VAL A 199 -54.46 -16.39 8.72
C VAL A 199 -52.94 -16.31 8.67
N PRO A 200 -52.31 -15.47 9.48
CA PRO A 200 -50.85 -15.33 9.41
C PRO A 200 -50.13 -16.56 9.92
N GLN A 201 -48.83 -16.60 9.65
CA GLN A 201 -47.94 -17.66 10.14
C GLN A 201 -47.03 -17.08 11.21
N CYS A 202 -46.98 -17.73 12.37
CA CYS A 202 -46.13 -17.31 13.47
C CYS A 202 -45.13 -18.42 13.79
N ASP A 203 -44.12 -18.08 14.59
CA ASP A 203 -43.07 -19.03 14.95
C ASP A 203 -43.43 -19.70 16.29
N GLU A 204 -42.44 -20.38 16.88
CA GLU A 204 -42.70 -21.12 18.11
C GLU A 204 -42.95 -20.19 19.28
N LYS A 205 -42.22 -19.08 19.36
CA LYS A 205 -42.47 -18.10 20.41
C LYS A 205 -43.70 -17.26 20.13
N GLY A 206 -44.03 -17.03 18.87
CA GLY A 206 -45.27 -16.34 18.55
C GLY A 206 -45.10 -15.04 17.80
N ASN A 207 -43.89 -14.76 17.33
CA ASN A 207 -43.63 -13.55 16.58
C ASN A 207 -44.13 -13.72 15.14
N TYR A 208 -43.99 -12.65 14.35
CA TYR A 208 -44.42 -12.66 12.96
C TYR A 208 -43.34 -13.24 12.06
N GLU A 209 -43.71 -14.22 11.24
CA GLU A 209 -42.80 -14.71 10.21
C GLU A 209 -42.65 -13.63 9.14
N PRO A 210 -41.42 -13.32 8.71
CA PRO A 210 -41.23 -12.21 7.77
C PRO A 210 -41.98 -12.38 6.45
N GLN A 211 -42.14 -13.61 5.97
CA GLN A 211 -42.85 -13.89 4.72
C GLN A 211 -44.27 -14.31 5.03
N GLN A 212 -45.24 -13.61 4.43
CA GLN A 212 -46.66 -13.92 4.62
C GLN A 212 -47.27 -14.36 3.30
N PHE A 213 -48.08 -15.40 3.38
CA PHE A 213 -48.67 -16.07 2.21
C PHE A 213 -50.16 -16.26 2.46
N HIS A 214 -50.99 -15.68 1.61
CA HIS A 214 -52.43 -15.75 1.76
C HIS A 214 -52.97 -17.04 1.15
N GLY A 215 -53.86 -17.70 1.89
CA GLY A 215 -54.43 -18.96 1.45
C GLY A 215 -55.63 -18.80 0.55
N SER A 216 -56.39 -17.72 0.74
CA SER A 216 -57.58 -17.48 -0.07
C SER A 216 -57.20 -16.96 -1.46
N THR A 217 -56.48 -15.85 -1.52
CA THR A 217 -55.96 -15.30 -2.76
C THR A 217 -54.46 -15.56 -2.78
N GLY A 218 -54.01 -16.45 -3.67
CA GLY A 218 -52.60 -16.76 -3.80
C GLY A 218 -51.75 -15.52 -3.96
N TYR A 219 -51.02 -15.16 -2.90
CA TYR A 219 -50.21 -13.95 -2.89
C TYR A 219 -49.04 -14.16 -1.94
N SER A 220 -48.13 -13.18 -1.92
CA SER A 220 -46.98 -13.25 -1.03
C SER A 220 -46.47 -11.84 -0.78
N TRP A 221 -46.19 -11.52 0.48
CA TRP A 221 -45.62 -10.23 0.81
C TRP A 221 -44.73 -10.35 2.03
N CYS A 222 -44.07 -9.25 2.36
CA CYS A 222 -43.23 -9.15 3.55
C CYS A 222 -43.91 -8.26 4.58
N VAL A 223 -43.58 -8.49 5.85
CA VAL A 223 -44.24 -7.80 6.95
C VAL A 223 -43.19 -7.25 7.91
N ASN A 224 -43.66 -6.40 8.83
CA ASN A 224 -42.81 -5.73 9.79
C ASN A 224 -42.54 -6.65 10.98
N ALA A 225 -41.88 -6.13 12.02
CA ALA A 225 -41.71 -6.91 13.23
C ALA A 225 -43.02 -7.04 14.01
N ILE A 226 -44.03 -6.23 13.68
CA ILE A 226 -45.30 -6.23 14.36
C ILE A 226 -46.46 -6.60 13.43
N GLY A 227 -46.16 -6.95 12.17
CA GLY A 227 -47.17 -7.43 11.25
C GLY A 227 -47.55 -6.46 10.16
N GLU A 228 -47.09 -5.22 10.22
CA GLU A 228 -47.40 -4.25 9.18
C GLU A 228 -46.81 -4.70 7.85
N GLU A 229 -47.62 -4.65 6.80
CA GLU A 229 -47.14 -4.99 5.46
C GLU A 229 -46.26 -3.86 4.93
N ILE A 230 -45.01 -4.18 4.61
CA ILE A 230 -44.10 -3.20 4.04
C ILE A 230 -44.39 -3.06 2.55
N ALA A 231 -44.51 -1.81 2.10
CA ALA A 231 -44.96 -1.52 0.74
C ALA A 231 -43.95 -2.03 -0.29
N GLY A 232 -44.46 -2.28 -1.50
CA GLY A 232 -43.62 -2.73 -2.59
C GLY A 232 -43.22 -4.17 -2.53
N THR A 233 -43.91 -5.00 -1.74
CA THR A 233 -43.58 -6.40 -1.61
C THR A 233 -44.73 -7.34 -1.99
N LYS A 234 -45.93 -6.82 -2.24
CA LYS A 234 -47.06 -7.67 -2.58
C LYS A 234 -46.84 -8.28 -3.96
N THR A 235 -47.06 -9.58 -4.07
CA THR A 235 -46.77 -10.30 -5.30
C THR A 235 -47.89 -11.25 -5.68
N PRO A 236 -48.52 -11.06 -6.83
CA PRO A 236 -49.52 -12.01 -7.32
C PRO A 236 -48.90 -13.38 -7.55
N PRO A 237 -49.70 -14.44 -7.66
CA PRO A 237 -49.14 -15.79 -7.73
C PRO A 237 -48.52 -16.05 -9.09
N GLY A 238 -47.71 -17.11 -9.16
CA GLY A 238 -47.01 -17.43 -10.39
C GLY A 238 -45.74 -16.63 -10.57
N LYS A 239 -45.71 -15.44 -9.97
CA LYS A 239 -44.52 -14.60 -9.98
C LYS A 239 -43.66 -14.91 -8.77
N ILE A 240 -42.35 -14.81 -8.95
CA ILE A 240 -41.43 -15.02 -7.83
C ILE A 240 -41.74 -14.03 -6.72
N PRO A 241 -41.70 -14.43 -5.45
CA PRO A 241 -41.97 -13.48 -4.37
C PRO A 241 -40.74 -12.68 -3.98
N ALA A 242 -40.98 -11.56 -3.32
CA ALA A 242 -39.90 -10.72 -2.85
C ALA A 242 -39.14 -11.42 -1.72
N THR A 243 -37.82 -11.26 -1.72
CA THR A 243 -37.00 -11.83 -0.65
C THR A 243 -37.19 -11.00 0.61
N CYS A 244 -37.80 -11.60 1.63
CA CYS A 244 -38.12 -10.88 2.86
C CYS A 244 -36.98 -10.99 3.87
N GLN A 245 -36.79 -9.93 4.63
CA GLN A 245 -35.71 -9.84 5.61
C GLN A 245 -36.27 -9.91 7.02
N LYS A 246 -35.48 -10.47 7.93
CA LYS A 246 -35.91 -10.67 9.31
C LYS A 246 -35.94 -9.34 10.07
N HIS A 247 -36.90 -9.23 10.99
CA HIS A 247 -37.07 -8.02 11.79
C HIS A 247 -37.08 -8.37 13.26
N ASP A 248 -36.33 -7.60 14.05
CA ASP A 248 -36.35 -7.68 15.51
C ASP A 248 -36.84 -6.34 16.05
N LEU A 249 -37.83 -6.39 16.93
CA LEU A 249 -38.33 -5.18 17.56
C LEU A 249 -37.48 -4.89 18.80
N VAL A 250 -36.93 -3.68 18.88
CA VAL A 250 -36.06 -3.30 19.98
C VAL A 250 -36.57 -2.00 20.57
N THR A 251 -36.03 -1.65 21.74
CA THR A 251 -36.46 -0.48 22.49
C THR A 251 -35.27 0.40 22.83
N THR A 252 -35.57 1.59 23.34
CA THR A 252 -34.57 2.54 23.83
C THR A 252 -33.51 2.85 22.77
N CYS A 253 -33.98 3.23 21.58
CA CYS A 253 -33.08 3.62 20.51
C CYS A 253 -32.65 5.07 20.65
N HIS A 254 -31.46 5.36 20.15
CA HIS A 254 -30.91 6.71 20.13
C HIS A 254 -30.74 7.17 18.70
N TYR A 255 -30.77 8.48 18.50
CA TYR A 255 -30.85 9.05 17.17
C TYR A 255 -29.86 10.20 17.03
N ALA A 256 -29.49 10.46 15.77
CA ALA A 256 -28.71 11.64 15.42
C ALA A 256 -29.66 12.77 15.07
N VAL A 257 -29.47 13.94 15.70
CA VAL A 257 -30.36 15.07 15.53
C VAL A 257 -29.57 16.33 15.25
N ALA A 258 -30.22 17.27 14.60
CA ALA A 258 -29.73 18.62 14.41
C ALA A 258 -30.56 19.57 15.26
N MET A 259 -29.89 20.33 16.12
CA MET A 259 -30.53 21.21 17.09
C MET A 259 -30.25 22.66 16.73
N VAL A 260 -31.28 23.50 16.80
CA VAL A 260 -31.16 24.92 16.48
C VAL A 260 -31.91 25.74 17.53
N LYS A 261 -31.38 26.91 17.84
CA LYS A 261 -32.11 27.85 18.70
C LYS A 261 -33.40 28.28 18.00
N LYS A 262 -34.44 28.51 18.79
CA LYS A 262 -35.71 28.92 18.22
C LYS A 262 -35.65 30.31 17.60
N SER A 263 -34.66 31.12 18.00
CA SER A 263 -34.57 32.47 17.46
C SER A 263 -34.15 32.49 16.00
N SER A 264 -33.40 31.48 15.55
CA SER A 264 -33.01 31.41 14.15
C SER A 264 -34.18 30.96 13.29
N ALA A 265 -34.06 31.20 11.97
CA ALA A 265 -35.18 30.99 11.07
C ALA A 265 -34.82 30.21 9.81
N PHE A 266 -33.64 29.58 9.76
CA PHE A 266 -33.27 28.81 8.58
C PHE A 266 -33.74 27.37 8.70
N GLN A 267 -33.87 26.71 7.55
CA GLN A 267 -34.28 25.31 7.50
C GLN A 267 -33.09 24.43 7.08
N PHE A 268 -33.39 23.19 6.70
CA PHE A 268 -32.32 22.20 6.49
C PHE A 268 -31.55 22.45 5.21
N ASN A 269 -32.23 22.71 4.10
CA ASN A 269 -31.55 22.94 2.85
C ASN A 269 -30.92 24.33 2.75
N GLN A 270 -30.93 25.09 3.85
CA GLN A 270 -30.23 26.37 3.92
C GLN A 270 -29.01 26.28 4.82
N LEU A 271 -28.54 25.07 5.11
CA LEU A 271 -27.37 24.88 5.96
C LEU A 271 -26.10 25.39 5.31
N LYS A 272 -26.08 25.49 3.99
CA LYS A 272 -24.86 25.88 3.29
C LYS A 272 -24.46 27.30 3.67
N GLY A 273 -23.25 27.45 4.19
CA GLY A 273 -22.77 28.73 4.66
C GLY A 273 -23.01 29.00 6.13
N LYS A 274 -23.75 28.13 6.81
CA LYS A 274 -24.04 28.33 8.21
C LYS A 274 -22.89 27.85 9.08
N ARG A 275 -22.88 28.31 10.32
CA ARG A 275 -21.88 27.89 11.30
C ARG A 275 -22.41 26.70 12.08
N SER A 276 -21.64 25.62 12.11
CA SER A 276 -22.09 24.37 12.71
C SER A 276 -21.19 23.96 13.86
N CYS A 277 -21.79 23.26 14.82
CA CYS A 277 -21.10 22.60 15.92
C CYS A 277 -21.34 21.11 15.79
N HIS A 278 -20.29 20.32 15.91
CA HIS A 278 -20.40 18.88 15.80
C HIS A 278 -19.82 18.23 17.04
N SER A 279 -20.23 16.99 17.28
CA SER A 279 -19.70 16.26 18.42
C SER A 279 -18.28 15.78 18.14
N GLY A 280 -18.02 15.33 16.91
CA GLY A 280 -16.73 14.85 16.51
C GLY A 280 -16.68 14.45 15.05
N VAL A 281 -15.51 14.58 14.44
CA VAL A 281 -15.39 14.32 13.00
C VAL A 281 -15.59 12.84 12.66
N SER A 282 -15.49 11.96 13.65
CA SER A 282 -15.59 10.53 13.39
C SER A 282 -16.81 9.88 14.02
N LYS A 283 -17.67 10.66 14.66
CA LYS A 283 -18.87 10.12 15.30
C LYS A 283 -20.00 10.00 14.29
N THR A 284 -20.88 9.02 14.50
CA THR A 284 -22.06 8.89 13.65
C THR A 284 -23.03 10.03 13.91
N ASP A 285 -23.28 10.34 15.19
CA ASP A 285 -24.19 11.41 15.56
C ASP A 285 -23.65 12.80 15.26
N GLY A 286 -22.37 12.92 14.88
CA GLY A 286 -21.80 14.22 14.63
C GLY A 286 -21.39 14.48 13.19
N TRP A 287 -21.29 13.44 12.37
CA TRP A 287 -20.69 13.62 11.06
C TRP A 287 -21.26 12.69 9.98
N LYS A 288 -21.31 11.39 10.25
CA LYS A 288 -21.53 10.44 9.17
C LYS A 288 -22.98 10.43 8.71
N ALA A 289 -23.92 10.39 9.66
CA ALA A 289 -25.33 10.43 9.32
C ALA A 289 -25.68 11.73 8.58
N LEU A 290 -25.14 12.85 9.06
CA LEU A 290 -25.36 14.13 8.38
C LEU A 290 -24.85 14.10 6.95
N VAL A 291 -23.69 13.48 6.72
CA VAL A 291 -23.12 13.42 5.38
C VAL A 291 -24.00 12.56 4.48
N THR A 292 -24.45 11.41 4.99
CA THR A 292 -25.32 10.56 4.17
C THR A 292 -26.59 11.29 3.79
N VAL A 293 -27.17 12.03 4.74
CA VAL A 293 -28.39 12.78 4.46
C VAL A 293 -28.13 13.86 3.42
N LEU A 294 -27.04 14.64 3.60
CA LEU A 294 -26.72 15.70 2.65
C LEU A 294 -26.54 15.14 1.24
N VAL A 295 -25.91 13.98 1.13
CA VAL A 295 -25.72 13.37 -0.20
C VAL A 295 -27.06 12.93 -0.77
N GLU A 296 -27.87 12.23 0.02
CA GLU A 296 -29.17 11.79 -0.49
C GLU A 296 -30.07 12.97 -0.83
N LYS A 297 -29.96 14.07 -0.09
CA LYS A 297 -30.78 15.25 -0.31
C LYS A 297 -30.24 16.16 -1.41
N LYS A 298 -29.17 15.72 -2.09
CA LYS A 298 -28.55 16.47 -3.19
C LYS A 298 -28.03 17.84 -2.74
N LEU A 299 -27.66 17.96 -1.46
CA LEU A 299 -27.25 19.24 -0.92
C LEU A 299 -25.75 19.43 -0.93
N LEU A 300 -24.98 18.36 -0.78
CA LEU A 300 -23.53 18.46 -0.65
C LEU A 300 -22.88 18.27 -2.01
N SER A 301 -22.21 19.32 -2.49
CA SER A 301 -21.50 19.27 -3.76
C SER A 301 -20.31 18.34 -3.64
N TRP A 302 -20.50 17.10 -4.09
CA TRP A 302 -19.47 16.06 -4.02
C TRP A 302 -19.96 14.80 -4.71
N ASP A 303 -19.08 14.10 -5.42
CA ASP A 303 -19.47 12.95 -6.22
C ASP A 303 -18.95 11.63 -5.67
N GLY A 304 -17.64 11.54 -5.39
CA GLY A 304 -17.05 10.30 -4.92
C GLY A 304 -15.86 10.52 -4.02
N PRO A 305 -15.62 9.57 -3.10
CA PRO A 305 -14.53 9.73 -2.12
C PRO A 305 -13.15 9.37 -2.66
N ALA A 306 -13.03 8.96 -3.92
CA ALA A 306 -11.74 8.64 -4.50
C ALA A 306 -11.00 9.85 -5.04
N LYS A 307 -11.73 10.90 -5.43
CA LYS A 307 -11.15 12.09 -6.03
C LYS A 307 -11.13 13.29 -5.10
N GLU A 308 -11.82 13.22 -3.96
CA GLU A 308 -11.88 14.32 -3.00
C GLU A 308 -12.38 13.83 -1.63
N SER A 309 -11.67 14.17 -0.56
CA SER A 309 -12.09 13.71 0.76
C SER A 309 -13.39 14.40 1.17
N ILE A 310 -14.08 13.78 2.12
CA ILE A 310 -15.34 14.34 2.62
C ILE A 310 -15.08 15.69 3.27
N GLN A 311 -13.96 15.82 3.99
CA GLN A 311 -13.68 17.05 4.70
C GLN A 311 -13.52 18.24 3.76
N ARG A 312 -12.99 18.03 2.56
CA ARG A 312 -12.90 19.13 1.60
C ARG A 312 -14.29 19.65 1.26
N ALA A 313 -15.19 18.76 0.87
CA ALA A 313 -16.53 19.18 0.49
C ALA A 313 -17.25 19.85 1.66
N MET A 314 -17.10 19.28 2.86
CA MET A 314 -17.76 19.86 4.02
C MET A 314 -17.17 21.23 4.35
N SER A 315 -15.85 21.38 4.23
CA SER A 315 -15.23 22.68 4.47
C SER A 315 -15.72 23.72 3.48
N LYS A 316 -16.00 23.29 2.24
CA LYS A 316 -16.62 24.20 1.28
C LYS A 316 -18.11 24.37 1.52
N PHE A 317 -18.73 23.53 2.34
CA PHE A 317 -20.16 23.60 2.61
C PHE A 317 -20.48 24.56 3.76
N PHE A 318 -19.73 24.47 4.86
CA PHE A 318 -19.93 25.37 5.99
C PHE A 318 -18.96 26.54 5.90
N SER A 319 -19.33 27.64 6.57
CA SER A 319 -18.45 28.80 6.64
C SER A 319 -17.37 28.59 7.70
N VAL A 320 -17.75 28.61 8.97
CA VAL A 320 -16.87 28.28 10.07
C VAL A 320 -17.59 27.29 10.98
N SER A 321 -16.81 26.39 11.59
CA SER A 321 -17.39 25.34 12.41
C SER A 321 -16.38 24.90 13.46
N CYS A 322 -16.86 24.08 14.39
CA CYS A 322 -16.01 23.39 15.36
C CYS A 322 -16.34 21.90 15.25
N ILE A 323 -15.51 21.17 14.52
CA ILE A 323 -15.68 19.74 14.31
C ILE A 323 -14.44 19.04 14.85
N PRO A 324 -14.49 18.54 16.08
CA PRO A 324 -13.27 18.02 16.72
C PRO A 324 -12.64 16.89 15.91
N GLY A 325 -11.32 17.00 15.70
CA GLY A 325 -10.58 16.03 14.93
C GLY A 325 -10.44 16.34 13.46
N ALA A 326 -11.00 17.44 12.98
CA ALA A 326 -10.95 17.77 11.56
C ALA A 326 -9.58 18.32 11.17
N THR A 327 -9.22 18.12 9.90
CA THR A 327 -7.93 18.55 9.38
C THR A 327 -8.04 19.80 8.49
N GLN A 328 -9.24 20.33 8.30
CA GLN A 328 -9.44 21.57 7.58
C GLN A 328 -9.50 22.73 8.57
N THR A 329 -8.84 23.83 8.22
CA THR A 329 -8.67 24.94 9.16
C THR A 329 -10.02 25.55 9.54
N ASN A 330 -10.90 25.79 8.57
CA ASN A 330 -12.15 26.48 8.87
C ASN A 330 -13.09 25.61 9.71
N LEU A 331 -12.98 24.30 9.62
CA LEU A 331 -13.78 23.40 10.43
C LEU A 331 -13.33 23.35 11.88
N CYS A 332 -12.32 24.14 12.25
CA CYS A 332 -11.85 24.22 13.63
C CYS A 332 -11.83 25.64 14.16
N LYS A 333 -12.26 26.63 13.38
CA LYS A 333 -12.15 28.02 13.79
C LYS A 333 -12.96 28.29 15.05
N GLN A 334 -14.16 27.70 15.15
CA GLN A 334 -15.07 28.00 16.24
C GLN A 334 -14.73 27.27 17.53
N CYS A 335 -13.78 26.34 17.51
CA CYS A 335 -13.43 25.60 18.72
C CYS A 335 -12.72 26.52 19.72
N LYS A 336 -12.74 26.10 21.00
CA LYS A 336 -12.20 26.91 22.08
C LYS A 336 -11.16 26.16 22.91
N GLY A 337 -10.50 25.16 22.33
CA GLY A 337 -9.40 24.50 23.01
C GLY A 337 -8.15 25.37 23.01
N GLU A 338 -7.32 25.17 24.04
CA GLU A 338 -6.09 25.94 24.17
C GLU A 338 -5.09 25.51 23.10
N GLU A 339 -3.95 26.21 23.08
CA GLU A 339 -2.90 25.94 22.09
C GLU A 339 -2.43 24.49 22.20
N GLY A 340 -2.57 23.74 21.12
CA GLY A 340 -2.28 22.33 21.12
C GLY A 340 -3.47 21.46 21.49
N LYS A 341 -4.33 21.94 22.39
CA LYS A 341 -5.57 21.26 22.75
C LYS A 341 -6.73 21.65 21.84
N ASN A 342 -6.51 22.54 20.88
CA ASN A 342 -7.60 23.08 20.07
C ASN A 342 -8.07 22.05 19.05
N CYS A 343 -9.39 21.84 19.00
CA CYS A 343 -10.05 21.01 17.99
C CYS A 343 -9.63 19.54 18.06
N LYS A 344 -9.14 19.08 19.21
CA LYS A 344 -8.79 17.67 19.31
C LYS A 344 -10.03 16.83 19.61
N ASN A 345 -9.97 15.56 19.22
CA ASN A 345 -10.98 14.61 19.65
C ASN A 345 -10.79 14.29 21.13
N SER A 346 -11.10 15.25 22.00
CA SER A 346 -10.80 15.12 23.42
C SER A 346 -11.60 16.15 24.20
N HIS A 347 -11.98 15.77 25.43
CA HIS A 347 -12.66 16.70 26.33
C HIS A 347 -11.78 17.88 26.71
N ASP A 348 -10.48 17.82 26.44
CA ASP A 348 -9.64 19.00 26.58
C ASP A 348 -10.14 20.12 25.68
N GLU A 349 -10.71 19.76 24.54
CA GLU A 349 -11.48 20.71 23.74
C GLU A 349 -12.86 20.87 24.38
N PRO A 350 -13.21 22.06 24.86
CA PRO A 350 -14.50 22.21 25.55
C PRO A 350 -15.72 21.96 24.67
N TYR A 351 -15.59 22.07 23.35
CA TYR A 351 -16.71 21.85 22.45
C TYR A 351 -16.76 20.43 21.90
N TYR A 352 -16.07 19.48 22.53
CA TYR A 352 -16.02 18.11 22.06
C TYR A 352 -17.18 17.32 22.66
N GLY A 353 -17.73 16.39 21.85
CA GLY A 353 -18.79 15.52 22.32
C GLY A 353 -20.16 16.12 22.13
N ASN A 354 -21.18 15.34 22.53
CA ASN A 354 -22.55 15.82 22.43
C ASN A 354 -22.74 17.09 23.26
N TYR A 355 -22.35 17.05 24.52
CA TYR A 355 -22.54 18.20 25.38
C TYR A 355 -21.61 19.34 24.99
N GLY A 356 -20.45 19.03 24.43
CA GLY A 356 -19.58 20.07 23.90
C GLY A 356 -20.20 20.81 22.71
N ALA A 357 -20.84 20.06 21.81
CA ALA A 357 -21.52 20.70 20.69
C ALA A 357 -22.72 21.51 21.15
N PHE A 358 -23.44 21.01 22.16
CA PHE A 358 -24.54 21.79 22.72
C PHE A 358 -24.03 23.09 23.34
N ARG A 359 -22.90 23.03 24.07
CA ARG A 359 -22.32 24.24 24.61
C ARG A 359 -21.85 25.19 23.51
N CYS A 360 -21.37 24.64 22.39
CA CYS A 360 -21.01 25.47 21.25
C CYS A 360 -22.22 26.19 20.68
N LEU A 361 -23.35 25.51 20.59
CA LEU A 361 -24.56 26.15 20.08
C LEU A 361 -25.10 27.19 21.07
N LYS A 362 -25.04 26.90 22.37
CA LYS A 362 -25.58 27.80 23.37
C LYS A 362 -24.84 29.13 23.38
N GLU A 363 -23.50 29.07 23.35
CA GLU A 363 -22.67 30.26 23.38
C GLU A 363 -22.60 30.96 22.02
N ASP A 364 -23.44 30.55 21.06
CA ASP A 364 -23.57 31.21 19.76
C ASP A 364 -22.27 31.16 18.97
N MET A 365 -21.50 30.09 19.12
CA MET A 365 -20.40 29.81 18.22
C MET A 365 -20.84 28.99 17.02
N GLY A 366 -22.10 28.56 17.00
CA GLY A 366 -22.66 27.84 15.87
C GLY A 366 -24.13 28.15 15.73
N ASP A 367 -24.67 27.83 14.56
CA ASP A 367 -26.09 28.00 14.28
C ASP A 367 -26.88 26.71 14.40
N VAL A 368 -26.23 25.57 14.20
CA VAL A 368 -26.86 24.27 14.34
C VAL A 368 -25.84 23.33 14.97
N ALA A 369 -26.31 22.48 15.86
CA ALA A 369 -25.46 21.49 16.51
C ALA A 369 -25.92 20.09 16.12
N PHE A 370 -24.99 19.26 15.68
CA PHE A 370 -25.29 17.90 15.29
C PHE A 370 -24.84 16.96 16.40
N LEU A 371 -25.79 16.31 17.07
CA LEU A 371 -25.43 15.49 18.23
C LEU A 371 -26.43 14.35 18.37
N ARG A 372 -26.41 13.71 19.53
CA ARG A 372 -27.24 12.54 19.79
C ARG A 372 -28.41 12.91 20.68
N SER A 373 -29.48 12.11 20.59
CA SER A 373 -30.69 12.36 21.34
C SER A 373 -30.53 12.11 22.85
N THR A 374 -29.34 11.76 23.32
CA THR A 374 -29.13 11.57 24.75
C THR A 374 -28.98 12.90 25.48
N ALA A 375 -28.37 13.88 24.82
CA ALA A 375 -28.23 15.21 25.41
C ALA A 375 -29.53 16.00 25.42
N LEU A 376 -30.62 15.43 24.89
CA LEU A 376 -31.91 16.12 24.93
C LEU A 376 -32.45 16.19 26.35
N SER A 377 -33.04 17.32 26.69
CA SER A 377 -33.66 17.52 27.98
C SER A 377 -34.80 18.50 27.82
N ASP A 378 -35.76 18.43 28.76
CA ASP A 378 -36.89 19.36 28.72
C ASP A 378 -36.52 20.75 29.23
N GLU A 379 -35.43 20.86 30.01
CA GLU A 379 -34.94 22.18 30.42
C GLU A 379 -34.52 23.02 29.23
N HIS A 380 -34.29 22.40 28.08
CA HIS A 380 -33.87 23.09 26.87
C HIS A 380 -35.01 23.31 25.89
N SER A 381 -36.17 22.72 26.11
CA SER A 381 -37.28 22.82 25.18
C SER A 381 -37.85 24.23 25.07
N GLU A 382 -37.37 25.18 25.89
CA GLU A 382 -37.82 26.56 25.78
C GLU A 382 -37.06 27.31 24.68
N VAL A 383 -35.73 27.22 24.69
CA VAL A 383 -34.93 27.97 23.73
C VAL A 383 -34.63 27.16 22.47
N TYR A 384 -34.62 25.84 22.56
CA TYR A 384 -34.10 25.01 21.48
C TYR A 384 -35.20 24.18 20.83
N GLU A 385 -35.03 23.94 19.53
CA GLU A 385 -35.91 23.07 18.76
C GLU A 385 -35.05 22.23 17.82
N LEU A 386 -35.68 21.28 17.15
CA LEU A 386 -34.98 20.41 16.23
C LEU A 386 -35.10 20.95 14.80
N LEU A 387 -34.29 20.38 13.91
CA LEU A 387 -34.22 20.81 12.51
C LEU A 387 -34.29 19.56 11.64
N CYS A 388 -35.47 19.29 11.08
CA CYS A 388 -35.73 18.02 10.40
C CYS A 388 -35.24 18.06 8.96
N PRO A 389 -34.86 16.90 8.40
CA PRO A 389 -34.42 16.87 7.00
C PRO A 389 -35.53 17.10 6.00
N ASP A 390 -36.79 17.17 6.44
CA ASP A 390 -37.91 17.56 5.60
C ASP A 390 -38.07 19.07 5.48
N ASN A 391 -37.03 19.82 5.85
CA ASN A 391 -37.04 21.28 5.81
C ASN A 391 -38.14 21.85 6.69
N THR A 392 -38.31 21.28 7.87
CA THR A 392 -39.27 21.75 8.87
C THR A 392 -38.61 21.71 10.24
N ARG A 393 -39.21 22.40 11.19
CA ARG A 393 -38.75 22.41 12.56
C ARG A 393 -39.81 21.80 13.48
N LYS A 394 -39.36 21.11 14.52
CA LYS A 394 -40.24 20.43 15.46
C LYS A 394 -39.61 20.52 16.84
N PRO A 395 -40.42 20.41 17.90
CA PRO A 395 -39.87 20.43 19.26
C PRO A 395 -39.01 19.21 19.53
N LEU A 396 -38.27 19.29 20.64
CA LEU A 396 -37.34 18.23 21.00
C LEU A 396 -38.05 16.89 21.16
N ASN A 397 -39.23 16.90 21.79
CA ASN A 397 -39.91 15.66 22.17
C ASN A 397 -40.25 14.79 20.97
N LYS A 398 -40.26 15.33 19.75
CA LYS A 398 -40.52 14.54 18.56
C LYS A 398 -39.24 14.07 17.87
N TYR A 399 -38.17 13.89 18.64
CA TYR A 399 -36.90 13.45 18.05
C TYR A 399 -37.02 12.10 17.36
N LYS A 400 -38.04 11.29 17.70
CA LYS A 400 -38.22 10.01 17.03
C LYS A 400 -38.61 10.18 15.57
N GLU A 401 -39.21 11.31 15.21
CA GLU A 401 -39.68 11.52 13.84
C GLU A 401 -38.99 12.69 13.16
N CYS A 402 -37.93 13.23 13.75
CA CYS A 402 -37.20 14.39 13.22
C CYS A 402 -35.72 14.15 13.51
N ASN A 403 -35.12 13.22 12.76
CA ASN A 403 -33.75 12.80 13.03
C ASN A 403 -33.03 12.50 11.73
N LEU A 404 -31.74 12.21 11.86
CA LEU A 404 -30.88 11.89 10.74
C LEU A 404 -30.53 10.41 10.66
N GLY A 405 -30.98 9.62 11.62
CA GLY A 405 -30.78 8.19 11.60
C GLY A 405 -30.64 7.64 13.01
N THR A 406 -30.81 6.33 13.13
CA THR A 406 -30.56 5.65 14.40
C THR A 406 -29.07 5.42 14.58
N VAL A 407 -28.60 5.57 15.81
CA VAL A 407 -27.19 5.47 16.14
C VAL A 407 -27.00 4.29 17.09
N PRO A 408 -26.29 3.24 16.68
CA PRO A 408 -26.04 2.12 17.60
C PRO A 408 -25.13 2.52 18.75
N ALA A 409 -25.16 1.70 19.79
CA ALA A 409 -24.38 2.00 20.99
C ALA A 409 -22.89 1.78 20.74
N GLY A 410 -22.08 2.52 21.49
CA GLY A 410 -20.65 2.35 21.43
C GLY A 410 -20.22 1.00 21.96
N THR A 411 -18.91 0.75 21.88
CA THR A 411 -18.38 -0.55 22.27
C THR A 411 -16.99 -0.39 22.87
N VAL A 412 -16.69 -1.25 23.85
CA VAL A 412 -15.31 -1.44 24.27
C VAL A 412 -14.58 -2.20 23.16
N VAL A 413 -13.39 -1.72 22.81
CA VAL A 413 -12.55 -2.37 21.83
C VAL A 413 -11.18 -2.63 22.42
N THR A 414 -10.56 -3.70 21.94
CA THR A 414 -9.18 -4.07 22.23
C THR A 414 -8.55 -4.53 20.92
N ARG A 415 -7.32 -5.06 21.01
CA ARG A 415 -6.65 -5.60 19.84
C ARG A 415 -7.42 -6.78 19.25
N LYS A 416 -7.45 -6.86 17.91
CA LYS A 416 -8.10 -7.99 17.24
C LYS A 416 -7.56 -9.33 17.72
N ILE A 417 -6.29 -9.37 18.15
CA ILE A 417 -5.69 -10.61 18.63
C ILE A 417 -6.32 -11.08 19.94
N SER A 418 -7.07 -10.21 20.62
CA SER A 418 -7.90 -10.57 21.78
C SER A 418 -7.06 -11.18 22.91
N ASP A 419 -5.84 -10.66 23.08
CA ASP A 419 -4.97 -11.17 24.13
C ASP A 419 -5.40 -10.75 25.54
N LYS A 420 -6.32 -9.78 25.66
CA LYS A 420 -6.73 -9.27 26.96
C LYS A 420 -8.24 -9.23 27.13
N THR A 421 -9.01 -9.84 26.23
CA THR A 421 -10.46 -9.77 26.33
C THR A 421 -10.96 -10.37 27.65
N GLU A 422 -10.37 -11.48 28.07
CA GLU A 422 -10.83 -12.15 29.29
C GLU A 422 -10.66 -11.24 30.50
N ASP A 423 -9.49 -10.62 30.65
CA ASP A 423 -9.23 -9.79 31.82
C ASP A 423 -10.11 -8.55 31.84
N ILE A 424 -10.29 -7.93 30.67
CA ILE A 424 -11.14 -6.75 30.59
C ILE A 424 -12.58 -7.10 30.96
N ASN A 425 -13.08 -8.21 30.44
CA ASN A 425 -14.45 -8.62 30.75
C ASN A 425 -14.61 -8.93 32.22
N ASN A 426 -13.66 -9.68 32.80
CA ASN A 426 -13.70 -9.98 34.23
C ASN A 426 -13.78 -8.69 35.05
N PHE A 427 -12.89 -7.74 34.77
CA PHE A 427 -12.87 -6.50 35.56
C PHE A 427 -14.17 -5.72 35.39
N LEU A 428 -14.63 -5.56 34.15
CA LEU A 428 -15.81 -4.74 33.92
C LEU A 428 -17.04 -5.34 34.56
N MET A 429 -17.21 -6.66 34.46
CA MET A 429 -18.39 -7.26 35.04
C MET A 429 -18.32 -7.31 36.56
N GLU A 430 -17.12 -7.49 37.13
CA GLU A 430 -17.02 -7.40 38.58
C GLU A 430 -17.25 -5.98 39.08
N ALA A 431 -16.83 -4.98 38.30
CA ALA A 431 -17.11 -3.60 38.68
C ALA A 431 -18.59 -3.29 38.58
N GLN A 432 -19.29 -3.90 37.62
CA GLN A 432 -20.74 -3.72 37.52
C GLN A 432 -21.45 -4.38 38.69
N LYS A 433 -20.99 -5.56 39.12
CA LYS A 433 -21.59 -6.22 40.27
C LYS A 433 -21.37 -5.41 41.54
N ARG A 434 -20.18 -4.80 41.69
CA ARG A 434 -19.85 -4.07 42.91
C ARG A 434 -20.33 -2.62 42.88
N GLN A 435 -21.13 -2.24 41.88
CA GLN A 435 -21.80 -0.94 41.85
C GLN A 435 -20.80 0.21 41.84
N CYS A 436 -19.73 0.06 41.07
CA CYS A 436 -18.77 1.13 40.91
C CYS A 436 -19.33 2.21 39.99
N LYS A 437 -18.84 3.43 40.16
CA LYS A 437 -19.32 4.59 39.42
C LYS A 437 -18.75 4.56 38.00
N LEU A 438 -19.30 3.64 37.19
CA LEU A 438 -18.82 3.48 35.81
C LEU A 438 -19.47 4.48 34.86
N PHE A 439 -20.77 4.66 34.95
CA PHE A 439 -21.54 5.40 33.96
C PHE A 439 -22.03 6.74 34.51
N SER A 440 -21.17 7.43 35.25
CA SER A 440 -21.45 8.74 35.82
C SER A 440 -20.16 9.25 36.43
N SER A 441 -20.09 10.57 36.63
CA SER A 441 -18.93 11.18 37.25
C SER A 441 -19.23 12.63 37.55
N ALA A 442 -18.68 13.11 38.66
CA ALA A 442 -18.77 14.53 39.01
C ALA A 442 -17.83 15.40 38.18
N HIS A 443 -16.88 14.79 37.48
CA HIS A 443 -15.93 15.56 36.68
C HIS A 443 -16.47 15.93 35.32
N GLY A 444 -17.44 15.19 34.80
CA GLY A 444 -17.99 15.50 33.49
C GLY A 444 -19.00 14.44 33.07
N LYS A 445 -19.53 14.65 31.87
CA LYS A 445 -20.54 13.77 31.29
C LYS A 445 -19.93 12.97 30.14
N ASP A 446 -20.39 11.73 29.98
CA ASP A 446 -19.95 10.85 28.89
C ASP A 446 -18.45 10.60 28.89
N LEU A 447 -17.83 10.63 30.07
CA LEU A 447 -16.42 10.26 30.19
C LEU A 447 -16.28 8.75 30.30
N MET A 448 -15.24 8.20 29.66
CA MET A 448 -14.97 6.76 29.64
C MET A 448 -16.06 5.96 28.93
N PHE A 449 -17.33 6.18 29.29
CA PHE A 449 -18.44 5.50 28.63
C PHE A 449 -19.56 6.50 28.39
N ASP A 450 -20.52 6.10 27.56
CA ASP A 450 -21.78 6.82 27.46
C ASP A 450 -22.51 6.77 28.79
N ASP A 451 -22.86 7.94 29.32
CA ASP A 451 -23.56 7.97 30.61
C ASP A 451 -24.94 7.35 30.50
N SER A 452 -25.45 7.16 29.28
CA SER A 452 -26.72 6.48 29.04
C SER A 452 -26.60 4.96 29.12
N THR A 453 -25.43 4.45 29.50
CA THR A 453 -25.22 3.00 29.55
C THR A 453 -25.79 2.44 30.86
N LEU A 454 -26.53 1.34 30.76
CA LEU A 454 -27.11 0.68 31.92
C LEU A 454 -26.33 -0.54 32.35
N GLN A 455 -25.90 -1.37 31.41
CA GLN A 455 -25.10 -2.55 31.73
C GLN A 455 -24.30 -2.93 30.50
N LEU A 456 -23.06 -3.37 30.71
CA LEU A 456 -22.18 -3.82 29.65
C LEU A 456 -22.08 -5.35 29.66
N ALA A 457 -22.09 -5.95 28.47
CA ALA A 457 -22.05 -7.39 28.33
C ALA A 457 -21.06 -7.79 27.23
N LEU A 458 -20.45 -8.96 27.42
CA LEU A 458 -19.46 -9.45 26.47
C LEU A 458 -20.13 -9.93 25.18
N LEU A 459 -19.51 -9.61 24.05
CA LEU A 459 -19.93 -10.12 22.75
C LEU A 459 -19.22 -11.44 22.46
N SER A 460 -19.78 -12.20 21.52
CA SER A 460 -19.11 -13.40 21.07
C SER A 460 -17.76 -13.04 20.45
N SER A 461 -16.77 -13.90 20.68
CA SER A 461 -15.45 -13.66 20.09
C SER A 461 -15.50 -13.57 18.58
N GLU A 462 -16.53 -14.15 17.96
CA GLU A 462 -16.66 -14.09 16.51
C GLU A 462 -16.93 -12.68 16.02
N VAL A 463 -17.52 -11.83 16.85
CA VAL A 463 -18.00 -10.53 16.41
C VAL A 463 -16.81 -9.63 16.08
N ASP A 464 -16.77 -9.16 14.83
CA ASP A 464 -15.87 -8.10 14.40
C ASP A 464 -16.69 -6.85 14.11
N ALA A 465 -16.07 -5.89 13.42
CA ALA A 465 -16.78 -4.66 13.08
C ALA A 465 -17.98 -4.94 12.18
N PHE A 466 -17.82 -5.86 11.22
CA PHE A 466 -18.90 -6.18 10.30
C PHE A 466 -20.09 -6.79 11.03
N LEU A 467 -19.84 -7.83 11.83
CA LEU A 467 -20.91 -8.48 12.57
C LEU A 467 -21.59 -7.53 13.54
N TYR A 468 -20.82 -6.61 14.13
CA TYR A 468 -21.41 -5.66 15.06
C TYR A 468 -22.32 -4.67 14.34
N LEU A 469 -21.80 -4.06 13.27
CA LEU A 469 -22.57 -3.03 12.57
C LEU A 469 -23.74 -3.59 11.78
N GLY A 470 -23.70 -4.87 11.42
CA GLY A 470 -24.68 -5.41 10.51
C GLY A 470 -24.32 -5.13 9.06
N VAL A 471 -24.91 -5.93 8.17
CA VAL A 471 -24.49 -5.90 6.76
C VAL A 471 -24.73 -4.52 6.16
N LYS A 472 -25.93 -3.98 6.34
CA LYS A 472 -26.27 -2.69 5.72
C LYS A 472 -25.40 -1.57 6.25
N LEU A 473 -25.31 -1.45 7.58
CA LEU A 473 -24.55 -0.35 8.16
C LEU A 473 -23.07 -0.50 7.85
N PHE A 474 -22.56 -1.73 7.78
CA PHE A 474 -21.17 -1.97 7.43
C PHE A 474 -20.88 -1.53 6.00
N HIS A 475 -21.75 -1.91 5.07
CA HIS A 475 -21.55 -1.47 3.69
C HIS A 475 -21.64 0.05 3.59
N ALA A 476 -22.51 0.68 4.38
CA ALA A 476 -22.60 2.14 4.38
C ALA A 476 -21.29 2.77 4.85
N MET A 477 -20.76 2.27 5.97
CA MET A 477 -19.47 2.75 6.46
C MET A 477 -18.37 2.54 5.43
N LYS A 478 -18.40 1.40 4.74
CA LYS A 478 -17.38 1.09 3.75
C LYS A 478 -17.46 2.06 2.57
N ALA A 479 -18.68 2.29 2.05
CA ALA A 479 -18.84 3.23 0.95
C ALA A 479 -18.46 4.64 1.36
N LEU A 480 -18.68 5.00 2.63
CA LEU A 480 -18.31 6.34 3.08
C LEU A 480 -16.81 6.51 3.20
N THR A 481 -16.11 5.50 3.73
CA THR A 481 -14.67 5.61 3.89
C THR A 481 -13.92 5.59 2.57
N GLY A 482 -14.54 5.05 1.51
CA GLY A 482 -13.94 5.01 0.20
C GLY A 482 -13.43 3.66 -0.25
N ASP A 483 -13.69 2.60 0.52
CA ASP A 483 -13.25 1.25 0.17
C ASP A 483 -14.32 0.48 -0.60
N ALA A 484 -15.26 1.18 -1.22
CA ALA A 484 -16.34 0.51 -1.92
C ALA A 484 -15.80 -0.23 -3.15
N HIS A 485 -16.10 -1.52 -3.23
CA HIS A 485 -15.64 -2.33 -4.35
C HIS A 485 -16.41 -2.00 -5.61
N LEU A 486 -15.69 -1.92 -6.73
CA LEU A 486 -16.29 -1.65 -8.03
C LEU A 486 -16.68 -2.97 -8.68
N PRO A 487 -17.97 -3.29 -8.79
CA PRO A 487 -18.36 -4.63 -9.28
C PRO A 487 -17.92 -4.86 -10.71
N SER A 488 -17.48 -6.08 -10.99
CA SER A 488 -17.12 -6.51 -12.33
C SER A 488 -18.09 -7.60 -12.78
N LYS A 489 -18.79 -7.35 -13.88
CA LYS A 489 -19.75 -8.33 -14.40
C LYS A 489 -19.09 -9.44 -15.21
N ASN A 490 -17.76 -9.44 -15.30
CA ASN A 490 -17.04 -10.44 -16.10
C ASN A 490 -15.98 -11.17 -15.27
N LYS A 491 -16.05 -11.07 -13.95
CA LYS A 491 -15.10 -11.75 -13.08
C LYS A 491 -15.80 -12.21 -11.81
N VAL A 492 -15.72 -13.51 -11.53
CA VAL A 492 -16.29 -14.08 -10.32
C VAL A 492 -15.15 -14.36 -9.34
N ARG A 493 -15.28 -13.85 -8.12
CA ARG A 493 -14.29 -14.08 -7.07
C ARG A 493 -14.76 -15.27 -6.25
N TRP A 494 -14.12 -16.42 -6.45
CA TRP A 494 -14.46 -17.64 -5.72
C TRP A 494 -13.69 -17.68 -4.40
N CYS A 495 -14.33 -18.23 -3.38
CA CYS A 495 -13.79 -18.25 -2.03
C CYS A 495 -13.35 -19.65 -1.66
N THR A 496 -12.19 -19.75 -1.00
CA THR A 496 -11.60 -21.02 -0.61
C THR A 496 -11.52 -21.10 0.91
N ILE A 497 -11.54 -22.33 1.43
CA ILE A 497 -11.59 -22.56 2.86
C ILE A 497 -10.28 -23.12 3.42
N ASN A 498 -9.33 -23.51 2.58
CA ASN A 498 -8.03 -23.96 3.05
C ASN A 498 -7.00 -23.71 1.95
N LYS A 499 -5.75 -24.06 2.22
CA LYS A 499 -4.67 -23.77 1.29
C LYS A 499 -4.72 -24.67 0.06
N LEU A 500 -5.19 -25.91 0.21
CA LEU A 500 -5.36 -26.78 -0.96
C LEU A 500 -6.42 -26.24 -1.90
N GLU A 501 -7.55 -25.79 -1.34
CA GLU A 501 -8.56 -25.13 -2.15
C GLU A 501 -8.00 -23.89 -2.81
N LYS A 502 -7.10 -23.17 -2.12
CA LYS A 502 -6.49 -21.98 -2.72
C LYS A 502 -5.58 -22.34 -3.88
N MET A 503 -4.85 -23.45 -3.77
CA MET A 503 -3.99 -23.86 -4.88
C MET A 503 -4.82 -24.30 -6.09
N LYS A 504 -5.89 -25.06 -5.86
CA LYS A 504 -6.75 -25.42 -6.98
C LYS A 504 -7.41 -24.18 -7.59
N CYS A 505 -7.81 -23.23 -6.74
CA CYS A 505 -8.41 -22.01 -7.26
C CYS A 505 -7.39 -21.21 -8.07
N ASP A 506 -6.13 -21.20 -7.66
CA ASP A 506 -5.12 -20.47 -8.42
C ASP A 506 -4.85 -21.13 -9.77
N ASP A 507 -4.84 -22.47 -9.80
CA ASP A 507 -4.79 -23.17 -11.08
C ASP A 507 -5.95 -22.76 -11.98
N TRP A 508 -7.17 -22.81 -11.43
CA TRP A 508 -8.36 -22.43 -12.19
C TRP A 508 -8.28 -20.99 -12.67
N SER A 509 -7.76 -20.09 -11.83
CA SER A 509 -7.68 -18.68 -12.20
C SER A 509 -6.63 -18.45 -13.28
N ALA A 510 -5.53 -19.21 -13.22
CA ALA A 510 -4.52 -19.10 -14.27
C ALA A 510 -5.06 -19.58 -15.61
N VAL A 511 -5.85 -20.67 -15.60
CA VAL A 511 -6.36 -21.20 -16.86
C VAL A 511 -7.74 -20.61 -17.16
N SER A 512 -8.14 -19.59 -16.40
CA SER A 512 -9.49 -19.05 -16.52
C SER A 512 -9.60 -17.90 -17.53
N GLY A 513 -8.54 -17.11 -17.69
CA GLY A 513 -8.60 -15.98 -18.60
C GLY A 513 -9.38 -14.82 -18.03
N GLY A 514 -9.05 -14.42 -16.80
CA GLY A 514 -9.63 -13.26 -16.14
C GLY A 514 -11.07 -13.40 -15.68
N ALA A 515 -11.67 -14.59 -15.79
CA ALA A 515 -13.05 -14.78 -15.38
C ALA A 515 -13.19 -15.34 -13.97
N ILE A 516 -12.11 -15.82 -13.36
CA ILE A 516 -12.14 -16.42 -12.03
C ILE A 516 -10.99 -15.85 -11.22
N ALA A 517 -11.30 -15.28 -10.06
CA ALA A 517 -10.31 -14.82 -9.09
C ALA A 517 -10.51 -15.58 -7.79
N CYS A 518 -9.57 -15.41 -6.86
CA CYS A 518 -9.56 -16.22 -5.65
C CYS A 518 -9.50 -15.35 -4.40
N THR A 519 -10.22 -15.78 -3.37
CA THR A 519 -10.15 -15.20 -2.04
C THR A 519 -9.98 -16.33 -1.03
N GLU A 520 -9.35 -16.01 0.10
CA GLU A 520 -9.03 -16.99 1.13
C GLU A 520 -9.86 -16.74 2.38
N ALA A 521 -10.43 -17.82 2.93
CA ALA A 521 -11.15 -17.77 4.20
C ALA A 521 -10.86 -19.05 4.96
N SER A 522 -11.34 -19.10 6.21
CA SER A 522 -11.07 -20.23 7.10
C SER A 522 -12.15 -21.30 7.08
N CYS A 523 -13.42 -20.91 7.05
CA CYS A 523 -14.53 -21.84 7.05
C CYS A 523 -15.59 -21.33 6.09
N PRO A 524 -16.54 -22.19 5.67
CA PRO A 524 -17.62 -21.70 4.80
C PRO A 524 -18.37 -20.49 5.35
N LYS A 525 -18.55 -20.43 6.67
CA LYS A 525 -19.19 -19.26 7.27
C LYS A 525 -18.41 -17.99 6.97
N GLY A 526 -17.08 -18.06 7.02
CA GLY A 526 -16.26 -16.91 6.67
C GLY A 526 -16.38 -16.52 5.22
N CYS A 527 -16.58 -17.51 4.34
CA CYS A 527 -16.79 -17.20 2.93
C CYS A 527 -18.13 -16.50 2.72
N VAL A 528 -19.17 -16.93 3.44
CA VAL A 528 -20.45 -16.24 3.37
C VAL A 528 -20.30 -14.80 3.86
N LYS A 529 -19.54 -14.60 4.93
CA LYS A 529 -19.28 -13.25 5.42
C LYS A 529 -18.58 -12.41 4.36
N GLN A 530 -17.55 -12.98 3.71
CA GLN A 530 -16.85 -12.25 2.66
C GLN A 530 -17.78 -11.88 1.52
N ILE A 531 -18.65 -12.81 1.10
CA ILE A 531 -19.60 -12.50 0.04
C ILE A 531 -20.51 -11.35 0.46
N LEU A 532 -21.00 -11.38 1.69
CA LEU A 532 -21.87 -10.30 2.15
C LEU A 532 -21.12 -8.99 2.34
N LYS A 533 -19.79 -9.03 2.46
CA LYS A 533 -19.00 -7.82 2.65
C LYS A 533 -18.46 -7.25 1.35
N GLY A 534 -18.86 -7.79 0.19
CA GLY A 534 -18.35 -7.31 -1.07
C GLY A 534 -16.89 -7.63 -1.31
N GLU A 535 -16.39 -8.72 -0.74
CA GLU A 535 -15.01 -9.15 -0.92
C GLU A 535 -14.90 -10.48 -1.64
N ALA A 536 -16.02 -11.09 -2.01
CA ALA A 536 -16.04 -12.33 -2.77
C ALA A 536 -17.36 -12.40 -3.50
N ASP A 537 -17.50 -13.40 -4.36
CA ASP A 537 -18.65 -13.45 -5.26
C ASP A 537 -19.50 -14.72 -5.13
N ALA A 538 -18.88 -15.90 -5.05
CA ALA A 538 -19.64 -17.14 -5.04
C ALA A 538 -18.91 -18.19 -4.20
N VAL A 539 -19.66 -19.15 -3.67
CA VAL A 539 -19.04 -20.24 -2.93
C VAL A 539 -20.02 -21.42 -2.88
N LYS A 540 -19.46 -22.63 -2.88
CA LYS A 540 -20.24 -23.86 -2.73
C LYS A 540 -20.41 -24.16 -1.25
N LEU A 541 -21.66 -24.31 -0.83
CA LEU A 541 -22.00 -24.66 0.55
C LEU A 541 -22.72 -25.99 0.59
N GLU A 542 -22.34 -26.81 1.56
CA GLU A 542 -23.13 -27.97 1.92
C GLU A 542 -24.43 -27.51 2.57
N VAL A 543 -25.41 -28.41 2.60
CA VAL A 543 -26.75 -28.05 3.07
C VAL A 543 -26.72 -27.52 4.50
N GLN A 544 -25.78 -28.01 5.32
CA GLN A 544 -25.73 -27.61 6.72
C GLN A 544 -25.46 -26.11 6.87
N TYR A 545 -24.75 -25.51 5.92
CA TYR A 545 -24.48 -24.08 5.95
C TYR A 545 -25.53 -23.27 5.21
N MET A 546 -26.58 -23.90 4.72
CA MET A 546 -27.49 -23.22 3.81
C MET A 546 -28.45 -22.29 4.54
N TYR A 547 -29.02 -22.75 5.66
CA TYR A 547 -30.10 -22.01 6.30
C TYR A 547 -29.70 -20.58 6.62
N GLU A 548 -28.47 -20.37 7.08
CA GLU A 548 -28.01 -19.02 7.37
C GLU A 548 -27.86 -18.21 6.08
N ALA A 549 -27.26 -18.82 5.05
CA ALA A 549 -27.00 -18.10 3.82
C ALA A 549 -28.30 -17.57 3.21
N LEU A 550 -29.27 -18.46 2.99
CA LEU A 550 -30.55 -18.03 2.46
C LEU A 550 -31.22 -16.99 3.36
N MET A 551 -30.91 -17.02 4.65
CA MET A 551 -31.50 -16.06 5.58
C MET A 551 -30.91 -14.67 5.42
N CYS A 552 -29.71 -14.56 4.84
CA CYS A 552 -29.04 -13.28 4.69
C CYS A 552 -29.17 -12.73 3.26
N GLY A 553 -30.10 -13.24 2.47
CA GLY A 553 -30.39 -12.69 1.17
C GLY A 553 -29.69 -13.36 0.01
N LEU A 554 -28.71 -14.22 0.26
CA LEU A 554 -28.01 -14.90 -0.82
C LEU A 554 -28.89 -15.99 -1.42
N LEU A 555 -28.78 -16.17 -2.73
CA LEU A 555 -29.59 -17.11 -3.49
C LEU A 555 -28.69 -18.18 -4.10
N PRO A 556 -29.25 -19.34 -4.45
CA PRO A 556 -28.45 -20.36 -5.15
C PRO A 556 -28.36 -20.05 -6.63
N ALA A 557 -27.13 -19.96 -7.13
CA ALA A 557 -26.90 -19.76 -8.56
C ALA A 557 -26.92 -21.08 -9.32
N VAL A 558 -26.11 -22.06 -8.88
CA VAL A 558 -26.04 -23.37 -9.50
C VAL A 558 -25.99 -24.44 -8.39
N GLU A 559 -26.20 -25.68 -8.80
CA GLU A 559 -26.25 -26.82 -7.90
C GLU A 559 -25.42 -27.97 -8.46
N GLU A 560 -24.96 -28.83 -7.56
CA GLU A 560 -24.05 -29.94 -7.87
C GLU A 560 -24.84 -31.17 -8.26
N TYR A 561 -24.58 -31.70 -9.46
CA TYR A 561 -25.20 -32.92 -9.94
C TYR A 561 -24.35 -34.11 -9.53
N HIS A 562 -24.99 -35.16 -8.99
CA HIS A 562 -24.28 -36.34 -8.55
C HIS A 562 -24.80 -37.64 -9.18
N ASN A 563 -25.72 -37.55 -10.13
CA ASN A 563 -26.23 -38.73 -10.84
C ASN A 563 -25.15 -39.25 -11.76
N LYS A 564 -24.48 -40.33 -11.33
CA LYS A 564 -23.38 -40.93 -12.09
C LYS A 564 -23.84 -41.59 -13.38
N ASP A 565 -25.15 -41.77 -13.59
CA ASP A 565 -25.65 -42.59 -14.68
C ASP A 565 -26.27 -41.80 -15.83
N ASP A 566 -26.65 -40.54 -15.63
CA ASP A 566 -27.33 -39.76 -16.66
C ASP A 566 -26.59 -38.44 -16.86
N PHE A 567 -25.78 -38.37 -17.92
CA PHE A 567 -25.10 -37.15 -18.31
C PHE A 567 -25.94 -36.32 -19.29
N GLY A 568 -27.23 -36.64 -19.42
CA GLY A 568 -28.11 -35.94 -20.33
C GLY A 568 -28.30 -34.48 -20.00
N PRO A 569 -28.80 -34.18 -18.80
CA PRO A 569 -29.02 -32.76 -18.43
C PRO A 569 -27.76 -31.92 -18.38
N CYS A 570 -26.57 -32.50 -18.58
CA CYS A 570 -25.33 -31.74 -18.54
C CYS A 570 -24.68 -31.53 -19.90
N LYS A 571 -24.93 -32.41 -20.88
CA LYS A 571 -24.35 -32.20 -22.20
C LYS A 571 -25.17 -31.21 -23.04
N THR A 572 -26.49 -31.21 -22.86
CA THR A 572 -27.37 -30.24 -23.51
C THR A 572 -28.05 -29.44 -22.40
N PRO A 573 -27.54 -28.25 -22.06
CA PRO A 573 -28.11 -27.49 -20.93
C PRO A 573 -29.59 -27.20 -21.09
N GLY A 574 -30.43 -27.94 -20.37
CA GLY A 574 -31.87 -27.72 -20.42
C GLY A 574 -32.67 -28.99 -20.57
N SER A 575 -32.03 -30.07 -21.00
CA SER A 575 -32.74 -31.34 -21.13
C SER A 575 -33.23 -31.79 -19.75
N PRO A 576 -34.47 -32.26 -19.65
CA PRO A 576 -35.07 -32.50 -18.33
C PRO A 576 -34.27 -33.46 -17.47
N ILE A 577 -34.40 -33.28 -16.16
CA ILE A 577 -33.63 -34.03 -15.18
C ILE A 577 -34.46 -35.21 -14.71
N THR A 578 -33.92 -36.42 -14.83
CA THR A 578 -34.56 -37.60 -14.27
C THR A 578 -34.48 -37.57 -12.74
N ASP A 579 -33.26 -37.65 -12.21
CA ASP A 579 -33.01 -37.50 -10.79
C ASP A 579 -31.73 -36.69 -10.62
N PHE A 580 -31.63 -36.00 -9.48
CA PHE A 580 -30.46 -35.17 -9.21
C PHE A 580 -29.30 -35.96 -8.64
N GLY A 581 -29.55 -37.19 -8.16
CA GLY A 581 -28.53 -37.93 -7.44
C GLY A 581 -28.38 -37.53 -5.99
N THR A 582 -29.36 -36.82 -5.45
CA THR A 582 -29.30 -36.38 -4.06
C THR A 582 -29.35 -37.58 -3.12
N LEU A 583 -28.80 -37.39 -1.92
CA LEU A 583 -28.85 -38.43 -0.90
C LEU A 583 -30.24 -38.51 -0.29
N ARG A 584 -30.63 -39.72 0.09
CA ARG A 584 -31.89 -39.97 0.76
C ARG A 584 -31.61 -40.57 2.14
N ALA A 585 -31.88 -39.79 3.19
CA ALA A 585 -31.75 -40.31 4.54
C ALA A 585 -32.75 -41.42 4.79
N VAL A 586 -32.26 -42.57 5.25
CA VAL A 586 -33.12 -43.74 5.49
C VAL A 586 -32.71 -44.42 6.78
N ALA A 587 -33.65 -45.18 7.33
CA ALA A 587 -33.43 -46.04 8.48
C ALA A 587 -33.36 -47.48 7.99
N LEU A 588 -32.21 -48.10 8.22
CA LEU A 588 -31.90 -49.45 7.74
C LEU A 588 -31.98 -50.45 8.89
N VAL A 589 -32.62 -51.58 8.63
CA VAL A 589 -32.83 -52.62 9.65
C VAL A 589 -32.55 -53.99 9.04
N LYS A 590 -32.37 -54.97 9.92
CA LYS A 590 -32.19 -56.36 9.50
C LYS A 590 -33.54 -57.00 9.20
N LYS A 591 -33.54 -57.90 8.20
CA LYS A 591 -34.70 -58.77 8.02
C LYS A 591 -34.84 -59.76 9.16
N SER A 592 -33.78 -59.94 9.96
CA SER A 592 -33.86 -60.84 11.10
C SER A 592 -34.80 -60.30 12.18
N ASN A 593 -34.59 -59.05 12.58
CA ASN A 593 -35.42 -58.40 13.59
C ASN A 593 -36.67 -57.87 12.89
N LYS A 594 -37.73 -58.69 12.89
CA LYS A 594 -38.94 -58.37 12.15
C LYS A 594 -39.88 -57.40 12.88
N ASP A 595 -39.62 -57.10 14.15
CA ASP A 595 -40.60 -56.38 14.96
C ASP A 595 -40.40 -54.87 14.99
N ILE A 596 -39.25 -54.37 14.56
CA ILE A 596 -38.94 -52.95 14.67
C ILE A 596 -39.72 -52.19 13.59
N ASN A 597 -40.70 -51.40 14.01
CA ASN A 597 -41.44 -50.51 13.13
C ASN A 597 -41.27 -49.07 13.62
N TRP A 598 -41.76 -48.13 12.81
CA TRP A 598 -41.52 -46.71 13.08
C TRP A 598 -42.28 -46.24 14.31
N ASN A 599 -43.51 -46.74 14.51
CA ASN A 599 -44.32 -46.34 15.65
C ASN A 599 -43.93 -47.03 16.94
N ASN A 600 -42.77 -47.71 16.98
CA ASN A 600 -42.29 -48.31 18.22
C ASN A 600 -40.77 -48.25 18.33
N ILE A 601 -40.15 -47.22 17.75
CA ILE A 601 -38.70 -47.09 17.79
C ILE A 601 -38.16 -46.65 19.14
N LYS A 602 -39.04 -46.29 20.08
CA LYS A 602 -38.59 -45.77 21.36
C LYS A 602 -37.98 -46.89 22.19
N GLY A 603 -36.68 -46.74 22.51
CA GLY A 603 -35.97 -47.66 23.37
C GLY A 603 -34.97 -48.55 22.67
N LYS A 604 -35.11 -48.74 21.36
CA LYS A 604 -34.21 -49.63 20.65
C LYS A 604 -32.81 -49.03 20.55
N LYS A 605 -31.82 -49.91 20.45
CA LYS A 605 -30.44 -49.48 20.20
C LYS A 605 -30.35 -48.91 18.80
N SER A 606 -30.15 -47.60 18.69
CA SER A 606 -30.03 -46.95 17.39
C SER A 606 -28.58 -46.69 17.06
N CYS A 607 -28.34 -46.39 15.78
CA CYS A 607 -26.99 -46.23 15.24
C CYS A 607 -26.94 -44.97 14.40
N HIS A 608 -25.96 -44.11 14.68
CA HIS A 608 -25.85 -42.82 14.02
C HIS A 608 -24.46 -42.66 13.44
N THR A 609 -24.39 -42.09 12.24
CA THR A 609 -23.09 -41.85 11.61
C THR A 609 -22.27 -40.84 12.39
N GLY A 610 -22.92 -39.93 13.09
CA GLY A 610 -22.24 -38.91 13.87
C GLY A 610 -23.12 -37.72 14.17
N VAL A 611 -22.84 -37.03 15.28
CA VAL A 611 -23.64 -35.87 15.67
C VAL A 611 -23.29 -34.72 14.73
N GLY A 612 -24.25 -34.32 13.90
CA GLY A 612 -24.02 -33.25 12.95
C GLY A 612 -24.42 -33.62 11.54
N ASP A 613 -24.24 -34.89 11.17
CA ASP A 613 -24.57 -35.34 9.83
C ASP A 613 -26.07 -35.22 9.59
N ILE A 614 -26.42 -34.85 8.35
CA ILE A 614 -27.83 -34.61 8.03
C ILE A 614 -28.62 -35.92 8.08
N ALA A 615 -28.15 -36.93 7.34
CA ALA A 615 -28.86 -38.20 7.28
C ALA A 615 -28.61 -39.05 8.52
N GLY A 616 -27.46 -38.91 9.15
CA GLY A 616 -27.09 -39.75 10.27
C GLY A 616 -27.59 -39.26 11.60
N TRP A 617 -28.02 -38.00 11.68
CA TRP A 617 -28.40 -37.43 12.96
C TRP A 617 -29.54 -36.43 12.85
N VAL A 618 -29.49 -35.53 11.86
CA VAL A 618 -30.38 -34.38 11.84
C VAL A 618 -31.81 -34.80 11.56
N ILE A 619 -32.04 -35.45 10.41
CA ILE A 619 -33.40 -35.86 10.03
C ILE A 619 -34.08 -36.70 11.12
N PRO A 620 -33.45 -37.74 11.68
CA PRO A 620 -34.15 -38.52 12.70
C PRO A 620 -34.53 -37.73 13.95
N VAL A 621 -33.60 -36.98 14.54
CA VAL A 621 -33.92 -36.23 15.75
C VAL A 621 -34.96 -35.17 15.46
N SER A 622 -34.92 -34.56 14.27
CA SER A 622 -35.94 -33.59 13.89
C SER A 622 -37.32 -34.23 13.87
N LEU A 623 -37.45 -35.33 13.13
CA LEU A 623 -38.74 -36.02 13.07
C LEU A 623 -39.20 -36.50 14.43
N ILE A 624 -38.26 -36.89 15.30
CA ILE A 624 -38.62 -37.38 16.63
C ILE A 624 -39.20 -36.24 17.47
N ARG A 625 -38.47 -35.13 17.58
CA ARG A 625 -38.99 -33.99 18.33
C ARG A 625 -40.25 -33.42 17.69
N ARG A 626 -40.50 -33.72 16.41
CA ARG A 626 -41.75 -33.31 15.78
C ARG A 626 -42.91 -34.21 16.19
N GLN A 627 -42.70 -35.53 16.20
CA GLN A 627 -43.81 -36.46 16.43
C GLN A 627 -44.02 -36.77 17.92
N ASN A 628 -42.94 -36.91 18.69
CA ASN A 628 -43.04 -37.16 20.13
C ASN A 628 -42.75 -35.86 20.87
N ASP A 629 -43.77 -35.33 21.55
CA ASP A 629 -43.72 -33.95 22.03
C ASP A 629 -42.78 -33.76 23.22
N ASN A 630 -42.44 -34.81 23.97
CA ASN A 630 -41.53 -34.64 25.09
C ASN A 630 -40.13 -34.23 24.61
N SER A 631 -39.73 -34.70 23.43
CA SER A 631 -38.57 -34.17 22.71
C SER A 631 -37.26 -34.33 23.47
N ASP A 632 -37.06 -35.50 24.06
CA ASP A 632 -35.81 -35.83 24.75
C ASP A 632 -35.19 -37.03 24.05
N ILE A 633 -34.07 -36.80 23.35
CA ILE A 633 -33.42 -37.87 22.60
C ILE A 633 -32.32 -38.57 23.39
N ASP A 634 -31.79 -37.95 24.44
CA ASP A 634 -30.87 -38.66 25.33
C ASP A 634 -31.57 -39.76 26.11
N SER A 635 -32.90 -39.70 26.22
CA SER A 635 -33.68 -40.73 26.88
C SER A 635 -34.59 -41.50 25.93
N PHE A 636 -34.76 -41.03 24.70
CA PHE A 636 -35.65 -41.71 23.76
C PHE A 636 -35.12 -43.08 23.38
N PHE A 637 -33.80 -43.21 23.23
CA PHE A 637 -33.16 -44.45 22.84
C PHE A 637 -32.45 -45.09 24.03
N GLY A 638 -32.09 -46.35 23.84
CA GLY A 638 -31.32 -47.08 24.83
C GLY A 638 -30.03 -47.60 24.26
N GLU A 639 -28.90 -47.14 24.82
CA GLU A 639 -27.57 -47.59 24.42
C GLU A 639 -27.32 -47.40 22.92
N SER A 640 -27.74 -46.24 22.40
CA SER A 640 -27.42 -45.89 21.04
C SER A 640 -25.93 -45.55 20.91
N CYS A 641 -25.43 -45.59 19.67
CA CYS A 641 -24.06 -45.19 19.38
C CYS A 641 -24.10 -43.99 18.44
N ALA A 642 -24.04 -42.79 19.03
CA ALA A 642 -24.00 -41.53 18.29
C ALA A 642 -22.64 -40.88 18.54
N PRO A 643 -21.62 -41.15 17.72
CA PRO A 643 -20.29 -40.57 17.95
C PRO A 643 -20.32 -39.04 17.98
N GLY A 644 -20.10 -38.48 19.17
CA GLY A 644 -20.09 -37.04 19.32
C GLY A 644 -20.95 -36.54 20.46
N SER A 645 -21.65 -37.44 21.13
CA SER A 645 -22.53 -37.09 22.23
C SER A 645 -21.75 -37.19 23.54
N ASP A 646 -22.46 -37.22 24.67
CA ASP A 646 -21.82 -37.24 25.98
C ASP A 646 -21.34 -38.64 26.31
N THR A 647 -20.09 -38.74 26.78
CA THR A 647 -19.46 -40.03 27.02
C THR A 647 -20.19 -40.88 28.05
N LYS A 648 -20.97 -40.27 28.94
CA LYS A 648 -21.67 -40.98 30.00
C LYS A 648 -23.15 -41.21 29.71
N SER A 649 -23.69 -40.62 28.66
CA SER A 649 -25.10 -40.78 28.36
C SER A 649 -25.34 -42.10 27.60
N ASN A 650 -26.62 -42.42 27.41
CA ASN A 650 -26.98 -43.62 26.68
C ASN A 650 -26.54 -43.58 25.22
N LEU A 651 -26.36 -42.38 24.66
CA LEU A 651 -25.96 -42.17 23.27
C LEU A 651 -24.49 -42.50 23.00
N CYS A 652 -23.75 -43.12 23.93
CA CYS A 652 -22.37 -43.52 23.69
C CYS A 652 -22.08 -44.95 24.11
N LYS A 653 -23.10 -45.78 24.35
CA LYS A 653 -22.88 -47.18 24.68
C LYS A 653 -22.75 -48.02 23.42
N LEU A 654 -22.28 -49.26 23.60
CA LEU A 654 -21.89 -50.18 22.52
C LEU A 654 -21.10 -49.49 21.42
N CYS A 655 -20.36 -48.44 21.77
CA CYS A 655 -19.46 -47.75 20.83
C CYS A 655 -18.06 -48.30 21.05
N ILE A 656 -17.73 -49.36 20.33
CA ILE A 656 -16.40 -49.98 20.43
C ILE A 656 -15.36 -49.02 19.88
N GLY A 657 -14.61 -48.38 20.77
CA GLY A 657 -13.64 -47.39 20.36
C GLY A 657 -12.24 -47.94 20.23
N ASP A 658 -11.74 -48.02 18.99
CA ASP A 658 -10.42 -48.54 18.65
C ASP A 658 -10.28 -50.00 19.10
N PRO A 659 -10.41 -50.96 18.18
CA PRO A 659 -10.32 -52.38 18.59
C PRO A 659 -8.98 -52.76 19.18
N LYS A 660 -7.88 -52.35 18.56
CA LYS A 660 -6.56 -52.72 19.04
C LYS A 660 -5.75 -51.50 19.49
N ASN A 661 -6.23 -50.80 20.52
CA ASN A 661 -5.53 -49.64 21.07
C ASN A 661 -5.94 -49.51 22.54
N SER A 662 -5.22 -50.22 23.41
CA SER A 662 -5.44 -50.16 24.85
C SER A 662 -4.65 -49.04 25.52
N ALA A 663 -3.98 -48.19 24.75
CA ALA A 663 -3.21 -47.08 25.27
C ALA A 663 -3.95 -45.74 25.17
N ALA A 664 -5.20 -45.77 24.73
CA ALA A 664 -6.01 -44.56 24.62
C ALA A 664 -7.50 -44.89 24.47
N ASN A 665 -8.33 -44.27 25.30
CA ASN A 665 -9.79 -44.47 25.23
C ASN A 665 -10.34 -43.48 24.22
N THR A 666 -10.85 -43.99 23.10
CA THR A 666 -11.32 -43.16 22.00
C THR A 666 -12.78 -43.44 21.64
N LYS A 667 -13.57 -43.89 22.61
CA LYS A 667 -14.96 -44.23 22.34
C LYS A 667 -15.79 -42.97 22.13
N CYS A 668 -16.73 -43.04 21.19
CA CYS A 668 -17.71 -41.99 20.93
C CYS A 668 -17.02 -40.68 20.50
N SER A 669 -16.25 -40.78 19.43
CA SER A 669 -15.47 -39.66 18.91
C SER A 669 -15.89 -39.32 17.49
N LEU A 670 -15.83 -38.03 17.17
CA LEU A 670 -16.11 -37.51 15.83
C LEU A 670 -14.89 -37.61 14.92
N SER A 671 -14.28 -38.80 14.88
CA SER A 671 -13.12 -39.04 14.04
C SER A 671 -13.08 -40.53 13.69
N ASP A 672 -12.20 -40.87 12.74
CA ASP A 672 -12.06 -42.26 12.33
C ASP A 672 -11.48 -43.15 13.43
N LYS A 673 -11.05 -42.57 14.55
CA LYS A 673 -10.64 -43.35 15.70
C LYS A 673 -11.79 -44.14 16.31
N GLU A 674 -13.03 -43.87 15.87
CA GLU A 674 -14.17 -44.71 16.21
C GLU A 674 -14.28 -45.86 15.22
N ALA A 675 -14.66 -47.04 15.73
CA ALA A 675 -15.08 -48.13 14.87
C ALA A 675 -16.54 -48.01 14.46
N TYR A 676 -17.10 -46.81 14.59
CA TYR A 676 -18.49 -46.57 14.28
C TYR A 676 -18.77 -45.22 13.62
N TYR A 677 -17.74 -44.46 13.25
CA TYR A 677 -17.94 -43.15 12.64
C TYR A 677 -18.21 -43.31 11.15
N GLY A 678 -19.20 -42.58 10.64
CA GLY A 678 -19.46 -42.53 9.21
C GLY A 678 -20.53 -43.50 8.77
N ASN A 679 -20.69 -43.57 7.45
CA ASN A 679 -21.64 -44.51 6.86
C ASN A 679 -21.22 -45.95 7.14
N GLN A 680 -19.94 -46.26 6.88
CA GLN A 680 -19.43 -47.62 7.12
C GLN A 680 -19.47 -47.98 8.61
N GLY A 681 -19.06 -47.04 9.47
CA GLY A 681 -19.08 -47.32 10.89
C GLY A 681 -20.48 -47.49 11.46
N ALA A 682 -21.43 -46.69 10.97
CA ALA A 682 -22.81 -46.84 11.40
C ALA A 682 -23.47 -48.08 10.80
N PHE A 683 -22.96 -48.57 9.67
CA PHE A 683 -23.46 -49.82 9.13
C PHE A 683 -22.95 -51.01 9.91
N ARG A 684 -21.70 -50.93 10.42
CA ARG A 684 -21.20 -51.96 11.32
C ARG A 684 -22.12 -52.15 12.52
N CYS A 685 -22.86 -51.10 12.90
CA CYS A 685 -23.70 -51.16 14.08
C CYS A 685 -24.93 -52.03 13.85
N LEU A 686 -25.55 -51.93 12.67
CA LEU A 686 -26.75 -52.73 12.40
C LEU A 686 -26.43 -54.21 12.34
N VAL A 687 -25.21 -54.59 11.96
CA VAL A 687 -24.84 -55.99 11.90
C VAL A 687 -24.24 -56.49 13.20
N GLU A 688 -23.68 -55.60 14.03
CA GLU A 688 -23.11 -56.04 15.30
C GLU A 688 -24.13 -56.04 16.42
N LYS A 689 -24.32 -54.89 17.07
CA LYS A 689 -25.11 -54.80 18.30
C LYS A 689 -26.27 -53.82 18.18
N GLY A 690 -26.81 -53.63 16.96
CA GLY A 690 -27.86 -52.67 16.75
C GLY A 690 -29.15 -53.28 16.21
N ASP A 691 -30.22 -52.47 16.26
CA ASP A 691 -31.50 -52.83 15.67
C ASP A 691 -31.91 -51.94 14.51
N VAL A 692 -31.32 -50.75 14.38
CA VAL A 692 -31.67 -49.82 13.31
C VAL A 692 -30.53 -48.80 13.20
N ALA A 693 -30.22 -48.42 11.96
CA ALA A 693 -29.21 -47.41 11.69
C ALA A 693 -29.81 -46.30 10.84
N PHE A 694 -29.20 -45.12 10.91
CA PHE A 694 -29.67 -43.94 10.18
C PHE A 694 -28.56 -43.48 9.25
N VAL A 695 -28.69 -43.81 7.96
CA VAL A 695 -27.63 -43.55 6.99
C VAL A 695 -28.27 -43.12 5.68
N PRO A 696 -27.49 -42.52 4.78
CA PRO A 696 -27.93 -42.44 3.39
C PRO A 696 -28.21 -43.82 2.82
N HIS A 697 -29.04 -43.86 1.77
CA HIS A 697 -29.44 -45.13 1.17
C HIS A 697 -28.27 -45.88 0.54
N THR A 698 -27.19 -45.18 0.19
CA THR A 698 -26.10 -45.80 -0.56
C THR A 698 -25.35 -46.84 0.26
N VAL A 699 -25.30 -46.67 1.58
CA VAL A 699 -24.45 -47.52 2.41
C VAL A 699 -24.78 -48.99 2.22
N VAL A 700 -26.06 -49.32 2.06
CA VAL A 700 -26.47 -50.70 1.94
C VAL A 700 -25.86 -51.34 0.69
N PHE A 701 -25.78 -50.58 -0.39
CA PHE A 701 -25.17 -51.05 -1.62
C PHE A 701 -23.65 -50.82 -1.65
N GLU A 702 -23.10 -50.15 -0.63
CA GLU A 702 -21.67 -49.84 -0.63
C GLU A 702 -20.84 -50.84 0.17
N ASN A 703 -21.45 -51.56 1.12
CA ASN A 703 -20.72 -52.52 1.93
C ASN A 703 -21.36 -53.91 1.91
N THR A 704 -22.19 -54.19 0.89
CA THR A 704 -22.76 -55.51 0.68
C THR A 704 -22.61 -55.89 -0.80
N ASP A 705 -23.06 -57.09 -1.14
CA ASP A 705 -23.13 -57.57 -2.52
C ASP A 705 -21.75 -57.58 -3.18
N GLY A 706 -20.73 -58.05 -2.44
CA GLY A 706 -19.41 -58.29 -2.96
C GLY A 706 -18.49 -57.09 -3.04
N LYS A 707 -19.03 -55.89 -3.21
CA LYS A 707 -18.22 -54.68 -3.32
C LYS A 707 -17.83 -54.12 -1.96
N ASN A 708 -17.45 -54.99 -1.02
CA ASN A 708 -17.26 -54.61 0.37
C ASN A 708 -15.81 -54.81 0.80
N PRO A 709 -15.35 -54.08 1.80
CA PRO A 709 -14.02 -54.33 2.37
C PRO A 709 -13.96 -55.70 3.03
N ALA A 710 -12.74 -56.09 3.41
CA ALA A 710 -12.44 -57.47 3.78
C ALA A 710 -12.19 -57.59 5.29
N VAL A 711 -13.24 -57.38 6.08
CA VAL A 711 -13.20 -57.69 7.51
C VAL A 711 -14.52 -58.32 7.94
N TRP A 712 -15.56 -57.49 8.05
CA TRP A 712 -16.78 -57.86 8.75
C TRP A 712 -18.01 -58.02 7.85
N ALA A 713 -18.01 -57.44 6.66
CA ALA A 713 -19.16 -57.56 5.77
C ALA A 713 -18.87 -58.50 4.62
N LYS A 714 -18.50 -59.75 4.93
CA LYS A 714 -18.06 -60.67 3.88
C LYS A 714 -19.24 -61.34 3.19
N ASN A 715 -19.99 -62.16 3.93
CA ASN A 715 -21.12 -62.88 3.38
C ASN A 715 -22.45 -62.17 3.63
N LEU A 716 -22.44 -60.84 3.65
CA LEU A 716 -23.64 -60.04 3.81
C LEU A 716 -24.14 -59.59 2.44
N LYS A 717 -25.45 -59.66 2.23
CA LYS A 717 -26.06 -59.32 0.97
C LYS A 717 -27.08 -58.20 1.15
N SER A 718 -27.34 -57.47 0.06
CA SER A 718 -28.28 -56.35 0.11
C SER A 718 -29.73 -56.80 0.24
N GLU A 719 -30.00 -58.10 0.11
CA GLU A 719 -31.35 -58.62 0.31
C GLU A 719 -31.66 -58.90 1.77
N ASP A 720 -30.64 -59.11 2.60
CA ASP A 720 -30.83 -59.40 4.02
C ASP A 720 -31.28 -58.19 4.82
N PHE A 721 -31.48 -57.03 4.19
CA PHE A 721 -31.81 -55.81 4.90
C PHE A 721 -33.12 -55.23 4.37
N GLU A 722 -33.73 -54.38 5.19
CA GLU A 722 -34.95 -53.68 4.82
C GLU A 722 -34.86 -52.24 5.29
N LEU A 723 -35.79 -51.42 4.82
CA LEU A 723 -35.88 -50.01 5.20
C LEU A 723 -37.14 -49.76 6.01
N LEU A 724 -37.10 -48.71 6.83
CA LEU A 724 -38.24 -48.29 7.62
C LEU A 724 -38.89 -47.08 6.96
N CYS A 725 -40.21 -47.14 6.77
CA CYS A 725 -40.97 -46.09 6.12
C CYS A 725 -41.80 -45.32 7.14
N LEU A 726 -42.43 -44.24 6.67
CA LEU A 726 -43.08 -43.30 7.59
C LEU A 726 -44.35 -43.88 8.17
N ASP A 727 -45.19 -44.53 7.35
CA ASP A 727 -46.47 -45.04 7.84
C ASP A 727 -46.33 -46.27 8.73
N GLY A 728 -45.11 -46.76 8.96
CA GLY A 728 -44.89 -47.86 9.88
C GLY A 728 -44.70 -49.22 9.24
N SER A 729 -44.46 -49.29 7.94
CA SER A 729 -44.26 -50.55 7.24
C SER A 729 -42.79 -50.68 6.82
N ARG A 730 -42.53 -51.57 5.86
CA ARG A 730 -41.17 -51.82 5.38
C ARG A 730 -41.21 -52.03 3.88
N ALA A 731 -40.03 -52.17 3.29
CA ALA A 731 -39.86 -52.35 1.86
C ALA A 731 -38.43 -52.81 1.59
N PRO A 732 -38.15 -53.34 0.40
CA PRO A 732 -36.76 -53.63 0.04
C PRO A 732 -35.91 -52.36 0.04
N VAL A 733 -34.61 -52.57 -0.12
CA VAL A 733 -33.65 -51.47 0.00
C VAL A 733 -33.71 -50.56 -1.23
N SER A 734 -34.05 -51.11 -2.40
CA SER A 734 -34.04 -50.33 -3.63
C SER A 734 -35.34 -49.54 -3.81
N ASN A 735 -36.00 -49.20 -2.70
CA ASN A 735 -37.17 -48.34 -2.72
C ASN A 735 -36.91 -47.01 -2.02
N TYR A 736 -35.67 -46.52 -2.08
CA TYR A 736 -35.29 -45.32 -1.35
C TYR A 736 -35.92 -44.04 -1.92
N LYS A 737 -36.65 -44.13 -3.03
CA LYS A 737 -37.37 -42.96 -3.54
C LYS A 737 -38.68 -42.74 -2.79
N SER A 738 -39.31 -43.81 -2.33
CA SER A 738 -40.61 -43.74 -1.68
C SER A 738 -40.54 -44.03 -0.18
N CYS A 739 -39.83 -45.09 0.21
CA CYS A 739 -39.65 -45.43 1.62
C CYS A 739 -38.41 -44.71 2.13
N LYS A 740 -38.56 -43.41 2.36
CA LYS A 740 -37.46 -42.55 2.79
C LYS A 740 -37.90 -41.69 3.96
N LEU A 741 -36.94 -41.37 4.83
CA LEU A 741 -37.20 -40.38 5.88
C LEU A 741 -37.47 -39.02 5.28
N SER A 742 -36.53 -38.51 4.48
CA SER A 742 -36.69 -37.27 3.74
C SER A 742 -35.60 -37.22 2.69
N GLY A 743 -35.57 -36.13 1.92
CA GLY A 743 -34.59 -35.93 0.87
C GLY A 743 -33.58 -34.86 1.26
N ILE A 744 -32.32 -35.11 0.98
CA ILE A 744 -31.23 -34.18 1.30
C ILE A 744 -31.07 -33.22 0.13
N PRO A 745 -31.15 -31.91 0.34
CA PRO A 745 -30.91 -30.98 -0.76
C PRO A 745 -29.46 -31.04 -1.21
N PRO A 746 -29.20 -30.80 -2.49
CA PRO A 746 -27.83 -30.89 -3.00
C PRO A 746 -27.01 -29.69 -2.56
N PRO A 747 -25.68 -29.82 -2.55
CA PRO A 747 -24.83 -28.65 -2.28
C PRO A 747 -25.07 -27.57 -3.33
N ALA A 748 -25.01 -26.31 -2.89
CA ALA A 748 -25.39 -25.22 -3.78
C ALA A 748 -24.34 -24.11 -3.76
N ILE A 749 -24.09 -23.52 -4.93
CA ILE A 749 -23.22 -22.38 -5.04
C ILE A 749 -24.05 -21.11 -4.91
N VAL A 750 -23.63 -20.22 -4.02
CA VAL A 750 -24.42 -19.05 -3.67
C VAL A 750 -23.64 -17.78 -3.99
N THR A 751 -24.40 -16.71 -4.17
CA THR A 751 -23.93 -15.37 -4.53
C THR A 751 -25.05 -14.38 -4.23
N ARG A 752 -24.77 -13.10 -4.48
CA ARG A 752 -25.78 -12.08 -4.24
C ARG A 752 -26.73 -11.99 -5.43
N GLU A 753 -27.88 -11.35 -5.20
CA GLU A 753 -28.93 -11.31 -6.22
C GLU A 753 -28.52 -10.49 -7.43
N GLU A 754 -27.65 -9.49 -7.24
CA GLU A 754 -27.16 -8.68 -8.36
C GLU A 754 -26.08 -9.38 -9.17
N SER A 755 -25.72 -10.61 -8.82
CA SER A 755 -24.67 -11.34 -9.52
C SER A 755 -25.13 -12.65 -10.12
N ILE A 756 -26.35 -13.11 -9.81
CA ILE A 756 -26.87 -14.39 -10.28
C ILE A 756 -26.67 -14.50 -11.79
N SER A 757 -27.39 -13.66 -12.54
CA SER A 757 -27.32 -13.67 -14.00
C SER A 757 -25.88 -13.64 -14.50
N ASP A 758 -24.98 -13.01 -13.75
CA ASP A 758 -23.56 -13.05 -14.10
C ASP A 758 -22.96 -14.41 -13.78
N VAL A 759 -22.98 -14.79 -12.50
CA VAL A 759 -22.26 -15.98 -12.04
C VAL A 759 -22.62 -17.19 -12.89
N VAL A 760 -23.93 -17.45 -13.01
CA VAL A 760 -24.47 -18.53 -13.84
C VAL A 760 -23.73 -18.61 -15.16
N ARG A 761 -23.77 -17.52 -15.94
CA ARG A 761 -23.18 -17.60 -17.29
C ARG A 761 -21.68 -17.85 -17.19
N ILE A 762 -21.00 -17.19 -16.25
CA ILE A 762 -19.56 -17.38 -16.13
C ILE A 762 -19.25 -18.82 -15.71
N VAL A 763 -20.19 -19.46 -15.00
CA VAL A 763 -20.04 -20.88 -14.73
C VAL A 763 -20.25 -21.69 -16.00
N ALA A 764 -21.31 -21.39 -16.75
CA ALA A 764 -21.61 -22.11 -17.98
C ALA A 764 -20.42 -22.06 -18.93
N ASN A 765 -19.94 -20.86 -19.23
CA ASN A 765 -18.73 -20.70 -20.03
C ASN A 765 -17.60 -21.57 -19.50
N GLN A 766 -17.40 -21.54 -18.19
CA GLN A 766 -16.26 -22.25 -17.61
C GLN A 766 -16.51 -23.75 -17.51
N GLN A 767 -17.73 -24.22 -17.74
CA GLN A 767 -18.01 -25.65 -17.65
C GLN A 767 -17.87 -26.35 -19.00
N SER A 768 -18.13 -25.65 -20.09
CA SER A 768 -17.88 -26.20 -21.42
C SER A 768 -16.40 -26.33 -21.73
N LEU A 769 -15.53 -25.72 -20.93
CA LEU A 769 -14.09 -25.78 -21.12
C LEU A 769 -13.41 -26.80 -20.22
N TYR A 770 -13.80 -26.87 -18.95
CA TYR A 770 -13.11 -27.71 -17.97
C TYR A 770 -14.05 -28.66 -17.24
N GLY A 771 -15.21 -28.95 -17.82
CA GLY A 771 -16.09 -29.94 -17.26
C GLY A 771 -15.58 -31.36 -17.49
N ARG A 772 -16.47 -32.33 -17.49
CA ARG A 772 -16.04 -33.71 -17.76
C ARG A 772 -15.91 -33.96 -19.25
N LYS A 773 -16.83 -33.41 -20.04
CA LYS A 773 -16.77 -33.48 -21.50
C LYS A 773 -16.43 -32.12 -22.12
N GLY A 774 -15.71 -31.29 -21.39
CA GLY A 774 -15.34 -29.99 -21.90
C GLY A 774 -14.29 -30.08 -22.97
N PHE A 775 -14.04 -28.93 -23.61
CA PHE A 775 -13.15 -28.89 -24.76
C PHE A 775 -11.69 -29.02 -24.37
N GLU A 776 -11.29 -28.44 -23.24
CA GLU A 776 -9.89 -28.46 -22.84
C GLU A 776 -9.71 -29.21 -21.54
N LYS A 777 -10.28 -30.41 -21.46
CA LYS A 777 -10.18 -31.20 -20.24
C LYS A 777 -8.77 -31.68 -19.98
N ASP A 778 -7.89 -31.63 -20.97
CA ASP A 778 -6.49 -31.96 -20.76
C ASP A 778 -5.72 -30.85 -20.06
N MET A 779 -6.27 -29.63 -20.02
CA MET A 779 -5.63 -28.51 -19.36
C MET A 779 -6.01 -28.40 -17.89
N PHE A 780 -7.29 -28.63 -17.57
CA PHE A 780 -7.79 -28.45 -16.22
C PHE A 780 -9.15 -29.13 -16.11
N GLN A 781 -9.41 -29.74 -14.95
CA GLN A 781 -10.70 -30.34 -14.64
C GLN A 781 -11.31 -29.63 -13.45
N LEU A 782 -12.60 -29.26 -13.59
CA LEU A 782 -13.31 -28.64 -12.49
C LEU A 782 -13.63 -29.60 -11.36
N PHE A 783 -13.59 -30.91 -11.62
CA PHE A 783 -14.05 -31.92 -10.68
C PHE A 783 -12.95 -32.93 -10.35
N SER A 784 -11.70 -32.50 -10.43
CA SER A 784 -10.56 -33.31 -10.05
C SER A 784 -9.36 -32.39 -9.91
N SER A 785 -8.39 -32.82 -9.10
CA SER A 785 -7.22 -31.99 -8.86
C SER A 785 -6.07 -32.86 -8.38
N ASN A 786 -4.87 -32.54 -8.88
CA ASN A 786 -3.63 -33.11 -8.34
C ASN A 786 -3.28 -32.54 -6.97
N LYS A 787 -4.00 -31.51 -6.51
CA LYS A 787 -3.73 -30.90 -5.22
C LYS A 787 -4.53 -31.50 -4.09
N GLY A 788 -5.57 -32.27 -4.39
CA GLY A 788 -6.38 -32.88 -3.36
C GLY A 788 -7.68 -33.42 -3.93
N ASN A 789 -8.53 -33.89 -3.03
CA ASN A 789 -9.82 -34.45 -3.38
C ASN A 789 -10.93 -33.62 -2.76
N ASN A 790 -12.04 -33.47 -3.49
CA ASN A 790 -13.21 -32.72 -3.05
C ASN A 790 -12.85 -31.26 -2.73
N LEU A 791 -12.10 -30.65 -3.64
CA LEU A 791 -11.76 -29.24 -3.54
C LEU A 791 -12.70 -28.43 -4.42
N LEU A 792 -13.11 -27.26 -3.91
CA LEU A 792 -14.07 -26.39 -4.58
C LEU A 792 -15.42 -27.08 -4.74
N PHE A 793 -15.44 -28.23 -5.40
CA PHE A 793 -16.62 -29.05 -5.54
C PHE A 793 -16.29 -30.50 -5.16
N ASN A 794 -17.31 -31.24 -4.76
CA ASN A 794 -17.12 -32.65 -4.45
C ASN A 794 -16.66 -33.39 -5.71
N ASP A 795 -15.74 -34.35 -5.52
CA ASP A 795 -15.11 -34.98 -6.68
C ASP A 795 -16.09 -35.83 -7.48
N ASN A 796 -17.07 -36.44 -6.82
CA ASN A 796 -18.07 -37.24 -7.54
C ASN A 796 -19.13 -36.37 -8.22
N THR A 797 -18.96 -35.05 -8.21
CA THR A 797 -19.89 -34.18 -8.91
C THR A 797 -19.84 -34.43 -10.42
N GLN A 798 -21.01 -34.49 -11.04
CA GLN A 798 -21.09 -34.67 -12.48
C GLN A 798 -21.00 -33.34 -13.23
N CYS A 799 -21.85 -32.38 -12.88
CA CYS A 799 -21.74 -31.04 -13.45
C CYS A 799 -22.46 -30.06 -12.52
N LEU A 800 -22.60 -28.82 -12.97
CA LEU A 800 -23.33 -27.78 -12.25
C LEU A 800 -24.50 -27.31 -13.10
N ILE A 801 -25.66 -27.16 -12.48
CA ILE A 801 -26.87 -26.75 -13.19
C ILE A 801 -27.40 -25.45 -12.60
N THR A 802 -27.78 -24.52 -13.47
CA THR A 802 -28.32 -23.23 -13.04
C THR A 802 -29.60 -23.44 -12.23
N PHE A 803 -29.62 -22.89 -11.02
CA PHE A 803 -30.76 -23.06 -10.13
C PHE A 803 -31.98 -22.35 -10.69
N ASP A 804 -33.02 -23.11 -11.04
CA ASP A 804 -34.28 -22.51 -11.45
C ASP A 804 -34.98 -21.93 -10.23
N ARG A 805 -35.54 -20.74 -10.39
CA ARG A 805 -36.17 -20.00 -9.29
C ARG A 805 -37.68 -20.12 -9.45
N GLN A 806 -38.25 -21.14 -8.81
CA GLN A 806 -39.69 -21.32 -8.84
C GLN A 806 -40.37 -20.20 -8.05
N PRO A 807 -41.62 -19.86 -8.40
CA PRO A 807 -42.33 -18.78 -7.67
C PRO A 807 -42.87 -19.22 -6.32
N LYS A 808 -41.98 -19.38 -5.35
CA LYS A 808 -42.38 -19.73 -3.99
C LYS A 808 -41.25 -19.31 -3.04
N ASP A 809 -41.36 -19.74 -1.79
CA ASP A 809 -40.40 -19.34 -0.77
C ASP A 809 -39.01 -19.86 -1.09
N ILE A 810 -37.99 -19.12 -0.65
CA ILE A 810 -36.61 -19.48 -0.97
C ILE A 810 -36.20 -20.75 -0.26
N MET A 811 -36.46 -20.83 1.06
CA MET A 811 -36.14 -22.04 1.80
C MET A 811 -36.98 -23.21 1.31
N GLU A 812 -38.25 -22.98 1.02
CA GLU A 812 -39.08 -24.05 0.47
C GLU A 812 -38.61 -24.44 -0.93
N ASP A 813 -37.95 -23.54 -1.64
CA ASP A 813 -37.49 -23.86 -2.99
C ASP A 813 -36.21 -24.68 -2.95
N TYR A 814 -35.22 -24.26 -2.16
CA TYR A 814 -33.98 -25.02 -2.06
C TYR A 814 -34.17 -26.29 -1.26
N PHE A 815 -34.54 -26.15 0.03
CA PHE A 815 -34.71 -27.32 0.88
C PHE A 815 -35.80 -28.24 0.35
N GLY A 816 -36.96 -27.67 0.01
CA GLY A 816 -38.13 -28.46 -0.29
C GLY A 816 -39.05 -28.53 0.91
N LYS A 817 -40.35 -28.37 0.70
CA LYS A 817 -41.34 -28.40 1.77
C LYS A 817 -41.13 -29.53 2.78
N PRO A 818 -40.85 -30.80 2.38
CA PRO A 818 -40.58 -31.84 3.39
C PRO A 818 -39.45 -31.49 4.34
N TYR A 819 -38.25 -31.27 3.79
CA TYR A 819 -37.08 -30.96 4.62
C TYR A 819 -37.33 -29.70 5.45
N TYR A 820 -37.84 -28.65 4.82
CA TYR A 820 -38.12 -27.39 5.52
C TYR A 820 -39.01 -27.64 6.74
N THR A 821 -40.20 -28.21 6.52
CA THR A 821 -41.16 -28.38 7.60
C THR A 821 -40.65 -29.34 8.67
N THR A 822 -39.90 -30.37 8.27
CA THR A 822 -39.49 -31.38 9.24
C THR A 822 -38.32 -30.91 10.11
N VAL A 823 -37.35 -30.21 9.52
CA VAL A 823 -36.15 -29.82 10.26
C VAL A 823 -36.32 -28.44 10.90
N TYR A 824 -36.73 -27.44 10.12
CA TYR A 824 -36.81 -26.07 10.60
C TYR A 824 -38.23 -25.65 10.97
N GLY A 825 -39.19 -26.57 10.88
CA GLY A 825 -40.56 -26.25 11.23
C GLY A 825 -41.20 -25.20 10.35
N ALA A 826 -40.72 -25.06 9.12
CA ALA A 826 -41.24 -24.08 8.16
C ALA A 826 -41.20 -22.67 8.75
N SER A 827 -40.16 -22.39 9.53
CA SER A 827 -40.02 -21.13 10.24
C SER A 827 -38.70 -20.47 9.90
N ARG A 828 -38.66 -19.16 10.06
CA ARG A 828 -37.44 -18.38 9.92
C ARG A 828 -36.87 -17.97 11.28
N SER A 829 -37.42 -18.51 12.37
CA SER A 829 -36.93 -18.23 13.72
C SER A 829 -36.37 -19.47 14.39
N ALA A 830 -36.16 -20.56 13.64
CA ALA A 830 -35.70 -21.81 14.23
C ALA A 830 -34.22 -21.77 14.62
N MET A 831 -33.45 -20.80 14.11
CA MET A 831 -32.03 -20.71 14.42
C MET A 831 -31.68 -19.26 14.76
N SER A 832 -30.67 -19.10 15.61
CA SER A 832 -30.20 -17.78 16.04
C SER A 832 -28.68 -17.84 16.17
N SER A 833 -27.99 -17.12 15.29
CA SER A 833 -26.54 -16.96 15.38
C SER A 833 -26.19 -15.51 15.17
N GLU A 834 -24.90 -15.18 15.34
CA GLU A 834 -24.46 -13.80 15.19
C GLU A 834 -24.65 -13.30 13.76
N LEU A 835 -24.58 -14.19 12.77
CA LEU A 835 -24.69 -13.74 11.39
C LEU A 835 -26.13 -13.34 11.05
N ILE A 836 -27.10 -14.15 11.47
CA ILE A 836 -28.50 -13.77 11.27
C ILE A 836 -28.81 -12.51 12.07
N SER A 837 -28.22 -12.37 13.26
CA SER A 837 -28.39 -11.16 14.04
C SER A 837 -27.79 -9.95 13.33
N ALA A 838 -26.76 -10.17 12.51
CA ALA A 838 -26.16 -9.08 11.74
C ALA A 838 -26.93 -8.79 10.47
N CYS A 839 -27.70 -9.76 9.95
CA CYS A 839 -28.58 -9.53 8.81
C CYS A 839 -29.98 -9.09 9.23
N THR A 840 -30.10 -8.50 10.41
CA THR A 840 -31.40 -8.19 11.00
C THR A 840 -31.64 -6.68 10.95
N ILE A 841 -32.85 -6.30 10.54
CA ILE A 841 -33.29 -4.91 10.65
C ILE A 841 -33.83 -4.71 12.06
N LYS A 842 -33.26 -3.73 12.77
CA LYS A 842 -33.67 -3.43 14.14
C LYS A 842 -34.80 -2.42 14.09
N HIS A 843 -36.04 -2.91 14.16
CA HIS A 843 -37.21 -2.03 14.17
C HIS A 843 -37.32 -1.34 15.51
N CYS A 844 -37.00 -0.05 15.55
CA CYS A 844 -37.05 0.71 16.79
C CYS A 844 -38.49 1.05 17.16
N SER A 845 -38.78 0.99 18.46
CA SER A 845 -40.09 1.36 18.98
C SER A 845 -39.94 1.82 20.42
N ASN A 846 -40.97 2.49 20.92
CA ASN A 846 -40.93 3.01 22.29
C ASN A 846 -40.94 1.86 23.31
N SER A 847 -41.55 0.74 22.96
CA SER A 847 -41.66 -0.39 23.87
C SER A 847 -42.19 -1.59 23.09
N LEU A 848 -42.16 -2.75 23.74
CA LEU A 848 -42.74 -3.96 23.18
C LEU A 848 -44.20 -4.14 23.59
N GLU A 849 -44.78 -3.16 24.27
CA GLU A 849 -46.17 -3.24 24.74
C GLU A 849 -47.16 -3.47 23.61
N VAL A 850 -46.76 -3.19 22.37
CA VAL A 850 -47.60 -3.49 21.21
C VAL A 850 -48.02 -4.96 21.14
N LEU A 851 -47.45 -5.84 21.95
CA LEU A 851 -47.85 -7.26 21.98
C LEU A 851 -47.66 -7.91 20.62
N LYS B 24 2.43 10.67 -38.46
CA LYS B 24 2.53 10.40 -37.03
C LYS B 24 1.98 11.58 -36.23
N GLN B 25 1.62 11.35 -34.97
CA GLN B 25 0.96 12.35 -34.16
C GLN B 25 1.74 12.61 -32.88
N VAL B 26 1.60 13.82 -32.36
CA VAL B 26 2.14 14.22 -31.06
C VAL B 26 1.05 15.02 -30.36
N ARG B 27 0.52 14.50 -29.26
CA ARG B 27 -0.60 15.12 -28.56
C ARG B 27 -0.08 15.84 -27.33
N TRP B 28 0.03 17.15 -27.41
CA TRP B 28 0.43 17.95 -26.27
C TRP B 28 -0.77 18.14 -25.33
N CYS B 29 -0.46 18.50 -24.08
CA CYS B 29 -1.48 18.66 -23.04
C CYS B 29 -1.46 20.08 -22.51
N ALA B 30 -2.50 20.85 -22.81
CA ALA B 30 -2.67 22.19 -22.29
C ALA B 30 -3.52 22.16 -21.04
N ILE B 31 -3.15 22.98 -20.05
CA ILE B 31 -3.85 23.01 -18.77
C ILE B 31 -4.87 24.12 -18.68
N SER B 32 -4.98 24.97 -19.71
CA SER B 32 -5.81 26.17 -19.61
C SER B 32 -6.25 26.58 -21.01
N ASP B 33 -7.16 27.55 -21.05
CA ASP B 33 -7.62 28.09 -22.33
C ASP B 33 -6.49 28.80 -23.06
N LEU B 34 -5.71 29.61 -22.34
CA LEU B 34 -4.60 30.33 -22.96
C LEU B 34 -3.58 29.36 -23.56
N GLU B 35 -3.30 28.27 -22.84
CA GLU B 35 -2.31 27.32 -23.34
C GLU B 35 -2.82 26.59 -24.58
N GLN B 36 -4.11 26.27 -24.62
CA GLN B 36 -4.67 25.66 -25.82
C GLN B 36 -4.68 26.63 -26.99
N LYS B 37 -4.93 27.92 -26.72
CA LYS B 37 -4.85 28.92 -27.78
C LYS B 37 -3.45 28.98 -28.37
N LYS B 38 -2.42 29.03 -27.51
CA LYS B 38 -1.05 29.02 -28.00
C LYS B 38 -0.73 27.73 -28.75
N CYS B 39 -1.24 26.60 -28.25
CA CYS B 39 -0.97 25.32 -28.90
C CYS B 39 -1.57 25.28 -30.30
N ASN B 40 -2.78 25.81 -30.47
CA ASN B 40 -3.39 25.85 -31.79
C ASN B 40 -2.72 26.88 -32.70
N ASP B 41 -2.22 27.99 -32.12
CA ASP B 41 -1.39 28.91 -32.89
C ASP B 41 -0.20 28.18 -33.48
N LEU B 42 0.46 27.34 -32.67
CA LEU B 42 1.61 26.59 -33.17
C LEU B 42 1.20 25.49 -34.14
N VAL B 43 0.02 24.90 -33.96
CA VAL B 43 -0.47 23.92 -34.92
C VAL B 43 -0.66 24.57 -36.28
N GLY B 44 -1.22 25.78 -36.30
CA GLY B 44 -1.43 26.46 -37.57
C GLY B 44 -0.15 26.97 -38.20
N SER B 45 0.73 27.58 -37.40
CA SER B 45 1.92 28.22 -37.96
C SER B 45 3.04 27.22 -38.20
N CYS B 46 3.40 26.44 -37.17
CA CYS B 46 4.55 25.55 -37.25
C CYS B 46 4.18 24.32 -38.07
N ASN B 47 4.80 24.18 -39.24
CA ASN B 47 4.56 23.06 -40.14
C ASN B 47 5.82 22.21 -40.18
N VAL B 48 5.83 21.12 -39.43
CA VAL B 48 6.88 20.12 -39.55
C VAL B 48 6.29 18.95 -40.34
N PRO B 49 7.03 18.35 -41.26
CA PRO B 49 6.46 17.28 -42.09
C PRO B 49 6.34 15.98 -41.31
N ASP B 50 5.34 15.19 -41.69
CA ASP B 50 5.11 13.83 -41.19
C ASP B 50 4.66 13.78 -39.74
N ILE B 51 4.73 14.91 -39.03
CA ILE B 51 4.37 14.97 -37.62
C ILE B 51 3.32 16.06 -37.46
N THR B 52 2.09 15.66 -37.14
CA THR B 52 0.99 16.59 -36.90
C THR B 52 0.81 16.80 -35.41
N LEU B 53 0.72 18.06 -34.99
CA LEU B 53 0.54 18.41 -33.59
C LEU B 53 -0.94 18.48 -33.25
N VAL B 54 -1.30 17.95 -32.08
CA VAL B 54 -2.67 17.92 -31.60
C VAL B 54 -2.70 18.42 -30.17
N CYS B 55 -3.72 19.22 -29.84
CA CYS B 55 -3.82 19.87 -28.54
C CYS B 55 -4.94 19.22 -27.73
N VAL B 56 -4.56 18.53 -26.66
CA VAL B 56 -5.52 17.96 -25.71
C VAL B 56 -5.61 18.90 -24.51
N LEU B 57 -6.83 19.19 -24.07
CA LEU B 57 -7.08 20.15 -23.00
C LEU B 57 -7.50 19.42 -21.73
N ARG B 58 -6.95 19.86 -20.60
CA ARG B 58 -7.33 19.34 -19.29
C ARG B 58 -7.48 20.53 -18.32
N SER B 59 -7.94 20.22 -17.12
CA SER B 59 -8.30 21.28 -16.17
C SER B 59 -7.09 21.82 -15.40
N SER B 60 -6.05 21.01 -15.21
CA SER B 60 -4.90 21.45 -14.41
C SER B 60 -3.69 20.61 -14.79
N THR B 61 -2.58 20.83 -14.08
CA THR B 61 -1.34 20.12 -14.35
C THR B 61 -1.48 18.63 -14.05
N GLU B 62 -2.07 18.29 -12.90
CA GLU B 62 -2.17 16.87 -12.53
C GLU B 62 -3.18 16.14 -13.42
N ASP B 63 -4.24 16.82 -13.86
CA ASP B 63 -5.16 16.19 -14.80
C ASP B 63 -4.47 15.92 -16.14
N CYS B 64 -3.59 16.82 -16.56
CA CYS B 64 -2.76 16.55 -17.74
C CYS B 64 -1.82 15.38 -17.50
N MET B 65 -1.21 15.29 -16.31
CA MET B 65 -0.32 14.18 -16.02
C MET B 65 -1.07 12.86 -16.04
N THR B 66 -2.31 12.86 -15.55
CA THR B 66 -3.14 11.66 -15.63
C THR B 66 -3.49 11.34 -17.08
N ALA B 67 -3.75 12.37 -17.88
CA ALA B 67 -4.05 12.15 -19.29
C ALA B 67 -2.86 11.52 -20.00
N ILE B 68 -1.64 11.90 -19.61
CA ILE B 68 -0.45 11.27 -20.19
C ILE B 68 -0.30 9.84 -19.67
N LYS B 69 -0.54 9.63 -18.37
CA LYS B 69 -0.43 8.30 -17.80
C LYS B 69 -1.40 7.33 -18.46
N ASP B 70 -2.58 7.82 -18.81
CA ASP B 70 -3.60 7.00 -19.45
C ASP B 70 -3.44 6.90 -20.96
N GLY B 71 -2.61 7.75 -21.57
CA GLY B 71 -2.42 7.72 -23.00
C GLY B 71 -3.26 8.69 -23.80
N GLN B 72 -4.07 9.52 -23.14
CA GLN B 72 -4.88 10.51 -23.85
C GLN B 72 -4.04 11.68 -24.36
N ALA B 73 -2.83 11.86 -23.83
CA ALA B 73 -1.89 12.86 -24.32
C ALA B 73 -0.53 12.21 -24.50
N ASP B 74 0.49 13.00 -24.83
CA ASP B 74 1.80 12.43 -25.09
C ASP B 74 2.90 13.08 -24.27
N ALA B 75 2.94 14.42 -24.22
CA ALA B 75 4.02 15.10 -23.54
C ALA B 75 3.51 16.40 -22.93
N MET B 76 4.25 16.89 -21.93
CA MET B 76 3.95 18.20 -21.37
C MET B 76 5.21 18.78 -20.76
N PHE B 77 5.13 20.05 -20.34
CA PHE B 77 6.23 20.69 -19.63
C PHE B 77 5.91 20.75 -18.14
N LEU B 78 6.92 20.50 -17.31
CA LEU B 78 6.75 20.41 -15.87
C LEU B 78 7.82 21.20 -15.14
N ASP B 79 7.43 21.77 -13.99
CA ASP B 79 8.38 22.36 -13.06
C ASP B 79 9.30 21.28 -12.51
N SER B 80 10.49 21.69 -12.09
CA SER B 80 11.43 20.75 -11.50
C SER B 80 10.84 20.10 -10.25
N GLY B 81 10.20 20.89 -9.40
CA GLY B 81 9.62 20.37 -8.16
C GLY B 81 8.53 19.34 -8.36
N GLU B 82 7.98 19.24 -9.56
CA GLU B 82 6.97 18.24 -9.88
C GLU B 82 7.55 16.97 -10.48
N VAL B 83 8.86 16.94 -10.74
CA VAL B 83 9.44 15.78 -11.43
C VAL B 83 9.37 14.55 -10.55
N TYR B 84 9.87 14.64 -9.32
CA TYR B 84 9.86 13.49 -8.42
C TYR B 84 8.45 12.94 -8.25
N GLU B 85 7.51 13.82 -7.88
CA GLU B 85 6.12 13.38 -7.72
C GLU B 85 5.60 12.73 -9.00
N ALA B 86 6.08 13.17 -10.17
CA ALA B 86 5.62 12.61 -11.42
C ALA B 86 6.20 11.23 -11.69
N SER B 87 7.36 10.92 -11.12
CA SER B 87 7.97 9.62 -11.40
C SER B 87 7.25 8.50 -10.66
N LYS B 88 6.60 8.82 -9.55
CA LYS B 88 5.90 7.83 -8.74
C LYS B 88 4.50 7.57 -9.27
N ASP B 89 3.75 6.76 -8.54
CA ASP B 89 2.32 6.64 -8.78
C ASP B 89 1.62 7.91 -8.29
N PRO B 90 0.44 8.24 -8.86
CA PRO B 90 -0.23 7.55 -9.96
C PRO B 90 0.00 8.25 -11.30
N TYR B 91 1.27 8.38 -11.71
CA TYR B 91 1.59 9.07 -12.96
C TYR B 91 2.65 8.32 -13.74
N ASN B 92 3.80 8.10 -13.12
CA ASN B 92 4.92 7.38 -13.73
C ASN B 92 5.34 8.03 -15.05
N LEU B 93 5.93 9.21 -14.91
CA LEU B 93 6.45 9.98 -16.03
C LEU B 93 7.93 10.21 -15.84
N LYS B 94 8.67 10.19 -16.94
CA LYS B 94 10.10 10.44 -16.90
C LYS B 94 10.43 11.68 -17.73
N PRO B 95 11.51 12.40 -17.37
CA PRO B 95 11.98 13.47 -18.24
C PRO B 95 12.58 12.90 -19.52
N ILE B 96 12.45 13.67 -20.61
CA ILE B 96 12.97 13.23 -21.90
C ILE B 96 13.71 14.37 -22.60
N ILE B 97 13.10 15.56 -22.59
CA ILE B 97 13.62 16.72 -23.30
C ILE B 97 13.72 17.88 -22.31
N ALA B 98 14.80 18.64 -22.39
CA ALA B 98 14.98 19.73 -21.44
C ALA B 98 16.03 20.70 -21.97
N GLU B 99 16.14 21.84 -21.29
CA GLU B 99 17.14 22.84 -21.64
C GLU B 99 18.46 22.49 -20.95
N PRO B 100 19.56 22.34 -21.69
CA PRO B 100 20.83 22.03 -21.03
C PRO B 100 21.27 23.18 -20.15
N TYR B 101 21.95 22.84 -19.04
CA TYR B 101 22.44 23.86 -18.13
C TYR B 101 23.45 24.78 -18.80
N SER B 102 24.15 24.29 -19.82
CA SER B 102 25.10 25.07 -20.62
C SER B 102 26.12 25.77 -19.70
N SER B 103 26.98 24.95 -19.12
CA SER B 103 27.97 25.41 -18.15
C SER B 103 29.28 25.70 -18.88
N ASN B 104 30.39 25.69 -18.13
CA ASN B 104 31.71 25.86 -18.74
C ASN B 104 32.12 24.64 -19.56
N ARG B 105 31.32 23.58 -19.56
CA ARG B 105 31.61 22.40 -20.37
C ARG B 105 31.71 22.77 -21.83
N ASP B 106 30.63 23.32 -22.39
CA ASP B 106 30.66 23.82 -23.76
C ASP B 106 31.12 25.28 -23.77
N LEU B 107 31.97 25.62 -24.73
CA LEU B 107 32.41 26.99 -24.93
C LEU B 107 31.77 27.64 -26.14
N GLN B 108 30.96 26.91 -26.91
CA GLN B 108 30.26 27.44 -28.07
C GLN B 108 28.97 28.16 -27.70
N LYS B 109 28.86 28.65 -26.46
CA LYS B 109 27.67 29.38 -26.06
C LYS B 109 27.51 30.67 -26.85
N CYS B 110 28.61 31.23 -27.35
CA CYS B 110 28.52 32.39 -28.22
C CYS B 110 27.72 32.07 -29.47
N LEU B 111 27.88 30.87 -30.03
CA LEU B 111 27.14 30.50 -31.23
C LEU B 111 25.64 30.47 -30.97
N LYS B 112 25.24 29.79 -29.88
CA LYS B 112 23.81 29.71 -29.56
C LYS B 112 23.23 31.08 -29.24
N GLU B 113 23.96 31.89 -28.46
CA GLU B 113 23.45 33.22 -28.15
C GLU B 113 23.40 34.12 -29.38
N ARG B 114 24.30 33.90 -30.34
CA ARG B 114 24.26 34.67 -31.58
C ARG B 114 23.06 34.29 -32.42
N GLN B 115 22.81 32.99 -32.56
CA GLN B 115 21.62 32.54 -33.27
C GLN B 115 20.35 33.02 -32.58
N GLN B 116 20.37 33.15 -31.25
CA GLN B 116 19.22 33.66 -30.53
C GLN B 116 19.02 35.15 -30.77
N ALA B 117 20.12 35.92 -30.71
CA ALA B 117 20.03 37.36 -30.92
C ALA B 117 19.61 37.68 -32.35
N LEU B 118 19.93 36.79 -33.30
CA LEU B 118 19.41 36.94 -34.65
C LEU B 118 17.92 36.58 -34.75
N ALA B 119 17.40 35.76 -33.82
CA ALA B 119 16.00 35.37 -33.83
C ALA B 119 15.08 36.43 -33.23
N LYS B 120 15.63 37.49 -32.63
CA LYS B 120 14.80 38.53 -32.05
C LYS B 120 14.14 39.39 -33.12
N LYS B 121 14.77 39.50 -34.30
CA LYS B 121 14.27 40.30 -35.41
C LYS B 121 14.09 41.77 -35.02
N MET B 122 15.06 42.29 -34.27
CA MET B 122 15.01 43.65 -33.75
C MET B 122 16.07 44.50 -34.42
N ILE B 123 15.70 45.73 -34.78
CA ILE B 123 16.62 46.66 -35.42
C ILE B 123 17.46 47.33 -34.33
N GLY B 124 18.73 46.94 -34.25
CA GLY B 124 19.63 47.51 -33.25
C GLY B 124 19.71 46.68 -31.99
N HIS B 125 20.06 45.40 -32.14
CA HIS B 125 20.16 44.48 -31.02
C HIS B 125 21.60 43.98 -30.89
N TYR B 126 21.98 43.59 -29.68
CA TYR B 126 23.34 43.14 -29.41
C TYR B 126 23.52 41.72 -29.93
N ILE B 127 24.37 41.58 -30.95
CA ILE B 127 24.76 40.28 -31.49
C ILE B 127 26.13 39.93 -30.90
N PRO B 128 26.26 38.83 -30.17
CA PRO B 128 27.55 38.49 -29.55
C PRO B 128 28.61 38.18 -30.60
N GLN B 129 29.69 38.95 -30.59
CA GLN B 129 30.81 38.69 -31.49
C GLN B 129 31.49 37.37 -31.11
N CYS B 130 31.60 36.47 -32.07
CA CYS B 130 32.10 35.13 -31.83
C CYS B 130 33.55 34.98 -32.29
N ASP B 131 34.28 34.11 -31.61
CA ASP B 131 35.56 33.62 -32.09
C ASP B 131 35.34 32.65 -33.25
N GLU B 132 36.42 32.32 -33.94
CA GLU B 132 36.33 31.34 -35.02
C GLU B 132 35.95 29.96 -34.48
N LYS B 133 36.46 29.60 -33.30
CA LYS B 133 36.06 28.34 -32.69
C LYS B 133 34.64 28.41 -32.14
N GLY B 134 34.21 29.58 -31.69
CA GLY B 134 32.92 29.74 -31.06
C GLY B 134 32.97 30.23 -29.63
N ASN B 135 34.13 30.19 -28.98
CA ASN B 135 34.25 30.72 -27.64
C ASN B 135 34.09 32.24 -27.65
N TYR B 136 33.76 32.79 -26.50
CA TYR B 136 33.42 34.21 -26.42
C TYR B 136 34.66 35.05 -26.72
N GLN B 137 34.64 35.72 -27.88
CA GLN B 137 35.72 36.61 -28.25
C GLN B 137 35.79 37.78 -27.25
N PRO B 138 36.98 38.15 -26.80
CA PRO B 138 37.09 39.31 -25.91
C PRO B 138 36.60 40.58 -26.60
N GLN B 139 36.03 41.49 -25.80
CA GLN B 139 35.48 42.76 -26.25
C GLN B 139 34.29 42.57 -27.18
N GLN B 140 33.09 42.54 -26.61
CA GLN B 140 31.86 42.53 -27.39
C GLN B 140 31.34 43.96 -27.51
N CYS B 141 30.82 44.32 -28.67
CA CYS B 141 30.35 45.69 -28.86
C CYS B 141 28.92 45.70 -29.38
N HIS B 142 28.27 46.85 -29.20
CA HIS B 142 26.89 47.09 -29.67
C HIS B 142 26.96 48.06 -30.83
N GLY B 143 26.44 47.66 -31.99
CA GLY B 143 26.61 48.46 -33.19
C GLY B 143 25.82 49.76 -33.17
N SER B 144 24.61 49.72 -32.62
CA SER B 144 23.75 50.90 -32.66
C SER B 144 24.27 52.02 -31.76
N THR B 145 24.77 51.67 -30.58
CA THR B 145 25.22 52.65 -29.60
C THR B 145 26.72 52.89 -29.63
N GLY B 146 27.51 51.99 -30.23
CA GLY B 146 28.94 52.16 -30.24
C GLY B 146 29.63 51.88 -28.92
N HIS B 147 28.90 51.41 -27.92
CA HIS B 147 29.49 51.10 -26.63
C HIS B 147 30.27 49.79 -26.71
N CYS B 148 31.33 49.70 -25.91
CA CYS B 148 32.16 48.52 -25.93
C CYS B 148 32.62 48.18 -24.51
N TRP B 149 32.73 46.88 -24.24
CA TRP B 149 33.01 46.36 -22.92
C TRP B 149 33.72 45.01 -23.05
N CYS B 150 34.42 44.61 -22.00
CA CYS B 150 35.14 43.34 -22.00
C CYS B 150 34.27 42.22 -21.42
N VAL B 151 34.65 40.98 -21.76
CA VAL B 151 33.99 39.78 -21.26
C VAL B 151 35.06 38.73 -20.97
N ASN B 152 34.70 37.76 -20.13
CA ASN B 152 35.61 36.65 -19.84
C ASN B 152 35.26 35.45 -20.70
N ALA B 153 35.52 34.24 -20.19
CA ALA B 153 35.33 33.03 -21.00
C ALA B 153 33.86 32.76 -21.28
N MET B 154 33.01 32.89 -20.27
CA MET B 154 31.58 32.59 -20.41
C MET B 154 30.76 33.78 -20.90
N GLY B 155 31.41 34.87 -21.28
CA GLY B 155 30.70 36.03 -21.79
C GLY B 155 29.98 36.80 -20.70
N GLU B 156 30.69 37.06 -19.60
CA GLU B 156 30.16 37.85 -18.49
C GLU B 156 30.78 39.23 -18.55
N LYS B 157 29.93 40.26 -18.60
CA LYS B 157 30.41 41.64 -18.66
C LYS B 157 31.28 41.97 -17.45
N ILE B 158 32.57 42.16 -17.67
CA ILE B 158 33.45 42.62 -16.61
C ILE B 158 32.98 43.99 -16.16
N SER B 159 32.49 44.08 -14.93
CA SER B 159 31.78 45.26 -14.47
C SER B 159 32.66 46.50 -14.57
N GLY B 160 32.10 47.56 -15.15
CA GLY B 160 32.77 48.83 -15.23
C GLY B 160 33.68 49.02 -16.43
N THR B 161 33.60 48.15 -17.43
CA THR B 161 34.41 48.29 -18.63
C THR B 161 33.63 48.87 -19.81
N ASN B 162 32.36 49.25 -19.60
CA ASN B 162 31.58 49.92 -20.63
C ASN B 162 32.21 51.27 -20.97
N THR B 163 32.80 51.38 -22.16
CA THR B 163 33.41 52.61 -22.61
C THR B 163 32.59 53.23 -23.72
N PRO B 164 32.35 54.53 -23.68
CA PRO B 164 31.56 55.17 -24.74
C PRO B 164 32.39 55.38 -25.99
N PRO B 165 31.75 55.49 -27.16
CA PRO B 165 32.50 55.73 -28.38
C PRO B 165 33.21 57.08 -28.33
N GLY B 166 34.47 57.08 -28.77
CA GLY B 166 35.32 58.24 -28.67
C GLY B 166 36.24 58.24 -27.47
N GLN B 167 36.20 57.20 -26.64
CA GLN B 167 37.00 57.07 -25.45
C GLN B 167 37.93 55.87 -25.59
N THR B 168 39.07 55.93 -24.92
CA THR B 168 40.04 54.84 -24.96
C THR B 168 39.39 53.54 -24.52
N ARG B 169 39.47 52.53 -25.38
CA ARG B 169 38.83 51.25 -25.11
C ARG B 169 39.54 50.51 -23.99
N ALA B 170 38.76 49.90 -23.10
CA ALA B 170 39.32 49.04 -22.08
C ALA B 170 39.94 47.82 -22.73
N THR B 171 41.27 47.75 -22.75
CA THR B 171 41.97 46.64 -23.39
C THR B 171 41.67 45.35 -22.65
N CYS B 172 41.03 44.41 -23.35
CA CYS B 172 40.59 43.17 -22.73
C CYS B 172 41.70 42.13 -22.73
N GLU B 173 41.81 41.40 -21.63
CA GLU B 173 42.74 40.28 -21.58
C GLU B 173 42.22 39.13 -22.41
N ARG B 174 43.15 38.35 -22.98
CA ARG B 174 42.77 37.21 -23.80
C ARG B 174 41.98 36.19 -23.00
N HIS B 175 42.30 36.03 -21.72
CA HIS B 175 41.69 35.01 -20.86
C HIS B 175 41.72 33.65 -21.55
N GLU B 176 42.84 33.33 -22.18
CA GLU B 176 43.00 32.04 -22.84
C GLU B 176 43.09 30.90 -21.83
N LEU B 177 43.55 31.19 -20.62
CA LEU B 177 43.71 30.23 -19.54
C LEU B 177 42.53 30.31 -18.56
N PRO B 178 42.03 29.17 -18.10
CA PRO B 178 41.02 29.19 -17.03
C PRO B 178 41.61 29.76 -15.75
N LYS B 179 40.74 29.93 -14.75
CA LYS B 179 41.17 30.56 -13.50
C LYS B 179 42.27 29.74 -12.83
N CYS B 180 42.12 28.42 -12.81
CA CYS B 180 43.10 27.56 -12.14
C CYS B 180 44.47 27.69 -12.80
N LEU B 181 44.54 27.63 -14.13
CA LEU B 181 45.82 27.81 -14.80
C LEU B 181 46.30 29.26 -14.69
N LYS B 182 45.36 30.22 -14.65
CA LYS B 182 45.74 31.61 -14.51
C LYS B 182 46.48 31.86 -13.19
N GLU B 183 46.04 31.21 -12.11
CA GLU B 183 46.79 31.31 -10.87
C GLU B 183 47.95 30.31 -10.80
N ARG B 184 47.95 29.28 -11.63
CA ARG B 184 49.12 28.43 -11.77
C ARG B 184 50.28 29.21 -12.39
N GLN B 185 49.98 30.20 -13.22
CA GLN B 185 51.02 31.13 -13.67
C GLN B 185 51.77 31.74 -12.50
N VAL B 186 51.05 32.10 -11.43
CA VAL B 186 51.69 32.64 -10.24
C VAL B 186 52.59 31.57 -9.65
N ALA B 187 53.89 31.86 -9.60
CA ALA B 187 54.90 30.93 -9.12
C ALA B 187 54.86 29.61 -9.91
N PHE B 198 50.65 28.92 -2.75
CA PHE B 198 50.50 27.48 -2.79
C PHE B 198 50.46 27.02 -4.25
N VAL B 199 50.23 25.73 -4.47
CA VAL B 199 50.15 25.19 -5.81
C VAL B 199 48.85 24.40 -5.97
N PRO B 200 47.76 25.04 -6.40
CA PRO B 200 46.55 24.27 -6.72
C PRO B 200 46.78 23.44 -7.97
N GLN B 201 46.47 22.15 -7.87
CA GLN B 201 46.58 21.26 -9.02
C GLN B 201 45.32 21.36 -9.87
N CYS B 202 45.51 21.52 -11.18
CA CYS B 202 44.42 21.60 -12.14
C CYS B 202 44.37 20.33 -12.97
N ASP B 203 43.26 20.16 -13.68
CA ASP B 203 43.06 18.99 -14.52
C ASP B 203 43.53 19.31 -15.94
N GLU B 204 43.14 18.48 -16.91
CA GLU B 204 43.58 18.71 -18.28
C GLU B 204 42.85 19.90 -18.90
N LYS B 205 41.55 20.02 -18.66
CA LYS B 205 40.79 21.16 -19.20
C LYS B 205 41.28 22.48 -18.62
N GLY B 206 41.77 22.47 -17.38
CA GLY B 206 42.24 23.67 -16.73
C GLY B 206 41.38 24.17 -15.59
N ASN B 207 40.29 23.48 -15.26
CA ASN B 207 39.48 23.87 -14.12
C ASN B 207 40.12 23.36 -12.84
N TYR B 208 39.54 23.75 -11.70
CA TYR B 208 40.06 23.33 -10.41
C TYR B 208 39.75 21.88 -10.12
N GLU B 209 40.69 21.19 -9.48
CA GLU B 209 40.44 19.86 -8.98
C GLU B 209 39.62 19.93 -7.69
N PRO B 210 38.70 18.99 -7.47
CA PRO B 210 37.90 19.04 -6.23
C PRO B 210 38.71 18.95 -4.96
N GLN B 211 39.70 18.06 -4.91
CA GLN B 211 40.55 17.88 -3.74
C GLN B 211 41.85 18.66 -3.94
N GLN B 212 42.15 19.54 -3.00
CA GLN B 212 43.37 20.34 -3.05
C GLN B 212 44.27 19.98 -1.88
N PHE B 213 45.53 19.67 -2.18
CA PHE B 213 46.53 19.27 -1.20
C PHE B 213 47.66 20.30 -1.21
N HIS B 214 47.93 20.89 -0.05
CA HIS B 214 49.02 21.84 0.09
C HIS B 214 50.34 21.09 0.16
N GLY B 215 51.35 21.61 -0.53
CA GLY B 215 52.63 20.90 -0.60
C GLY B 215 53.44 21.04 0.68
N SER B 216 53.56 22.26 1.17
CA SER B 216 54.43 22.52 2.32
C SER B 216 53.91 21.79 3.56
N THR B 217 52.69 22.10 3.99
CA THR B 217 52.06 21.38 5.07
C THR B 217 51.41 20.10 4.54
N GLY B 218 50.75 19.36 5.42
CA GLY B 218 49.95 18.22 5.03
C GLY B 218 48.48 18.52 4.94
N TYR B 219 48.09 19.79 5.03
CA TYR B 219 46.68 20.16 5.04
C TYR B 219 46.05 19.93 3.67
N SER B 220 44.78 19.51 3.67
CA SER B 220 44.04 19.27 2.45
C SER B 220 42.60 19.73 2.63
N TRP B 221 41.98 20.16 1.53
CA TRP B 221 40.62 20.71 1.58
C TRP B 221 39.92 20.48 0.26
N CYS B 222 38.70 20.99 0.16
CA CYS B 222 37.90 20.93 -1.05
C CYS B 222 37.58 22.34 -1.53
N VAL B 223 37.26 22.45 -2.83
CA VAL B 223 36.92 23.72 -3.45
C VAL B 223 35.70 23.51 -4.34
N ASN B 224 35.22 24.61 -4.92
CA ASN B 224 33.96 24.59 -5.66
C ASN B 224 34.14 25.12 -7.08
N ALA B 225 35.00 24.49 -7.86
CA ALA B 225 35.24 24.84 -9.27
C ALA B 225 35.81 26.24 -9.45
N ILE B 226 35.38 27.21 -8.63
CA ILE B 226 35.93 28.55 -8.73
C ILE B 226 37.26 28.65 -7.98
N GLY B 227 37.47 27.79 -7.00
CA GLY B 227 38.64 27.81 -6.15
C GLY B 227 38.43 28.32 -4.71
N GLU B 228 37.23 28.24 -4.18
CA GLU B 228 36.93 28.69 -2.82
C GLU B 228 36.77 27.49 -1.90
N GLU B 229 37.36 27.57 -0.71
CA GLU B 229 37.27 26.46 0.23
C GLU B 229 35.85 26.27 0.72
N ILE B 230 35.42 25.02 0.81
CA ILE B 230 34.14 24.68 1.43
C ILE B 230 34.35 24.60 2.94
N ALA B 231 33.47 25.25 3.70
CA ALA B 231 33.62 25.28 5.15
C ALA B 231 33.46 23.88 5.73
N GLY B 232 34.47 23.42 6.46
CA GLY B 232 34.44 22.13 7.10
C GLY B 232 35.28 21.06 6.45
N THR B 233 35.91 21.34 5.31
CA THR B 233 36.73 20.38 4.61
C THR B 233 38.21 20.46 4.99
N LYS B 234 38.56 21.35 5.92
CA LYS B 234 39.94 21.44 6.40
C LYS B 234 40.27 20.21 7.24
N THR B 235 41.16 19.38 6.73
CA THR B 235 41.57 18.16 7.42
C THR B 235 43.08 18.19 7.70
N PRO B 236 43.49 18.26 8.96
CA PRO B 236 44.93 18.18 9.26
C PRO B 236 45.52 16.91 8.74
N PRO B 237 46.82 16.88 8.44
CA PRO B 237 47.47 15.63 8.01
C PRO B 237 47.41 14.58 9.11
N GLY B 238 47.50 13.33 8.69
CA GLY B 238 47.31 12.21 9.60
C GLY B 238 45.87 11.92 9.94
N LYS B 239 44.93 12.67 9.40
CA LYS B 239 43.51 12.46 9.62
C LYS B 239 42.80 12.23 8.29
N ILE B 240 41.79 11.39 8.32
CA ILE B 240 41.04 11.05 7.09
C ILE B 240 40.49 12.32 6.48
N PRO B 241 40.74 12.59 5.19
CA PRO B 241 40.24 13.81 4.57
C PRO B 241 38.82 13.68 4.06
N ALA B 242 38.13 14.81 4.03
CA ALA B 242 36.76 14.85 3.55
C ALA B 242 36.71 14.57 2.05
N THR B 243 35.81 13.68 1.65
CA THR B 243 35.69 13.30 0.24
C THR B 243 35.02 14.45 -0.52
N CYS B 244 35.75 15.07 -1.43
CA CYS B 244 35.23 16.20 -2.18
C CYS B 244 34.26 15.75 -3.26
N GLN B 245 33.31 16.61 -3.57
CA GLN B 245 32.34 16.37 -4.63
C GLN B 245 32.65 17.26 -5.83
N LYS B 246 32.47 16.70 -7.02
CA LYS B 246 32.76 17.44 -8.24
C LYS B 246 31.78 18.58 -8.44
N HIS B 247 32.29 19.75 -8.80
CA HIS B 247 31.48 20.95 -8.96
C HIS B 247 31.55 21.45 -10.40
N ASP B 248 30.53 22.23 -10.77
CA ASP B 248 30.37 22.70 -12.14
C ASP B 248 29.70 24.07 -12.08
N LEU B 249 30.26 25.04 -12.80
CA LEU B 249 29.81 26.42 -12.71
C LEU B 249 28.86 26.73 -13.86
N VAL B 250 27.59 27.00 -13.53
CA VAL B 250 26.59 27.44 -14.50
C VAL B 250 26.50 28.96 -14.43
N THR B 251 26.26 29.58 -15.59
CA THR B 251 26.32 31.04 -15.71
C THR B 251 24.99 31.70 -15.34
N THR B 252 23.93 31.38 -16.07
CA THR B 252 22.62 31.97 -15.84
C THR B 252 21.82 31.08 -14.90
N CYS B 253 21.40 31.64 -13.76
CA CYS B 253 20.69 30.88 -12.74
C CYS B 253 19.38 31.57 -12.38
N HIS B 254 18.37 30.77 -12.08
CA HIS B 254 17.06 31.26 -11.68
C HIS B 254 16.83 30.95 -10.21
N TYR B 255 16.40 31.96 -9.45
CA TYR B 255 16.26 31.87 -8.00
C TYR B 255 14.79 31.93 -7.61
N ALA B 256 14.49 31.41 -6.43
CA ALA B 256 13.18 31.51 -5.81
C ALA B 256 13.21 32.62 -4.76
N VAL B 257 12.30 33.59 -4.89
CA VAL B 257 12.35 34.79 -4.07
C VAL B 257 11.00 35.06 -3.44
N ALA B 258 11.04 35.88 -2.39
CA ALA B 258 9.85 36.40 -1.70
C ALA B 258 9.81 37.90 -1.93
N MET B 259 8.80 38.36 -2.68
CA MET B 259 8.60 39.77 -2.99
C MET B 259 7.51 40.34 -2.08
N VAL B 260 7.73 41.55 -1.60
CA VAL B 260 6.78 42.27 -0.75
C VAL B 260 6.67 43.70 -1.25
N LYS B 261 5.64 44.39 -0.78
CA LYS B 261 5.49 45.82 -1.02
C LYS B 261 6.23 46.61 0.04
N LYS B 262 6.81 47.74 -0.37
CA LYS B 262 7.54 48.57 0.58
C LYS B 262 6.64 49.15 1.65
N SER B 263 5.33 49.24 1.40
CA SER B 263 4.40 49.77 2.39
C SER B 263 4.32 48.88 3.62
N SER B 264 4.54 47.58 3.46
CA SER B 264 4.48 46.67 4.59
C SER B 264 5.73 46.83 5.47
N ALA B 265 5.65 46.26 6.68
CA ALA B 265 6.71 46.42 7.67
C ALA B 265 7.21 45.12 8.27
N PHE B 266 6.60 43.98 7.93
CA PHE B 266 6.99 42.72 8.53
C PHE B 266 8.31 42.21 7.95
N GLN B 267 8.98 41.36 8.72
CA GLN B 267 10.19 40.69 8.28
C GLN B 267 9.91 39.19 8.13
N PHE B 268 10.94 38.47 7.68
CA PHE B 268 10.75 37.06 7.32
C PHE B 268 10.30 36.24 8.51
N ASN B 269 10.83 36.52 9.69
CA ASN B 269 10.43 35.79 10.89
C ASN B 269 9.04 36.18 11.39
N GLN B 270 8.37 37.11 10.72
CA GLN B 270 7.02 37.54 11.08
C GLN B 270 6.01 37.13 10.02
N LEU B 271 6.16 35.91 9.50
CA LEU B 271 5.33 35.43 8.41
C LEU B 271 4.07 34.72 8.87
N LYS B 272 4.08 34.13 10.07
CA LYS B 272 2.87 33.54 10.61
C LYS B 272 1.80 34.61 10.77
N GLY B 273 0.57 34.27 10.40
CA GLY B 273 -0.54 35.19 10.41
C GLY B 273 -0.74 35.96 9.13
N LYS B 274 0.29 36.03 8.29
CA LYS B 274 0.22 36.80 7.06
C LYS B 274 -0.49 36.01 5.97
N ARG B 275 -1.02 36.75 5.00
CA ARG B 275 -1.62 36.19 3.80
C ARG B 275 -0.61 36.21 2.66
N SER B 276 -0.62 35.17 1.82
CA SER B 276 0.43 35.00 0.84
C SER B 276 -0.15 34.63 -0.53
N CYS B 277 0.67 34.87 -1.56
CA CYS B 277 0.37 34.49 -2.94
C CYS B 277 1.50 33.61 -3.43
N HIS B 278 1.17 32.40 -3.86
CA HIS B 278 2.16 31.45 -4.33
C HIS B 278 1.90 31.12 -5.79
N SER B 279 2.98 30.80 -6.51
CA SER B 279 2.83 30.44 -7.92
C SER B 279 2.13 29.09 -8.07
N GLY B 280 2.45 28.13 -7.20
CA GLY B 280 1.86 26.81 -7.26
C GLY B 280 2.26 25.93 -6.09
N VAL B 281 1.37 25.03 -5.67
CA VAL B 281 1.64 24.22 -4.48
C VAL B 281 2.67 23.15 -4.78
N SER B 282 2.78 22.73 -6.03
CA SER B 282 3.67 21.66 -6.42
C SER B 282 4.94 22.15 -7.09
N LYS B 283 5.12 23.46 -7.23
CA LYS B 283 6.32 24.01 -7.83
C LYS B 283 7.34 24.34 -6.75
N THR B 284 8.60 23.94 -6.97
CA THR B 284 9.67 24.36 -6.08
C THR B 284 9.76 25.88 -6.04
N ASP B 285 9.30 26.52 -7.10
CA ASP B 285 9.19 27.97 -7.12
C ASP B 285 7.91 28.37 -6.39
N GLY B 286 8.06 28.97 -5.22
CA GLY B 286 6.93 29.48 -4.45
C GLY B 286 6.48 28.58 -3.31
N TRP B 287 6.82 27.29 -3.34
CA TRP B 287 6.39 26.39 -2.27
C TRP B 287 7.56 25.63 -1.66
N LYS B 288 8.12 24.68 -2.41
CA LYS B 288 9.06 23.72 -1.83
C LYS B 288 10.28 24.42 -1.23
N ALA B 289 10.90 25.32 -1.99
CA ALA B 289 12.02 26.09 -1.44
C ALA B 289 11.59 26.89 -0.21
N LEU B 290 10.42 27.53 -0.29
CA LEU B 290 9.90 28.25 0.86
C LEU B 290 9.72 27.33 2.06
N VAL B 291 9.20 26.13 1.83
CA VAL B 291 8.97 25.21 2.94
C VAL B 291 10.29 24.77 3.56
N THR B 292 11.30 24.52 2.73
CA THR B 292 12.60 24.13 3.27
C THR B 292 13.20 25.26 4.09
N VAL B 293 13.06 26.51 3.63
CA VAL B 293 13.57 27.63 4.41
C VAL B 293 12.81 27.75 5.73
N LEU B 294 11.49 27.60 5.69
CA LEU B 294 10.67 27.72 6.90
C LEU B 294 11.02 26.64 7.91
N VAL B 295 11.37 25.44 7.45
CA VAL B 295 11.78 24.38 8.37
C VAL B 295 13.18 24.65 8.91
N GLU B 296 14.11 25.08 8.05
CA GLU B 296 15.48 25.32 8.49
C GLU B 296 15.56 26.45 9.50
N LYS B 297 14.62 27.40 9.47
CA LYS B 297 14.56 28.47 10.44
C LYS B 297 13.70 28.13 11.65
N LYS B 298 13.08 26.94 11.67
CA LYS B 298 12.18 26.50 12.74
C LYS B 298 10.98 27.42 12.91
N LEU B 299 10.64 28.20 11.88
CA LEU B 299 9.47 29.06 11.91
C LEU B 299 8.18 28.29 11.71
N LEU B 300 8.25 27.09 11.16
CA LEU B 300 7.06 26.30 10.85
C LEU B 300 6.93 25.17 11.87
N SER B 301 5.80 25.14 12.57
CA SER B 301 5.50 24.08 13.51
C SER B 301 5.03 22.87 12.72
N TRP B 302 5.96 21.98 12.40
CA TRP B 302 5.66 20.76 11.65
C TRP B 302 6.35 19.58 12.31
N ASP B 303 5.67 18.42 12.30
CA ASP B 303 6.20 17.20 12.91
C ASP B 303 6.83 16.25 11.91
N GLY B 304 6.57 16.42 10.61
CA GLY B 304 7.16 15.55 9.61
C GLY B 304 6.10 14.94 8.73
N PRO B 305 6.49 14.45 7.55
CA PRO B 305 5.48 13.92 6.61
C PRO B 305 4.80 12.66 7.09
N ALA B 306 5.24 12.06 8.20
CA ALA B 306 4.65 10.81 8.67
C ALA B 306 3.49 11.03 9.63
N LYS B 307 3.47 12.16 10.34
CA LYS B 307 2.42 12.48 11.29
C LYS B 307 1.52 13.63 10.84
N GLU B 308 1.90 14.35 9.79
CA GLU B 308 1.10 15.47 9.30
C GLU B 308 1.54 15.82 7.89
N SER B 309 0.56 15.97 7.00
CA SER B 309 0.87 16.42 5.65
C SER B 309 1.35 17.86 5.68
N ILE B 310 2.25 18.19 4.73
CA ILE B 310 2.86 19.51 4.73
C ILE B 310 1.84 20.60 4.43
N GLN B 311 0.83 20.30 3.60
CA GLN B 311 -0.22 21.28 3.35
C GLN B 311 -0.98 21.60 4.63
N ARG B 312 -1.27 20.58 5.44
CA ARG B 312 -1.97 20.80 6.69
C ARG B 312 -1.14 21.67 7.63
N ALA B 313 0.17 21.45 7.67
CA ALA B 313 1.03 22.27 8.52
C ALA B 313 1.09 23.70 8.04
N MET B 314 1.12 23.90 6.72
CA MET B 314 1.21 25.25 6.17
C MET B 314 -0.11 26.01 6.30
N SER B 315 -1.24 25.30 6.29
CA SER B 315 -2.53 25.96 6.46
C SER B 315 -2.68 26.52 7.87
N LYS B 316 -2.11 25.85 8.86
CA LYS B 316 -2.09 26.38 10.23
C LYS B 316 -1.04 27.47 10.40
N PHE B 317 -0.07 27.56 9.49
CA PHE B 317 0.90 28.66 9.54
C PHE B 317 0.35 29.90 8.85
N PHE B 318 -0.14 29.75 7.62
CA PHE B 318 -0.71 30.88 6.90
C PHE B 318 -2.17 31.08 7.26
N SER B 319 -2.72 32.21 6.82
CA SER B 319 -4.13 32.51 6.97
C SER B 319 -4.62 33.17 5.69
N VAL B 320 -5.67 32.58 5.10
CA VAL B 320 -6.21 32.96 3.79
C VAL B 320 -5.12 33.34 2.80
N SER B 321 -4.65 32.37 2.03
CA SER B 321 -3.66 32.58 0.99
C SER B 321 -4.22 32.16 -0.35
N CYS B 322 -3.39 32.31 -1.40
CA CYS B 322 -3.72 31.82 -2.74
C CYS B 322 -2.59 30.93 -3.22
N ILE B 323 -2.80 29.62 -3.12
CA ILE B 323 -1.81 28.63 -3.51
C ILE B 323 -2.46 27.64 -4.45
N PRO B 324 -2.38 27.84 -5.77
CA PRO B 324 -3.08 26.98 -6.72
C PRO B 324 -2.71 25.51 -6.54
N GLY B 325 -3.73 24.66 -6.57
CA GLY B 325 -3.57 23.24 -6.37
C GLY B 325 -3.70 22.78 -4.94
N ALA B 326 -3.82 23.70 -3.98
CA ALA B 326 -3.93 23.31 -2.58
C ALA B 326 -5.27 22.63 -2.30
N THR B 327 -5.25 21.74 -1.31
CA THR B 327 -6.45 21.08 -0.83
C THR B 327 -6.91 21.59 0.53
N GLN B 328 -6.16 22.50 1.14
CA GLN B 328 -6.60 23.18 2.35
C GLN B 328 -7.36 24.43 1.95
N THR B 329 -8.64 24.50 2.35
CA THR B 329 -9.54 25.50 1.78
C THR B 329 -9.09 26.92 2.11
N ASN B 330 -8.55 27.14 3.31
CA ASN B 330 -8.10 28.49 3.65
C ASN B 330 -6.90 28.91 2.82
N LEU B 331 -6.15 27.96 2.27
CA LEU B 331 -5.07 28.30 1.34
C LEU B 331 -5.58 28.60 -0.06
N CYS B 332 -6.89 28.50 -0.31
CA CYS B 332 -7.48 28.82 -1.60
C CYS B 332 -8.37 30.06 -1.59
N LYS B 333 -8.46 30.75 -0.46
CA LYS B 333 -9.45 31.83 -0.32
C LYS B 333 -9.12 33.02 -1.20
N GLN B 334 -7.85 33.42 -1.26
CA GLN B 334 -7.46 34.66 -1.92
C GLN B 334 -7.44 34.59 -3.43
N CYS B 335 -7.80 33.46 -4.03
CA CYS B 335 -7.70 33.30 -5.48
C CYS B 335 -8.97 33.80 -6.18
N LYS B 336 -8.79 34.25 -7.42
CA LYS B 336 -9.76 35.08 -8.13
C LYS B 336 -10.58 34.31 -9.17
N GLY B 337 -10.29 33.03 -9.38
CA GLY B 337 -10.98 32.29 -10.41
C GLY B 337 -12.45 32.08 -10.09
N GLU B 338 -13.26 31.97 -11.15
CA GLU B 338 -14.68 31.75 -10.98
C GLU B 338 -14.93 30.30 -10.57
N GLU B 339 -16.20 29.90 -10.58
CA GLU B 339 -16.57 28.55 -10.16
C GLU B 339 -16.05 27.52 -11.14
N GLY B 340 -15.46 26.46 -10.60
CA GLY B 340 -14.82 25.43 -11.41
C GLY B 340 -13.39 25.73 -11.78
N LYS B 341 -12.99 27.00 -11.81
CA LYS B 341 -11.63 27.39 -12.10
C LYS B 341 -10.87 27.89 -10.88
N ASN B 342 -11.52 28.00 -9.73
CA ASN B 342 -10.86 28.52 -8.54
C ASN B 342 -9.85 27.52 -8.00
N CYS B 343 -8.64 28.00 -7.69
CA CYS B 343 -7.55 27.24 -7.08
C CYS B 343 -7.05 26.09 -7.95
N LYS B 344 -7.25 26.15 -9.26
CA LYS B 344 -6.73 25.13 -10.15
C LYS B 344 -5.27 25.40 -10.51
N ASN B 345 -4.51 24.33 -10.75
CA ASN B 345 -3.16 24.42 -11.28
C ASN B 345 -3.20 24.73 -12.78
N SER B 346 -3.74 25.91 -13.11
CA SER B 346 -4.06 26.24 -14.48
C SER B 346 -4.07 27.76 -14.65
N HIS B 347 -3.73 28.21 -15.86
CA HIS B 347 -3.82 29.63 -16.16
C HIS B 347 -5.26 30.14 -16.16
N ASP B 348 -6.25 29.24 -16.08
CA ASP B 348 -7.63 29.67 -15.84
C ASP B 348 -7.73 30.47 -14.56
N GLU B 349 -7.02 30.05 -13.52
CA GLU B 349 -6.87 30.86 -12.33
C GLU B 349 -6.00 32.08 -12.65
N PRO B 350 -6.49 33.30 -12.47
CA PRO B 350 -5.66 34.47 -12.80
C PRO B 350 -4.43 34.61 -11.92
N TYR B 351 -4.40 33.96 -10.76
CA TYR B 351 -3.28 34.08 -9.84
C TYR B 351 -2.30 32.91 -9.93
N TYR B 352 -2.45 32.05 -10.93
CA TYR B 352 -1.55 30.92 -11.10
C TYR B 352 -0.24 31.37 -11.75
N GLY B 353 0.84 30.68 -11.40
CA GLY B 353 2.13 30.96 -11.99
C GLY B 353 2.81 32.17 -11.36
N ASN B 354 3.99 32.48 -11.89
CA ASN B 354 4.79 33.56 -11.36
C ASN B 354 4.08 34.91 -11.51
N TYR B 355 3.69 35.22 -12.74
CA TYR B 355 3.01 36.50 -12.99
C TYR B 355 1.65 36.53 -12.31
N GLY B 356 0.99 35.38 -12.18
CA GLY B 356 -0.26 35.34 -11.44
C GLY B 356 -0.09 35.68 -9.98
N ALA B 357 0.94 35.11 -9.33
CA ALA B 357 1.22 35.46 -7.94
C ALA B 357 1.63 36.93 -7.81
N PHE B 358 2.33 37.46 -8.81
CA PHE B 358 2.66 38.88 -8.77
C PHE B 358 1.41 39.74 -8.85
N ARG B 359 0.46 39.35 -9.71
CA ARG B 359 -0.80 40.07 -9.79
C ARG B 359 -1.57 39.97 -8.48
N CYS B 360 -1.49 38.81 -7.82
CA CYS B 360 -2.13 38.64 -6.52
C CYS B 360 -1.53 39.58 -5.48
N LEU B 361 -0.20 39.75 -5.50
CA LEU B 361 0.42 40.69 -4.58
C LEU B 361 0.07 42.13 -4.92
N LYS B 362 0.00 42.45 -6.21
CA LYS B 362 -0.28 43.82 -6.63
C LYS B 362 -1.69 44.24 -6.20
N GLU B 363 -2.68 43.38 -6.44
CA GLU B 363 -4.06 43.67 -6.13
C GLU B 363 -4.39 43.52 -4.65
N ASP B 364 -3.39 43.59 -3.78
CA ASP B 364 -3.54 43.60 -2.33
C ASP B 364 -4.21 42.34 -1.79
N MET B 365 -4.33 41.29 -2.60
CA MET B 365 -4.89 40.02 -2.15
C MET B 365 -3.88 39.18 -1.38
N GLY B 366 -2.69 39.69 -1.12
CA GLY B 366 -1.71 38.99 -0.31
C GLY B 366 -0.67 39.95 0.20
N ASP B 367 -0.04 39.59 1.31
CA ASP B 367 1.01 40.41 1.89
C ASP B 367 2.39 40.09 1.32
N VAL B 368 2.55 38.92 0.68
CA VAL B 368 3.84 38.49 0.16
C VAL B 368 3.59 37.54 -0.99
N ALA B 369 4.49 37.57 -1.98
CA ALA B 369 4.42 36.66 -3.12
C ALA B 369 5.69 35.83 -3.17
N PHE B 370 5.54 34.54 -3.43
CA PHE B 370 6.69 33.64 -3.56
C PHE B 370 6.76 33.17 -5.01
N LEU B 371 7.82 33.56 -5.71
CA LEU B 371 7.84 33.37 -7.16
C LEU B 371 9.28 33.39 -7.66
N ARG B 372 9.43 33.17 -8.98
CA ARG B 372 10.71 33.00 -9.63
C ARG B 372 11.33 34.35 -9.99
N SER B 373 12.66 34.36 -10.13
CA SER B 373 13.36 35.60 -10.44
C SER B 373 13.06 36.10 -11.85
N THR B 374 12.56 35.24 -12.73
CA THR B 374 12.28 35.63 -14.10
C THR B 374 11.17 36.68 -14.18
N ALA B 375 10.38 36.84 -13.12
CA ALA B 375 9.25 37.77 -13.11
C ALA B 375 9.62 39.13 -12.53
N LEU B 376 10.91 39.43 -12.37
CA LEU B 376 11.35 40.71 -11.83
C LEU B 376 11.81 41.62 -12.96
N SER B 377 11.43 42.90 -12.86
CA SER B 377 11.89 43.94 -13.78
C SER B 377 12.17 45.20 -12.98
N ASP B 378 12.84 46.16 -13.62
CA ASP B 378 13.14 47.42 -12.95
C ASP B 378 11.91 48.28 -12.73
N GLU B 379 10.83 48.03 -13.47
CA GLU B 379 9.59 48.76 -13.26
C GLU B 379 8.98 48.47 -11.89
N HIS B 380 9.33 47.34 -11.29
CA HIS B 380 8.78 46.92 -10.00
C HIS B 380 9.65 47.35 -8.82
N SER B 381 10.90 47.75 -9.06
CA SER B 381 11.77 48.22 -7.98
C SER B 381 11.30 49.54 -7.39
N GLU B 382 10.31 50.19 -8.01
CA GLU B 382 9.75 51.41 -7.44
C GLU B 382 8.84 51.12 -6.26
N VAL B 383 8.02 50.07 -6.34
CA VAL B 383 6.95 49.84 -5.38
C VAL B 383 7.27 48.66 -4.48
N TYR B 384 8.05 47.72 -5.02
CA TYR B 384 8.28 46.44 -4.35
C TYR B 384 9.74 46.31 -3.95
N GLU B 385 9.97 45.43 -2.97
CA GLU B 385 11.30 45.01 -2.54
C GLU B 385 11.24 43.52 -2.23
N LEU B 386 12.37 42.98 -1.80
CA LEU B 386 12.51 41.54 -1.54
C LEU B 386 12.71 41.29 -0.05
N LEU B 387 11.89 40.40 0.49
CA LEU B 387 12.05 39.94 1.87
C LEU B 387 13.09 38.83 1.90
N CYS B 388 13.95 38.85 2.93
CA CYS B 388 15.06 37.91 2.88
C CYS B 388 15.08 37.02 4.11
N PRO B 389 15.58 35.79 3.99
CA PRO B 389 15.62 34.90 5.15
C PRO B 389 16.49 35.39 6.29
N ASP B 390 17.31 36.42 6.07
CA ASP B 390 18.05 37.05 7.16
C ASP B 390 17.21 38.09 7.92
N ASN B 391 15.89 38.04 7.75
CA ASN B 391 14.95 38.93 8.45
C ASN B 391 15.20 40.39 8.10
N THR B 392 15.60 40.66 6.86
CA THR B 392 15.78 42.02 6.37
C THR B 392 15.05 42.18 5.04
N ARG B 393 15.17 43.38 4.46
CA ARG B 393 14.56 43.72 3.18
C ARG B 393 15.59 44.38 2.29
N LYS B 394 15.61 43.97 1.03
CA LYS B 394 16.61 44.42 0.07
C LYS B 394 15.94 44.88 -1.21
N PRO B 395 16.64 45.65 -2.04
CA PRO B 395 16.09 46.02 -3.35
C PRO B 395 15.95 44.80 -4.25
N LEU B 396 15.30 45.03 -5.39
CA LEU B 396 15.03 43.93 -6.32
C LEU B 396 16.31 43.43 -6.98
N ASN B 397 17.19 44.35 -7.39
CA ASN B 397 18.38 43.98 -8.16
C ASN B 397 19.42 43.22 -7.36
N LYS B 398 19.19 42.96 -6.07
CA LYS B 398 20.10 42.17 -5.25
C LYS B 398 19.50 40.80 -4.94
N TYR B 399 18.89 40.17 -5.95
CA TYR B 399 18.15 38.94 -5.72
C TYR B 399 19.06 37.73 -5.55
N LYS B 400 20.30 37.79 -6.05
CA LYS B 400 21.22 36.70 -5.79
C LYS B 400 21.66 36.65 -4.33
N GLU B 401 21.55 37.77 -3.61
CA GLU B 401 21.81 37.79 -2.18
C GLU B 401 20.59 37.43 -1.35
N CYS B 402 19.40 37.75 -1.85
CA CYS B 402 18.15 37.66 -1.10
C CYS B 402 17.22 36.68 -1.82
N ASN B 403 17.30 35.41 -1.45
CA ASN B 403 16.50 34.39 -2.12
C ASN B 403 16.30 33.21 -1.19
N LEU B 404 15.58 32.20 -1.68
CA LEU B 404 15.30 30.98 -0.94
C LEU B 404 15.92 29.75 -1.61
N GLY B 405 16.88 29.95 -2.50
CA GLY B 405 17.53 28.87 -3.21
C GLY B 405 17.46 29.04 -4.71
N THR B 406 18.05 28.09 -5.41
CA THR B 406 18.07 28.07 -6.87
C THR B 406 16.98 27.15 -7.40
N VAL B 407 16.51 27.46 -8.59
CA VAL B 407 15.45 26.67 -9.23
C VAL B 407 16.00 26.03 -10.51
N PRO B 408 16.16 24.72 -10.54
CA PRO B 408 16.56 24.06 -11.79
C PRO B 408 15.48 24.21 -12.86
N ALA B 409 15.90 24.00 -14.10
CA ALA B 409 14.99 24.16 -15.23
C ALA B 409 14.00 23.01 -15.30
N GLY B 410 12.76 23.33 -15.68
CA GLY B 410 11.75 22.32 -15.89
C GLY B 410 12.06 21.48 -17.11
N THR B 411 11.18 20.51 -17.38
CA THR B 411 11.47 19.56 -18.44
C THR B 411 10.18 19.01 -19.05
N VAL B 412 10.29 18.56 -20.29
CA VAL B 412 9.22 17.84 -20.97
C VAL B 412 9.18 16.42 -20.44
N VAL B 413 7.97 15.93 -20.20
CA VAL B 413 7.77 14.57 -19.71
C VAL B 413 6.78 13.84 -20.61
N THR B 414 7.02 12.53 -20.75
CA THR B 414 6.08 11.58 -21.32
C THR B 414 5.97 10.39 -20.37
N ARG B 415 5.34 9.31 -20.80
CA ARG B 415 5.25 8.12 -19.97
C ARG B 415 6.63 7.51 -19.75
N LYS B 416 6.81 6.86 -18.60
CA LYS B 416 8.06 6.14 -18.36
C LYS B 416 8.28 5.04 -19.38
N ILE B 417 7.21 4.54 -20.01
CA ILE B 417 7.34 3.51 -21.03
C ILE B 417 8.07 4.06 -22.25
N SER B 418 7.95 5.38 -22.49
CA SER B 418 8.73 6.09 -23.50
C SER B 418 8.47 5.56 -24.91
N ASP B 419 7.20 5.52 -25.29
CA ASP B 419 6.80 5.00 -26.59
C ASP B 419 6.74 6.07 -27.68
N LYS B 420 6.63 7.34 -27.29
CA LYS B 420 6.50 8.44 -28.24
C LYS B 420 7.62 9.46 -28.11
N THR B 421 8.66 9.16 -27.33
CA THR B 421 9.76 10.11 -27.16
C THR B 421 10.39 10.46 -28.49
N GLU B 422 10.50 9.49 -29.40
CA GLU B 422 11.07 9.74 -30.72
C GLU B 422 10.29 10.81 -31.46
N ASP B 423 8.96 10.68 -31.50
CA ASP B 423 8.13 11.63 -32.23
C ASP B 423 8.16 13.01 -31.60
N ILE B 424 8.08 13.07 -30.27
CA ILE B 424 8.15 14.36 -29.57
C ILE B 424 9.47 15.05 -29.87
N ASN B 425 10.58 14.29 -29.80
CA ASN B 425 11.88 14.90 -30.04
C ASN B 425 12.03 15.36 -31.48
N ASN B 426 11.55 14.56 -32.44
CA ASN B 426 11.62 14.97 -33.84
C ASN B 426 10.82 16.26 -34.05
N PHE B 427 9.60 16.30 -33.52
CA PHE B 427 8.76 17.49 -33.64
C PHE B 427 9.44 18.71 -33.03
N LEU B 428 10.01 18.57 -31.84
CA LEU B 428 10.60 19.72 -31.17
C LEU B 428 11.88 20.19 -31.85
N MET B 429 12.71 19.26 -32.32
CA MET B 429 13.92 19.67 -33.03
C MET B 429 13.58 20.34 -34.35
N GLU B 430 12.59 19.83 -35.07
CA GLU B 430 12.18 20.46 -36.31
C GLU B 430 11.57 21.83 -36.06
N ALA B 431 10.80 21.98 -34.97
CA ALA B 431 10.20 23.27 -34.66
C ALA B 431 11.25 24.29 -34.25
N GLN B 432 12.29 23.84 -33.54
CA GLN B 432 13.36 24.77 -33.15
C GLN B 432 14.22 25.14 -34.35
N LYS B 433 14.46 24.21 -35.26
CA LYS B 433 15.28 24.51 -36.43
C LYS B 433 14.51 25.37 -37.43
N ARG B 434 13.19 25.28 -37.45
CA ARG B 434 12.36 26.12 -38.31
C ARG B 434 11.95 27.41 -37.63
N GLN B 435 12.52 27.72 -36.47
CA GLN B 435 12.30 28.98 -35.75
C GLN B 435 10.82 29.23 -35.51
N CYS B 436 10.16 28.27 -34.89
CA CYS B 436 8.76 28.43 -34.53
C CYS B 436 8.63 29.13 -33.18
N LYS B 437 7.60 29.95 -33.05
CA LYS B 437 7.41 30.74 -31.84
C LYS B 437 7.01 29.85 -30.67
N LEU B 438 7.96 29.08 -30.13
CA LEU B 438 7.65 28.14 -29.06
C LEU B 438 7.70 28.83 -27.70
N PHE B 439 8.75 29.61 -27.44
CA PHE B 439 9.01 30.20 -26.14
C PHE B 439 8.51 31.62 -26.05
N SER B 440 7.45 31.95 -26.78
CA SER B 440 6.86 33.29 -26.77
C SER B 440 5.44 33.18 -27.28
N SER B 441 4.59 34.09 -26.81
CA SER B 441 3.21 34.15 -27.29
C SER B 441 2.61 35.49 -26.90
N ALA B 442 1.67 35.96 -27.72
CA ALA B 442 0.94 37.18 -27.44
C ALA B 442 -0.20 36.97 -26.46
N HIS B 443 -0.50 35.71 -26.11
CA HIS B 443 -1.56 35.40 -25.17
C HIS B 443 -1.14 35.50 -23.71
N GLY B 444 0.16 35.55 -23.44
CA GLY B 444 0.66 35.56 -22.08
C GLY B 444 2.06 34.98 -22.04
N LYS B 445 2.65 35.05 -20.85
CA LYS B 445 4.02 34.60 -20.65
C LYS B 445 4.04 33.30 -19.87
N ASP B 446 5.14 32.54 -20.05
CA ASP B 446 5.32 31.22 -19.42
C ASP B 446 4.18 30.27 -19.77
N LEU B 447 3.72 30.33 -21.02
CA LEU B 447 2.70 29.42 -21.52
C LEU B 447 3.34 28.22 -22.18
N MET B 448 2.79 27.03 -21.91
CA MET B 448 3.33 25.76 -22.38
C MET B 448 4.76 25.53 -21.88
N PHE B 449 5.69 26.42 -22.21
CA PHE B 449 7.04 26.40 -21.69
C PHE B 449 7.34 27.71 -20.96
N ASP B 450 8.51 27.76 -20.34
CA ASP B 450 8.98 29.00 -19.74
C ASP B 450 9.59 29.87 -20.83
N ASP B 451 9.14 31.13 -20.90
CA ASP B 451 9.62 32.05 -21.93
C ASP B 451 11.11 32.33 -21.83
N SER B 452 11.75 32.01 -20.70
CA SER B 452 13.18 32.21 -20.54
C SER B 452 14.02 31.14 -21.21
N THR B 453 13.40 30.06 -21.70
CA THR B 453 14.15 28.98 -22.31
C THR B 453 14.74 29.41 -23.65
N LEU B 454 15.87 28.82 -24.00
CA LEU B 454 16.55 29.09 -25.27
C LEU B 454 16.52 27.90 -26.20
N GLN B 455 17.01 26.75 -25.76
CA GLN B 455 17.12 25.57 -26.60
C GLN B 455 16.70 24.34 -25.81
N LEU B 456 15.92 23.47 -26.45
CA LEU B 456 15.50 22.20 -25.86
C LEU B 456 16.21 21.06 -26.59
N ALA B 457 16.93 20.24 -25.83
CA ALA B 457 17.64 19.08 -26.35
C ALA B 457 17.11 17.80 -25.72
N LEU B 458 17.28 16.70 -26.45
CA LEU B 458 16.90 15.38 -25.96
C LEU B 458 17.90 14.90 -24.93
N LEU B 459 17.38 14.30 -23.86
CA LEU B 459 18.22 13.70 -22.83
C LEU B 459 18.43 12.22 -23.11
N SER B 460 19.42 11.64 -22.43
CA SER B 460 19.68 10.22 -22.58
C SER B 460 18.53 9.41 -22.02
N SER B 461 18.22 8.29 -22.69
CA SER B 461 17.12 7.44 -22.24
C SER B 461 17.35 6.91 -20.83
N GLU B 462 18.62 6.83 -20.41
CA GLU B 462 18.94 6.37 -19.06
C GLU B 462 18.42 7.32 -17.99
N VAL B 463 18.11 8.56 -18.35
CA VAL B 463 17.73 9.56 -17.36
C VAL B 463 16.32 9.28 -16.86
N ASP B 464 16.17 9.17 -15.54
CA ASP B 464 14.89 9.17 -14.86
C ASP B 464 14.84 10.42 -13.98
N ALA B 465 13.95 10.43 -13.00
CA ALA B 465 13.83 11.60 -12.13
C ALA B 465 15.11 11.80 -11.32
N PHE B 466 15.72 10.71 -10.88
CA PHE B 466 16.91 10.80 -10.03
C PHE B 466 18.08 11.44 -10.79
N LEU B 467 18.30 11.03 -12.03
CA LEU B 467 19.44 11.55 -12.77
C LEU B 467 19.20 12.99 -13.22
N TYR B 468 17.94 13.38 -13.43
CA TYR B 468 17.66 14.75 -13.82
C TYR B 468 17.77 15.70 -12.63
N LEU B 469 17.33 15.26 -11.45
CA LEU B 469 17.29 16.14 -10.30
C LEU B 469 18.64 16.25 -9.59
N GLY B 470 19.52 15.28 -9.75
CA GLY B 470 20.76 15.28 -8.97
C GLY B 470 20.54 14.66 -7.60
N VAL B 471 21.60 14.10 -7.02
CA VAL B 471 21.44 13.32 -5.79
C VAL B 471 20.92 14.19 -4.66
N LYS B 472 21.50 15.39 -4.49
CA LYS B 472 21.08 16.26 -3.39
C LYS B 472 19.62 16.67 -3.52
N LEU B 473 19.24 17.20 -4.68
CA LEU B 473 17.87 17.66 -4.87
C LEU B 473 16.89 16.50 -4.89
N PHE B 474 17.28 15.34 -5.42
CA PHE B 474 16.41 14.17 -5.37
C PHE B 474 16.16 13.74 -3.93
N HIS B 475 17.19 13.73 -3.10
CA HIS B 475 16.98 13.36 -1.71
C HIS B 475 16.14 14.40 -0.99
N ALA B 476 16.30 15.68 -1.35
CA ALA B 476 15.44 16.71 -0.76
C ALA B 476 13.98 16.48 -1.10
N MET B 477 13.69 16.23 -2.38
CA MET B 477 12.31 15.93 -2.79
C MET B 477 11.78 14.67 -2.11
N LYS B 478 12.63 13.64 -1.99
CA LYS B 478 12.19 12.41 -1.35
C LYS B 478 11.86 12.66 0.12
N ALA B 479 12.70 13.44 0.81
CA ALA B 479 12.42 13.77 2.20
C ALA B 479 11.16 14.61 2.34
N LEU B 480 10.86 15.42 1.34
CA LEU B 480 9.67 16.27 1.42
C LEU B 480 8.40 15.45 1.18
N THR B 481 8.43 14.51 0.24
CA THR B 481 7.25 13.68 -0.04
C THR B 481 6.95 12.72 1.12
N GLY B 482 7.94 12.38 1.94
CA GLY B 482 7.73 11.45 3.03
C GLY B 482 8.04 10.01 2.71
N ASP B 483 8.94 9.75 1.77
CA ASP B 483 9.33 8.39 1.40
C ASP B 483 10.73 8.05 1.87
N ALA B 484 11.33 8.88 2.72
CA ALA B 484 12.69 8.67 3.16
C ALA B 484 12.80 7.38 3.97
N HIS B 485 13.76 6.53 3.60
CA HIS B 485 14.01 5.30 4.33
C HIS B 485 14.80 5.60 5.59
N LEU B 486 14.29 5.17 6.74
CA LEU B 486 15.04 5.26 7.98
C LEU B 486 16.12 4.18 7.97
N PRO B 487 17.40 4.54 8.01
CA PRO B 487 18.45 3.52 7.89
C PRO B 487 18.42 2.54 9.05
N SER B 488 18.59 1.27 8.73
CA SER B 488 18.61 0.20 9.72
C SER B 488 20.06 -0.12 10.08
N LYS B 489 20.44 0.14 11.33
CA LYS B 489 21.80 -0.14 11.78
C LYS B 489 22.08 -1.62 11.94
N ASN B 490 21.09 -2.49 11.72
CA ASN B 490 21.26 -3.93 11.96
C ASN B 490 20.77 -4.75 10.78
N LYS B 491 20.81 -4.18 9.57
CA LYS B 491 20.35 -4.90 8.39
C LYS B 491 21.05 -4.31 7.16
N VAL B 492 21.37 -5.16 6.19
CA VAL B 492 22.08 -4.75 4.99
C VAL B 492 21.28 -5.19 3.77
N ARG B 493 20.92 -4.22 2.93
CA ARG B 493 20.18 -4.50 1.70
C ARG B 493 21.17 -4.67 0.57
N TRP B 494 21.48 -5.92 0.24
CA TRP B 494 22.44 -6.23 -0.81
C TRP B 494 21.77 -6.15 -2.17
N CYS B 495 22.47 -5.56 -3.14
CA CYS B 495 21.92 -5.34 -4.47
C CYS B 495 22.44 -6.41 -5.43
N THR B 496 21.52 -7.00 -6.19
CA THR B 496 21.83 -8.03 -7.17
C THR B 496 21.71 -7.47 -8.59
N ILE B 497 22.43 -8.08 -9.52
CA ILE B 497 22.51 -7.59 -10.90
C ILE B 497 21.91 -8.55 -11.91
N ASN B 498 21.39 -9.69 -11.48
CA ASN B 498 20.62 -10.56 -12.36
C ASN B 498 19.78 -11.49 -11.49
N LYS B 499 19.20 -12.53 -12.12
CA LYS B 499 18.28 -13.41 -11.40
C LYS B 499 19.02 -14.45 -10.58
N LEU B 500 20.14 -14.97 -11.08
CA LEU B 500 20.93 -15.92 -10.30
C LEU B 500 21.48 -15.28 -9.04
N GLU B 501 22.02 -14.06 -9.16
CA GLU B 501 22.45 -13.33 -7.98
C GLU B 501 21.29 -13.12 -7.01
N LYS B 502 20.08 -12.89 -7.54
CA LYS B 502 18.91 -12.72 -6.69
C LYS B 502 18.59 -14.00 -5.93
N MET B 503 18.70 -15.16 -6.59
CA MET B 503 18.45 -16.43 -5.91
C MET B 503 19.48 -16.68 -4.80
N LYS B 504 20.76 -16.44 -5.11
CA LYS B 504 21.79 -16.63 -4.10
C LYS B 504 21.59 -15.68 -2.93
N CYS B 505 21.23 -14.43 -3.23
CA CYS B 505 20.98 -13.46 -2.16
C CYS B 505 19.77 -13.87 -1.34
N ASP B 506 18.75 -14.45 -1.96
CA ASP B 506 17.58 -14.89 -1.20
C ASP B 506 17.95 -16.02 -0.25
N ASP B 507 18.77 -16.96 -0.70
CA ASP B 507 19.26 -18.01 0.21
C ASP B 507 20.04 -17.42 1.38
N TRP B 508 20.97 -16.50 1.07
CA TRP B 508 21.74 -15.85 2.12
C TRP B 508 20.84 -15.15 3.12
N SER B 509 19.88 -14.37 2.62
CA SER B 509 18.95 -13.66 3.48
C SER B 509 18.09 -14.62 4.30
N ALA B 510 17.74 -15.78 3.74
CA ALA B 510 16.99 -16.76 4.51
C ALA B 510 17.81 -17.29 5.67
N VAL B 511 19.11 -17.49 5.49
CA VAL B 511 19.87 -18.04 6.61
C VAL B 511 20.51 -16.92 7.42
N SER B 512 20.12 -15.68 7.12
CA SER B 512 20.83 -14.55 7.69
C SER B 512 20.38 -14.23 9.11
N GLY B 513 19.13 -14.49 9.45
CA GLY B 513 18.63 -14.05 10.74
C GLY B 513 18.27 -12.58 10.79
N GLY B 514 17.62 -12.08 9.73
CA GLY B 514 17.22 -10.69 9.67
C GLY B 514 18.33 -9.70 9.44
N ALA B 515 19.51 -10.15 9.03
CA ALA B 515 20.64 -9.25 8.83
C ALA B 515 20.89 -8.93 7.35
N ILE B 516 20.41 -9.75 6.43
CA ILE B 516 20.61 -9.56 5.01
C ILE B 516 19.26 -9.53 4.32
N ALA B 517 19.06 -8.57 3.42
CA ALA B 517 17.89 -8.50 2.56
C ALA B 517 18.38 -8.24 1.14
N CYS B 518 17.49 -8.35 0.16
CA CYS B 518 17.91 -8.29 -1.23
C CYS B 518 17.09 -7.28 -2.03
N THR B 519 17.78 -6.42 -2.76
CA THR B 519 17.21 -5.56 -3.79
C THR B 519 17.71 -6.02 -5.15
N GLU B 520 16.93 -5.71 -6.18
CA GLU B 520 17.20 -6.21 -7.52
C GLU B 520 17.51 -5.04 -8.47
N ALA B 521 18.52 -5.24 -9.31
CA ALA B 521 18.90 -4.26 -10.32
C ALA B 521 19.27 -4.99 -11.61
N SER B 522 19.53 -4.21 -12.66
CA SER B 522 19.86 -4.75 -13.96
C SER B 522 21.36 -4.86 -14.21
N CYS B 523 22.13 -3.90 -13.72
CA CYS B 523 23.57 -3.86 -13.93
C CYS B 523 24.21 -3.27 -12.69
N PRO B 524 25.52 -3.43 -12.52
CA PRO B 524 26.19 -2.82 -11.37
C PRO B 524 25.97 -1.32 -11.28
N LYS B 525 25.85 -0.64 -12.42
CA LYS B 525 25.51 0.78 -12.41
C LYS B 525 24.15 1.01 -11.77
N GLY B 526 23.17 0.15 -12.07
CA GLY B 526 21.89 0.24 -11.40
C GLY B 526 22.00 0.03 -9.91
N CYS B 527 22.93 -0.84 -9.49
CA CYS B 527 23.14 -1.05 -8.06
C CYS B 527 23.73 0.18 -7.40
N VAL B 528 24.68 0.84 -8.06
CA VAL B 528 25.22 2.09 -7.54
C VAL B 528 24.12 3.13 -7.42
N LYS B 529 23.26 3.23 -8.45
CA LYS B 529 22.12 4.13 -8.40
C LYS B 529 21.25 3.84 -7.18
N GLN B 530 20.91 2.57 -6.97
CA GLN B 530 20.02 2.22 -5.86
C GLN B 530 20.66 2.54 -4.52
N ILE B 531 21.97 2.28 -4.37
CA ILE B 531 22.66 2.63 -3.13
C ILE B 531 22.60 4.14 -2.90
N LEU B 532 22.77 4.93 -3.97
CA LEU B 532 22.73 6.38 -3.84
C LEU B 532 21.35 6.89 -3.50
N LYS B 533 20.31 6.26 -4.04
CA LYS B 533 18.92 6.69 -3.83
C LYS B 533 18.38 6.28 -2.47
N GLY B 534 19.11 5.49 -1.70
CA GLY B 534 18.62 4.99 -0.44
C GLY B 534 17.81 3.72 -0.51
N GLU B 535 17.75 3.06 -1.67
CA GLU B 535 17.00 1.84 -1.85
C GLU B 535 17.81 0.58 -1.60
N ALA B 536 19.15 0.68 -1.62
CA ALA B 536 20.03 -0.44 -1.35
C ALA B 536 21.11 0.02 -0.38
N ASP B 537 22.04 -0.89 -0.05
CA ASP B 537 23.01 -0.60 1.01
C ASP B 537 24.44 -0.96 0.64
N ALA B 538 24.65 -2.01 -0.14
CA ALA B 538 26.01 -2.40 -0.50
C ALA B 538 25.97 -3.21 -1.79
N VAL B 539 27.09 -3.22 -2.51
CA VAL B 539 27.19 -4.03 -3.72
C VAL B 539 28.66 -4.29 -4.02
N LYS B 540 28.95 -5.44 -4.64
CA LYS B 540 30.29 -5.75 -5.11
C LYS B 540 30.49 -5.17 -6.50
N LEU B 541 31.51 -4.32 -6.63
CA LEU B 541 31.88 -3.71 -7.91
C LEU B 541 33.29 -4.14 -8.30
N GLU B 542 33.46 -4.39 -9.59
CA GLU B 542 34.79 -4.56 -10.17
C GLU B 542 35.44 -3.20 -10.34
N VAL B 543 36.68 -3.19 -10.84
CA VAL B 543 37.43 -1.94 -10.90
C VAL B 543 36.81 -1.00 -11.94
N GLN B 544 36.28 -1.56 -13.04
CA GLN B 544 35.69 -0.74 -14.09
C GLN B 544 34.67 0.24 -13.55
N TYR B 545 33.82 -0.21 -12.64
CA TYR B 545 32.74 0.61 -12.10
C TYR B 545 33.16 1.42 -10.88
N MET B 546 34.41 1.33 -10.45
CA MET B 546 34.76 1.94 -9.17
C MET B 546 34.91 3.46 -9.29
N TYR B 547 35.56 3.93 -10.35
CA TYR B 547 35.79 5.37 -10.55
C TYR B 547 34.51 6.16 -10.31
N GLU B 548 33.48 5.91 -11.15
CA GLU B 548 32.18 6.54 -10.97
C GLU B 548 31.69 6.42 -9.54
N ALA B 549 31.74 5.21 -8.98
CA ALA B 549 31.23 5.01 -7.62
C ALA B 549 31.95 5.88 -6.61
N LEU B 550 33.24 6.12 -6.81
CA LEU B 550 33.98 6.97 -5.87
C LEU B 550 33.73 8.44 -6.13
N MET B 551 33.33 8.80 -7.36
CA MET B 551 32.96 10.18 -7.66
C MET B 551 31.77 10.63 -6.82
N CYS B 552 30.84 9.73 -6.57
CA CYS B 552 29.56 10.06 -5.96
C CYS B 552 29.58 9.92 -4.44
N GLY B 553 30.75 9.76 -3.83
CA GLY B 553 30.86 9.67 -2.39
C GLY B 553 30.66 8.29 -1.80
N LEU B 554 30.50 7.26 -2.64
CA LEU B 554 30.45 5.89 -2.13
C LEU B 554 31.85 5.43 -1.77
N LEU B 555 31.96 4.74 -0.64
CA LEU B 555 33.25 4.26 -0.15
C LEU B 555 33.25 2.74 -0.06
N PRO B 556 34.43 2.12 -0.19
CA PRO B 556 34.52 0.66 -0.03
C PRO B 556 34.46 0.27 1.45
N ALA B 557 33.57 -0.68 1.76
CA ALA B 557 33.50 -1.19 3.12
C ALA B 557 34.52 -2.30 3.33
N VAL B 558 34.50 -3.31 2.46
CA VAL B 558 35.45 -4.41 2.49
C VAL B 558 35.90 -4.71 1.06
N GLU B 559 36.91 -5.56 0.96
CA GLU B 559 37.51 -5.93 -0.33
C GLU B 559 37.70 -7.43 -0.40
N GLU B 560 37.67 -7.96 -1.62
CA GLU B 560 37.87 -9.39 -1.85
C GLU B 560 39.36 -9.74 -1.73
N TYR B 561 39.65 -10.73 -0.91
CA TYR B 561 41.01 -11.26 -0.71
C TYR B 561 41.15 -12.51 -1.56
N HIS B 562 42.14 -12.53 -2.46
CA HIS B 562 42.28 -13.61 -3.43
C HIS B 562 43.58 -14.39 -3.29
N ASN B 563 44.31 -14.22 -2.19
CA ASN B 563 45.55 -14.96 -1.97
C ASN B 563 45.20 -16.36 -1.49
N LYS B 564 45.29 -17.34 -2.39
CA LYS B 564 44.99 -18.72 -2.06
C LYS B 564 46.14 -19.44 -1.38
N ASP B 565 47.19 -18.72 -0.97
CA ASP B 565 48.33 -19.31 -0.29
C ASP B 565 48.49 -18.85 1.16
N ASP B 566 47.68 -17.90 1.62
CA ASP B 566 47.79 -17.38 2.98
C ASP B 566 46.39 -17.07 3.49
N PHE B 567 45.84 -17.99 4.29
CA PHE B 567 44.56 -17.75 4.93
C PHE B 567 44.68 -16.92 6.20
N GLY B 568 45.91 -16.52 6.56
CA GLY B 568 46.18 -15.80 7.79
C GLY B 568 45.29 -14.59 8.02
N PRO B 569 45.29 -13.65 7.07
CA PRO B 569 44.41 -12.48 7.20
C PRO B 569 42.92 -12.80 7.28
N CYS B 570 42.50 -14.02 6.96
CA CYS B 570 41.09 -14.37 7.04
C CYS B 570 40.72 -15.00 8.39
N LYS B 571 41.50 -15.98 8.85
CA LYS B 571 41.17 -16.64 10.10
C LYS B 571 41.32 -15.70 11.29
N THR B 572 42.35 -14.85 11.26
CA THR B 572 42.62 -13.87 12.33
C THR B 572 42.54 -12.48 11.72
N PRO B 573 41.38 -11.83 11.76
CA PRO B 573 41.26 -10.51 11.13
C PRO B 573 42.17 -9.48 11.78
N GLY B 574 42.70 -8.56 10.96
CA GLY B 574 43.65 -7.58 11.41
C GLY B 574 45.10 -8.03 11.38
N SER B 575 45.36 -9.33 11.23
CA SER B 575 46.72 -9.82 11.17
C SER B 575 47.41 -9.28 9.92
N PRO B 576 48.74 -9.20 9.93
CA PRO B 576 49.45 -8.58 8.80
C PRO B 576 49.18 -9.31 7.49
N ILE B 577 49.04 -8.54 6.42
CA ILE B 577 48.84 -9.08 5.08
C ILE B 577 50.20 -9.20 4.41
N THR B 578 50.48 -10.36 3.82
CA THR B 578 51.71 -10.52 3.05
C THR B 578 51.51 -10.14 1.60
N ASP B 579 50.41 -10.61 0.99
CA ASP B 579 50.09 -10.27 -0.39
C ASP B 579 48.59 -10.41 -0.57
N PHE B 580 47.96 -9.36 -1.11
CA PHE B 580 46.51 -9.32 -1.21
C PHE B 580 45.96 -10.23 -2.29
N GLY B 581 46.83 -10.77 -3.16
CA GLY B 581 46.38 -11.64 -4.23
C GLY B 581 45.85 -10.93 -5.45
N THR B 582 46.08 -9.62 -5.57
CA THR B 582 45.65 -8.90 -6.75
C THR B 582 46.44 -9.37 -7.98
N LEU B 583 45.84 -9.17 -9.14
CA LEU B 583 46.53 -9.47 -10.39
C LEU B 583 47.44 -8.32 -10.78
N ARG B 584 48.44 -8.64 -11.61
CA ARG B 584 49.40 -7.67 -12.10
C ARG B 584 49.39 -7.68 -13.62
N ALA B 585 49.21 -6.51 -14.22
CA ALA B 585 49.24 -6.40 -15.68
C ALA B 585 50.67 -6.42 -16.18
N VAL B 586 50.96 -7.34 -17.10
CA VAL B 586 52.31 -7.54 -17.60
C VAL B 586 52.29 -7.66 -19.12
N ALA B 587 53.46 -7.40 -19.71
CA ALA B 587 53.69 -7.51 -21.15
C ALA B 587 54.56 -8.73 -21.39
N LEU B 588 53.91 -9.84 -21.75
CA LEU B 588 54.59 -11.10 -21.97
C LEU B 588 55.20 -11.15 -23.36
N VAL B 589 56.44 -11.64 -23.44
CA VAL B 589 57.21 -11.73 -24.68
C VAL B 589 57.87 -13.11 -24.71
N LYS B 590 58.49 -13.43 -25.85
CA LYS B 590 58.90 -14.80 -26.16
C LYS B 590 60.38 -15.09 -25.95
N LYS B 591 61.12 -14.17 -25.32
CA LYS B 591 62.53 -14.38 -25.00
C LYS B 591 63.42 -14.61 -26.22
N SER B 592 63.09 -15.62 -27.04
CA SER B 592 63.79 -15.80 -28.31
C SER B 592 63.70 -14.55 -29.17
N ASN B 593 62.49 -13.98 -29.28
CA ASN B 593 62.31 -12.64 -29.82
C ASN B 593 62.99 -11.66 -28.87
N LYS B 594 64.21 -11.25 -29.19
CA LYS B 594 65.08 -10.57 -28.23
C LYS B 594 65.28 -9.09 -28.52
N ASP B 595 64.56 -8.52 -29.49
CA ASP B 595 64.70 -7.11 -29.82
C ASP B 595 63.44 -6.32 -29.46
N ILE B 596 62.68 -6.82 -28.49
CA ILE B 596 61.46 -6.15 -28.03
C ILE B 596 61.78 -5.51 -26.67
N ASN B 597 61.82 -4.19 -26.65
CA ASN B 597 61.95 -3.43 -25.41
C ASN B 597 60.80 -2.44 -25.31
N TRP B 598 60.50 -2.01 -24.08
CA TRP B 598 59.35 -1.14 -23.86
C TRP B 598 59.45 0.17 -24.63
N ASN B 599 60.62 0.52 -25.14
CA ASN B 599 60.80 1.75 -25.89
C ASN B 599 60.49 1.57 -27.38
N ASN B 600 60.70 0.38 -27.94
CA ASN B 600 60.44 0.12 -29.35
C ASN B 600 59.19 -0.74 -29.55
N ILE B 601 58.22 -0.63 -28.65
CA ILE B 601 56.95 -1.32 -28.84
C ILE B 601 56.22 -0.76 -30.06
N LYS B 602 56.53 0.46 -30.46
CA LYS B 602 55.91 1.08 -31.62
C LYS B 602 56.16 0.26 -32.88
N GLY B 603 55.09 -0.25 -33.47
CA GLY B 603 55.15 -0.97 -34.73
C GLY B 603 55.06 -2.48 -34.62
N LYS B 604 55.34 -3.04 -33.43
CA LYS B 604 55.32 -4.48 -33.28
C LYS B 604 53.90 -5.02 -33.20
N LYS B 605 53.77 -6.32 -33.42
CA LYS B 605 52.47 -6.98 -33.31
C LYS B 605 52.11 -7.19 -31.84
N SER B 606 50.80 -7.09 -31.56
CA SER B 606 50.32 -7.10 -30.18
C SER B 606 49.15 -8.07 -30.02
N CYS B 607 48.98 -8.52 -28.79
CA CYS B 607 47.91 -9.45 -28.43
C CYS B 607 47.19 -8.93 -27.20
N HIS B 608 45.85 -8.91 -27.25
CA HIS B 608 45.06 -8.37 -26.16
C HIS B 608 43.90 -9.29 -25.88
N THR B 609 43.44 -9.28 -24.62
CA THR B 609 42.36 -10.17 -24.22
C THR B 609 41.02 -9.70 -24.76
N GLY B 610 40.81 -8.38 -24.80
CA GLY B 610 39.55 -7.85 -25.31
C GLY B 610 39.40 -6.39 -24.94
N VAL B 611 38.34 -5.79 -25.48
CA VAL B 611 38.03 -4.40 -25.19
C VAL B 611 37.49 -4.27 -23.78
N GLY B 612 37.97 -3.27 -23.05
CA GLY B 612 37.52 -3.01 -21.70
C GLY B 612 38.24 -3.78 -20.62
N ASP B 613 38.96 -4.83 -20.98
CA ASP B 613 39.74 -5.58 -20.00
C ASP B 613 40.85 -4.72 -19.42
N ILE B 614 41.08 -4.87 -18.12
CA ILE B 614 41.99 -3.97 -17.41
C ILE B 614 43.43 -4.26 -17.79
N ALA B 615 43.86 -5.51 -17.59
CA ALA B 615 45.23 -5.86 -17.93
C ALA B 615 45.44 -5.94 -19.43
N GLY B 616 44.42 -6.38 -20.17
CA GLY B 616 44.58 -6.55 -21.60
C GLY B 616 44.52 -5.27 -22.40
N TRP B 617 43.78 -4.27 -21.92
CA TRP B 617 43.51 -3.08 -22.73
C TRP B 617 43.83 -1.78 -21.99
N VAL B 618 43.18 -1.59 -20.84
CA VAL B 618 43.14 -0.27 -20.19
C VAL B 618 44.55 0.22 -19.86
N ILE B 619 45.29 -0.57 -19.06
CA ILE B 619 46.60 -0.11 -18.62
C ILE B 619 47.59 0.06 -19.77
N PRO B 620 47.70 -0.87 -20.73
CA PRO B 620 48.67 -0.64 -21.83
C PRO B 620 48.38 0.61 -22.64
N VAL B 621 47.14 0.79 -23.10
CA VAL B 621 46.82 1.96 -23.91
C VAL B 621 46.94 3.24 -23.09
N SER B 622 46.65 3.18 -21.79
CA SER B 622 46.80 4.37 -20.95
C SER B 622 48.26 4.79 -20.85
N LEU B 623 49.16 3.83 -20.56
CA LEU B 623 50.58 4.17 -20.50
C LEU B 623 51.09 4.66 -21.85
N ILE B 624 50.66 4.02 -22.94
CA ILE B 624 51.13 4.41 -24.27
C ILE B 624 50.67 5.83 -24.61
N ARG B 625 49.40 6.15 -24.34
CA ARG B 625 48.92 7.49 -24.64
C ARG B 625 49.54 8.55 -23.73
N ARG B 626 49.88 8.19 -22.49
CA ARG B 626 50.55 9.17 -21.64
C ARG B 626 52.02 9.35 -22.01
N GLN B 627 52.65 8.37 -22.65
CA GLN B 627 54.05 8.48 -23.00
C GLN B 627 54.29 9.07 -24.39
N ASN B 628 53.31 9.00 -25.28
CA ASN B 628 53.44 9.63 -26.60
C ASN B 628 52.19 10.42 -26.94
N ASP B 629 51.86 10.52 -28.22
CA ASP B 629 50.62 11.17 -28.61
C ASP B 629 49.46 10.19 -28.48
N ASN B 630 48.23 10.73 -28.57
CA ASN B 630 47.02 9.94 -28.36
C ASN B 630 46.50 9.44 -29.70
N SER B 631 47.01 8.29 -30.13
CA SER B 631 46.60 7.72 -31.43
C SER B 631 47.11 6.28 -31.50
N ASP B 632 46.32 5.35 -30.97
CA ASP B 632 46.48 3.93 -31.24
C ASP B 632 45.28 3.36 -31.98
N ILE B 633 44.32 4.21 -32.36
CA ILE B 633 43.07 3.76 -32.98
C ILE B 633 43.34 2.88 -34.19
N ASP B 634 44.34 3.25 -35.00
CA ASP B 634 44.74 2.43 -36.13
C ASP B 634 46.26 2.51 -36.32
N SER B 635 46.99 2.93 -35.29
CA SER B 635 48.41 3.23 -35.45
C SER B 635 49.24 2.66 -34.31
N PHE B 636 50.36 3.31 -34.02
CA PHE B 636 51.34 2.86 -33.02
C PHE B 636 51.80 1.44 -33.31
N PHE B 637 50.93 0.47 -33.04
CA PHE B 637 51.26 -0.92 -33.30
C PHE B 637 51.20 -1.23 -34.79
N GLY B 638 51.75 -2.40 -35.15
CA GLY B 638 51.46 -3.02 -36.42
C GLY B 638 50.13 -3.75 -36.35
N GLU B 639 50.00 -4.82 -37.13
CA GLU B 639 48.80 -5.65 -37.06
C GLU B 639 48.78 -6.41 -35.74
N SER B 640 47.67 -6.29 -35.02
CA SER B 640 47.53 -6.93 -33.72
C SER B 640 46.26 -7.76 -33.68
N CYS B 641 45.94 -8.31 -32.51
CA CYS B 641 44.64 -8.94 -32.29
C CYS B 641 44.08 -8.46 -30.95
N ALA B 642 42.96 -7.74 -31.03
CA ALA B 642 42.28 -7.22 -29.86
C ALA B 642 40.77 -7.35 -30.09
N PRO B 643 40.17 -8.44 -29.63
CA PRO B 643 38.76 -8.71 -29.95
C PRO B 643 37.83 -7.62 -29.42
N GLY B 644 36.91 -7.19 -30.29
CA GLY B 644 35.94 -6.16 -29.97
C GLY B 644 36.17 -4.85 -30.68
N SER B 645 37.27 -4.70 -31.41
CA SER B 645 37.59 -3.45 -32.08
C SER B 645 36.96 -3.43 -33.47
N ASP B 646 37.33 -2.45 -34.28
CA ASP B 646 36.84 -2.37 -35.65
C ASP B 646 37.26 -3.60 -36.43
N THR B 647 36.27 -4.29 -37.02
CA THR B 647 36.57 -5.53 -37.74
C THR B 647 37.51 -5.31 -38.91
N LYS B 648 37.52 -4.10 -39.48
CA LYS B 648 38.42 -3.80 -40.58
C LYS B 648 39.48 -2.79 -40.13
N SER B 649 40.23 -3.14 -39.07
CA SER B 649 41.25 -2.27 -38.51
C SER B 649 42.54 -3.05 -38.33
N ASN B 650 43.60 -2.32 -37.98
CA ASN B 650 44.88 -2.97 -37.69
C ASN B 650 44.78 -3.91 -36.50
N LEU B 651 44.00 -3.52 -35.49
CA LEU B 651 43.88 -4.31 -34.27
C LEU B 651 43.08 -5.59 -34.47
N CYS B 652 42.50 -5.81 -35.64
CA CYS B 652 41.69 -7.00 -35.89
C CYS B 652 42.23 -7.82 -37.06
N LYS B 653 43.52 -7.72 -37.36
CA LYS B 653 44.09 -8.48 -38.47
C LYS B 653 44.63 -9.83 -38.06
N LEU B 654 45.23 -9.93 -36.87
CA LEU B 654 45.86 -11.18 -36.44
C LEU B 654 44.88 -12.21 -35.91
N CYS B 655 43.66 -11.79 -35.56
CA CYS B 655 42.70 -12.71 -34.97
C CYS B 655 42.22 -13.74 -35.99
N ILE B 656 41.77 -14.89 -35.47
CA ILE B 656 41.12 -15.92 -36.28
C ILE B 656 39.96 -16.49 -35.48
N GLY B 657 38.82 -16.67 -36.14
CA GLY B 657 37.71 -17.34 -35.50
C GLY B 657 37.88 -18.83 -35.50
N ASP B 658 36.96 -19.49 -34.83
CA ASP B 658 37.00 -20.95 -34.80
C ASP B 658 36.54 -21.50 -36.14
N PRO B 659 37.24 -22.50 -36.69
CA PRO B 659 36.80 -23.13 -37.95
C PRO B 659 35.49 -23.89 -37.83
N LYS B 660 34.89 -23.95 -36.64
CA LYS B 660 33.60 -24.63 -36.49
C LYS B 660 32.50 -23.93 -37.28
N ASN B 661 32.58 -22.61 -37.41
CA ASN B 661 31.63 -21.83 -38.21
C ASN B 661 32.39 -20.68 -38.89
N SER B 662 33.36 -21.04 -39.74
CA SER B 662 34.18 -20.05 -40.44
C SER B 662 33.42 -19.28 -41.50
N ALA B 663 32.17 -19.63 -41.78
CA ALA B 663 31.36 -18.83 -42.71
C ALA B 663 31.04 -17.47 -42.10
N ALA B 664 30.51 -17.45 -40.88
CA ALA B 664 30.33 -16.20 -40.17
C ALA B 664 31.69 -15.58 -39.84
N ASN B 665 31.77 -14.26 -39.95
CA ASN B 665 33.02 -13.56 -39.70
C ASN B 665 33.49 -13.79 -38.27
N THR B 666 32.73 -13.28 -37.30
CA THR B 666 33.00 -13.44 -35.87
C THR B 666 34.43 -13.05 -35.51
N LYS B 667 35.08 -12.24 -36.35
CA LYS B 667 36.42 -11.75 -36.07
C LYS B 667 36.32 -10.63 -35.04
N CYS B 668 37.19 -10.72 -34.02
CA CYS B 668 37.17 -9.79 -32.89
C CYS B 668 35.81 -9.80 -32.19
N SER B 669 35.17 -10.96 -32.13
CA SER B 669 33.97 -11.10 -31.35
C SER B 669 34.31 -11.06 -29.86
N LEU B 670 33.53 -10.32 -29.09
CA LEU B 670 33.74 -10.26 -27.66
C LEU B 670 33.41 -11.59 -26.97
N SER B 671 33.01 -12.60 -27.72
CA SER B 671 32.56 -13.87 -27.18
C SER B 671 33.61 -14.95 -27.41
N ASP B 672 33.26 -16.18 -27.03
CA ASP B 672 34.17 -17.32 -27.17
C ASP B 672 34.39 -17.74 -28.62
N LYS B 673 33.57 -17.23 -29.55
CA LYS B 673 33.77 -17.55 -30.96
C LYS B 673 35.18 -17.19 -31.41
N GLU B 674 35.61 -15.97 -31.12
CA GLU B 674 37.00 -15.55 -31.34
C GLU B 674 37.92 -16.39 -30.49
N ALA B 675 38.74 -17.23 -31.11
CA ALA B 675 39.68 -18.07 -30.38
C ALA B 675 40.77 -17.26 -29.71
N TYR B 676 40.80 -15.95 -29.91
CA TYR B 676 41.79 -15.08 -29.29
C TYR B 676 41.22 -14.20 -28.19
N TYR B 677 40.00 -14.48 -27.74
CA TYR B 677 39.37 -13.68 -26.68
C TYR B 677 39.73 -14.25 -25.32
N GLY B 678 40.00 -13.37 -24.37
CA GLY B 678 40.31 -13.78 -23.02
C GLY B 678 41.79 -13.98 -22.79
N ASN B 679 42.10 -14.47 -21.58
CA ASN B 679 43.50 -14.75 -21.23
C ASN B 679 44.06 -15.86 -22.11
N GLN B 680 43.35 -16.99 -22.19
CA GLN B 680 43.77 -18.08 -23.06
C GLN B 680 43.90 -17.63 -24.50
N GLY B 681 42.97 -16.79 -24.96
CA GLY B 681 43.01 -16.34 -26.34
C GLY B 681 44.19 -15.44 -26.64
N ALA B 682 44.49 -14.50 -25.73
CA ALA B 682 45.65 -13.64 -25.92
C ALA B 682 46.95 -14.43 -25.84
N PHE B 683 47.00 -15.46 -25.01
CA PHE B 683 48.20 -16.29 -24.96
C PHE B 683 48.36 -17.10 -26.25
N ARG B 684 47.25 -17.61 -26.78
CA ARG B 684 47.28 -18.24 -28.09
C ARG B 684 47.77 -17.27 -29.16
N CYS B 685 47.31 -16.02 -29.09
CA CYS B 685 47.77 -15.00 -30.02
C CYS B 685 49.28 -14.82 -29.92
N LEU B 686 49.80 -14.73 -28.69
CA LEU B 686 51.24 -14.53 -28.54
C LEU B 686 52.03 -15.71 -29.07
N VAL B 687 51.57 -16.94 -28.81
CA VAL B 687 52.36 -18.09 -29.23
C VAL B 687 52.37 -18.21 -30.75
N GLU B 688 51.25 -17.89 -31.40
CA GLU B 688 51.18 -18.06 -32.84
C GLU B 688 51.95 -16.98 -33.59
N LYS B 689 51.37 -15.79 -33.76
CA LYS B 689 52.03 -14.74 -34.51
C LYS B 689 52.10 -13.46 -33.69
N GLY B 690 52.43 -13.57 -32.41
CA GLY B 690 52.47 -12.43 -31.51
C GLY B 690 53.90 -12.04 -31.18
N ASP B 691 54.11 -10.73 -31.02
CA ASP B 691 55.37 -10.20 -30.50
C ASP B 691 55.29 -9.88 -29.01
N VAL B 692 54.13 -9.44 -28.53
CA VAL B 692 53.95 -9.13 -27.11
C VAL B 692 52.46 -9.23 -26.82
N ALA B 693 52.13 -9.78 -25.66
CA ALA B 693 50.75 -9.95 -25.22
C ALA B 693 50.55 -9.25 -23.88
N PHE B 694 49.46 -8.50 -23.75
CA PHE B 694 49.20 -7.74 -22.53
C PHE B 694 48.18 -8.51 -21.69
N VAL B 695 48.65 -9.14 -20.61
CA VAL B 695 47.81 -10.07 -19.86
C VAL B 695 48.09 -9.92 -18.38
N PRO B 696 47.20 -10.44 -17.53
CA PRO B 696 47.56 -10.57 -16.10
C PRO B 696 48.70 -11.55 -15.93
N HIS B 697 49.40 -11.42 -14.80
CA HIS B 697 50.62 -12.18 -14.57
C HIS B 697 50.37 -13.68 -14.53
N THR B 698 49.14 -14.12 -14.27
CA THR B 698 48.86 -15.53 -14.07
C THR B 698 48.83 -16.32 -15.37
N VAL B 699 48.57 -15.64 -16.50
CA VAL B 699 48.21 -16.35 -17.73
C VAL B 699 49.34 -17.27 -18.18
N VAL B 700 50.59 -16.83 -18.01
CA VAL B 700 51.72 -17.62 -18.49
C VAL B 700 51.83 -18.94 -17.72
N PHE B 701 51.65 -18.88 -16.40
CA PHE B 701 51.88 -20.07 -15.58
C PHE B 701 50.79 -21.11 -15.77
N GLU B 702 49.53 -20.67 -15.79
CA GLU B 702 48.40 -21.60 -15.90
C GLU B 702 48.35 -22.31 -17.25
N ASN B 703 49.14 -21.89 -18.23
CA ASN B 703 49.13 -22.46 -19.57
C ASN B 703 50.41 -23.20 -19.93
N THR B 704 51.57 -22.71 -19.50
CA THR B 704 52.82 -23.39 -19.76
C THR B 704 52.99 -24.55 -18.78
N ASP B 705 54.12 -25.25 -18.90
CA ASP B 705 54.46 -26.36 -18.01
C ASP B 705 53.39 -27.46 -18.04
N GLY B 706 52.86 -27.73 -19.23
CA GLY B 706 51.94 -28.83 -19.42
C GLY B 706 50.62 -28.74 -18.68
N LYS B 707 50.31 -27.57 -18.12
CA LYS B 707 49.07 -27.39 -17.39
C LYS B 707 47.87 -27.17 -18.30
N ASN B 708 48.10 -26.94 -19.60
CA ASN B 708 47.01 -26.73 -20.55
C ASN B 708 46.82 -27.97 -21.38
N PRO B 709 45.64 -28.59 -21.38
CA PRO B 709 45.44 -29.83 -22.15
C PRO B 709 44.91 -29.59 -23.56
N ALA B 710 45.47 -28.61 -24.27
CA ALA B 710 45.08 -28.33 -25.64
C ALA B 710 46.20 -28.75 -26.60
N VAL B 711 45.89 -28.73 -27.90
CA VAL B 711 46.89 -29.07 -28.91
C VAL B 711 48.10 -28.14 -28.79
N TRP B 712 47.86 -26.83 -28.87
CA TRP B 712 48.87 -25.87 -28.54
C TRP B 712 49.18 -25.93 -27.04
N ALA B 713 50.31 -25.34 -26.66
CA ALA B 713 50.72 -25.25 -25.25
C ALA B 713 50.98 -26.60 -24.61
N LYS B 714 51.14 -27.65 -25.42
CA LYS B 714 51.47 -28.96 -24.87
C LYS B 714 52.87 -28.98 -24.28
N ASN B 715 53.83 -28.41 -25.00
CA ASN B 715 55.24 -28.45 -24.64
C ASN B 715 55.79 -27.05 -24.39
N LEU B 716 54.98 -26.17 -23.79
CA LEU B 716 55.43 -24.84 -23.43
C LEU B 716 55.95 -24.82 -22.01
N LYS B 717 57.05 -24.09 -21.81
CA LYS B 717 57.71 -23.98 -20.52
C LYS B 717 57.63 -22.54 -20.02
N SER B 718 57.48 -22.38 -18.71
CA SER B 718 57.39 -21.05 -18.13
C SER B 718 58.69 -20.28 -18.33
N GLU B 719 59.83 -20.96 -18.22
CA GLU B 719 61.12 -20.31 -18.41
C GLU B 719 61.37 -19.88 -19.86
N ASP B 720 60.48 -20.23 -20.78
CA ASP B 720 60.66 -19.85 -22.18
C ASP B 720 60.20 -18.44 -22.48
N PHE B 721 59.34 -17.85 -21.65
CA PHE B 721 58.80 -16.53 -21.89
C PHE B 721 59.51 -15.50 -21.00
N GLU B 722 59.11 -14.25 -21.15
CA GLU B 722 59.76 -13.15 -20.46
C GLU B 722 58.75 -12.04 -20.20
N LEU B 723 59.24 -10.92 -19.68
CA LEU B 723 58.38 -9.83 -19.22
C LEU B 723 59.04 -8.51 -19.58
N LEU B 724 58.23 -7.54 -20.01
CA LEU B 724 58.71 -6.22 -20.38
C LEU B 724 58.49 -5.24 -19.24
N CYS B 725 59.55 -4.58 -18.81
CA CYS B 725 59.50 -3.61 -17.72
C CYS B 725 59.43 -2.19 -18.26
N LEU B 726 59.06 -1.27 -17.36
CA LEU B 726 58.87 0.12 -17.76
C LEU B 726 60.17 0.84 -18.11
N ASP B 727 61.31 0.32 -17.66
CA ASP B 727 62.61 0.93 -17.92
C ASP B 727 63.32 0.29 -19.11
N GLY B 728 62.57 -0.34 -20.02
CA GLY B 728 63.16 -1.07 -21.13
C GLY B 728 63.87 -2.36 -20.76
N SER B 729 63.99 -2.67 -19.47
CA SER B 729 64.63 -3.89 -19.02
C SER B 729 63.73 -5.10 -19.28
N ARG B 730 64.22 -6.27 -18.92
CA ARG B 730 63.48 -7.52 -19.03
C ARG B 730 63.78 -8.39 -17.83
N ALA B 731 62.83 -9.22 -17.45
CA ALA B 731 62.95 -10.04 -16.24
C ALA B 731 62.18 -11.34 -16.46
N PRO B 732 62.51 -12.40 -15.72
CA PRO B 732 61.73 -13.64 -15.83
C PRO B 732 60.29 -13.44 -15.41
N VAL B 733 59.44 -14.38 -15.84
CA VAL B 733 58.00 -14.26 -15.62
C VAL B 733 57.64 -14.31 -14.14
N SER B 734 58.55 -14.76 -13.29
CA SER B 734 58.28 -14.80 -11.86
C SER B 734 58.50 -13.46 -11.18
N ASN B 735 59.08 -12.48 -11.87
CA ASN B 735 59.33 -11.16 -11.31
C ASN B 735 58.18 -10.20 -11.58
N TYR B 736 56.93 -10.66 -11.46
CA TYR B 736 55.79 -9.80 -11.78
C TYR B 736 55.57 -8.72 -10.71
N LYS B 737 56.01 -8.95 -9.47
CA LYS B 737 55.81 -7.95 -8.43
C LYS B 737 56.67 -6.72 -8.65
N SER B 738 57.81 -6.88 -9.31
CA SER B 738 58.72 -5.77 -9.57
C SER B 738 58.61 -5.23 -10.99
N CYS B 739 58.68 -6.11 -11.99
CA CYS B 739 58.62 -5.73 -13.40
C CYS B 739 57.18 -5.84 -13.86
N LYS B 740 56.39 -4.80 -13.57
CA LYS B 740 54.97 -4.80 -13.88
C LYS B 740 54.56 -3.47 -14.49
N LEU B 741 53.60 -3.54 -15.42
CA LEU B 741 53.03 -2.32 -15.96
C LEU B 741 52.31 -1.52 -14.88
N SER B 742 51.51 -2.21 -14.07
CA SER B 742 50.81 -1.61 -12.93
C SER B 742 50.08 -2.71 -12.20
N GLY B 743 49.90 -2.52 -10.90
CA GLY B 743 49.00 -3.34 -10.13
C GLY B 743 47.56 -3.00 -10.41
N ILE B 744 46.68 -3.91 -10.01
CA ILE B 744 45.25 -3.80 -10.26
C ILE B 744 44.52 -3.89 -8.93
N PRO B 745 43.65 -2.94 -8.60
CA PRO B 745 42.90 -2.99 -7.34
C PRO B 745 41.97 -4.19 -7.28
N PRO B 746 41.64 -4.66 -6.08
CA PRO B 746 40.73 -5.80 -5.96
C PRO B 746 39.29 -5.36 -6.07
N PRO B 747 38.37 -6.29 -6.32
CA PRO B 747 36.94 -5.94 -6.27
C PRO B 747 36.57 -5.42 -4.89
N ALA B 748 35.60 -4.52 -4.84
CA ALA B 748 35.27 -3.84 -3.59
C ALA B 748 33.78 -3.89 -3.32
N ILE B 749 33.42 -4.08 -2.05
CA ILE B 749 32.05 -3.96 -1.60
C ILE B 749 31.84 -2.51 -1.17
N VAL B 750 31.06 -1.77 -1.96
CA VAL B 750 30.84 -0.34 -1.73
C VAL B 750 29.48 -0.11 -1.09
N THR B 751 29.42 0.96 -0.30
CA THR B 751 28.24 1.38 0.44
C THR B 751 28.35 2.89 0.69
N ARG B 752 27.31 3.47 1.26
CA ARG B 752 27.38 4.87 1.69
C ARG B 752 28.27 4.99 2.93
N GLU B 753 28.68 6.23 3.22
CA GLU B 753 29.58 6.45 4.34
C GLU B 753 28.92 6.11 5.66
N GLU B 754 27.74 6.68 5.93
CA GLU B 754 27.04 6.47 7.19
C GLU B 754 26.76 5.00 7.49
N SER B 755 26.84 4.13 6.47
CA SER B 755 26.57 2.71 6.66
C SER B 755 27.83 1.88 6.89
N ILE B 756 29.02 2.42 6.60
CA ILE B 756 30.28 1.69 6.64
C ILE B 756 30.37 0.83 7.89
N SER B 757 30.44 1.48 9.06
CA SER B 757 30.63 0.76 10.32
C SER B 757 29.67 -0.41 10.45
N ASP B 758 28.42 -0.22 10.05
CA ASP B 758 27.44 -1.30 10.17
C ASP B 758 27.74 -2.41 9.18
N VAL B 759 27.93 -2.05 7.90
CA VAL B 759 28.21 -3.06 6.88
C VAL B 759 29.42 -3.89 7.29
N VAL B 760 30.53 -3.20 7.54
CA VAL B 760 31.78 -3.80 8.01
C VAL B 760 31.51 -4.83 9.10
N ARG B 761 30.60 -4.51 10.02
CA ARG B 761 30.32 -5.45 11.10
C ARG B 761 29.51 -6.63 10.59
N ILE B 762 28.37 -6.37 9.95
CA ILE B 762 27.44 -7.45 9.63
C ILE B 762 28.10 -8.49 8.74
N VAL B 763 28.80 -8.02 7.69
CA VAL B 763 29.54 -8.91 6.82
C VAL B 763 30.43 -9.84 7.63
N ALA B 764 31.20 -9.28 8.57
CA ALA B 764 32.04 -10.10 9.42
C ALA B 764 31.22 -11.15 10.15
N ASN B 765 30.15 -10.72 10.82
CA ASN B 765 29.28 -11.67 11.51
C ASN B 765 28.76 -12.72 10.54
N GLN B 766 28.48 -12.34 9.30
CA GLN B 766 28.03 -13.32 8.33
C GLN B 766 29.18 -14.18 7.84
N GLN B 767 30.36 -13.57 7.66
CA GLN B 767 31.51 -14.29 7.14
C GLN B 767 31.88 -15.45 8.06
N SER B 768 32.10 -15.14 9.35
CA SER B 768 32.39 -16.17 10.34
C SER B 768 31.30 -17.23 10.40
N LEU B 769 30.10 -16.93 9.92
CA LEU B 769 29.06 -17.95 9.84
C LEU B 769 29.16 -18.77 8.55
N TYR B 770 29.40 -18.11 7.42
CA TYR B 770 29.26 -18.78 6.13
C TYR B 770 30.47 -18.58 5.23
N GLY B 771 31.61 -18.20 5.81
CA GLY B 771 32.87 -18.18 5.08
C GLY B 771 33.43 -19.58 4.90
N ARG B 772 34.66 -19.62 4.39
CA ARG B 772 35.25 -20.90 4.02
C ARG B 772 35.46 -21.80 5.24
N LYS B 773 35.88 -21.22 6.37
CA LYS B 773 35.93 -21.94 7.64
C LYS B 773 34.82 -21.50 8.58
N GLY B 774 33.62 -21.26 8.03
CA GLY B 774 32.53 -20.76 8.82
C GLY B 774 31.95 -21.80 9.76
N PHE B 775 31.26 -21.31 10.79
CA PHE B 775 30.67 -22.19 11.79
C PHE B 775 29.50 -22.99 11.23
N GLU B 776 28.78 -22.46 10.26
CA GLU B 776 27.65 -23.13 9.64
C GLU B 776 27.83 -23.20 8.13
N LYS B 777 29.03 -23.53 7.68
CA LYS B 777 29.30 -23.61 6.25
C LYS B 777 28.47 -24.69 5.57
N ASP B 778 28.00 -25.69 6.32
CA ASP B 778 27.19 -26.75 5.71
C ASP B 778 25.79 -26.28 5.38
N MET B 779 25.34 -25.17 5.96
CA MET B 779 24.02 -24.62 5.67
C MET B 779 24.03 -23.67 4.48
N PHE B 780 25.10 -22.87 4.34
CA PHE B 780 25.18 -21.90 3.26
C PHE B 780 26.64 -21.46 3.13
N GLN B 781 27.04 -21.19 1.90
CA GLN B 781 28.40 -20.74 1.59
C GLN B 781 28.33 -19.42 0.83
N LEU B 782 29.12 -18.44 1.29
CA LEU B 782 29.11 -17.13 0.65
C LEU B 782 29.72 -17.19 -0.75
N PHE B 783 30.82 -17.92 -0.92
CA PHE B 783 31.62 -17.85 -2.13
C PHE B 783 31.41 -19.05 -3.05
N SER B 784 30.23 -19.65 -3.00
CA SER B 784 29.85 -20.70 -3.95
C SER B 784 28.34 -20.83 -3.91
N SER B 785 27.79 -21.38 -5.00
CA SER B 785 26.35 -21.58 -5.07
C SER B 785 26.04 -22.59 -6.17
N ASN B 786 24.97 -23.35 -5.96
CA ASN B 786 24.47 -24.23 -7.00
C ASN B 786 23.68 -23.50 -8.06
N LYS B 787 23.21 -22.27 -7.76
CA LYS B 787 22.47 -21.49 -8.74
C LYS B 787 23.39 -21.00 -9.86
N GLY B 788 24.64 -20.67 -9.55
CA GLY B 788 25.55 -20.19 -10.56
C GLY B 788 26.92 -19.92 -9.96
N ASN B 789 27.79 -19.38 -10.80
CA ASN B 789 29.18 -19.13 -10.42
C ASN B 789 29.46 -17.63 -10.40
N ASN B 790 30.34 -17.24 -9.47
CA ASN B 790 30.76 -15.84 -9.31
C ASN B 790 29.56 -14.93 -9.03
N LEU B 791 28.56 -15.44 -8.33
CA LEU B 791 27.40 -14.64 -7.96
C LEU B 791 27.68 -13.88 -6.67
N LEU B 792 27.26 -12.61 -6.64
CA LEU B 792 27.51 -11.70 -5.53
C LEU B 792 29.00 -11.46 -5.33
N PHE B 793 29.77 -12.53 -5.16
CA PHE B 793 31.23 -12.46 -5.05
C PHE B 793 31.85 -13.45 -6.03
N ASN B 794 33.09 -13.17 -6.42
CA ASN B 794 33.83 -14.12 -7.22
C ASN B 794 34.04 -15.41 -6.44
N ASP B 795 33.84 -16.55 -7.11
CA ASP B 795 33.86 -17.83 -6.42
C ASP B 795 35.26 -18.15 -5.89
N ASN B 796 36.30 -17.59 -6.48
CA ASN B 796 37.66 -17.83 -6.02
C ASN B 796 38.11 -16.80 -4.98
N THR B 797 37.17 -16.17 -4.29
CA THR B 797 37.49 -15.25 -3.20
C THR B 797 37.78 -16.05 -1.92
N GLN B 798 38.86 -15.67 -1.24
CA GLN B 798 39.20 -16.33 0.02
C GLN B 798 38.35 -15.79 1.16
N CYS B 799 38.28 -14.48 1.32
CA CYS B 799 37.41 -13.85 2.30
C CYS B 799 37.25 -12.38 1.93
N LEU B 800 36.57 -11.63 2.80
CA LEU B 800 36.39 -10.20 2.66
C LEU B 800 37.06 -9.49 3.82
N ILE B 801 37.86 -8.48 3.52
CA ILE B 801 38.68 -7.80 4.52
C ILE B 801 38.27 -6.35 4.58
N THR B 802 38.06 -5.82 5.78
CA THR B 802 37.61 -4.44 5.92
C THR B 802 38.66 -3.49 5.36
N PHE B 803 38.21 -2.57 4.50
CA PHE B 803 39.11 -1.60 3.88
C PHE B 803 39.74 -0.70 4.95
N ASP B 804 41.06 -0.60 4.93
CA ASP B 804 41.79 0.24 5.88
C ASP B 804 41.92 1.64 5.29
N ARG B 805 41.16 2.59 5.84
CA ARG B 805 41.16 3.96 5.33
C ARG B 805 42.45 4.66 5.72
N GLN B 806 43.18 5.16 4.72
CA GLN B 806 44.42 5.87 4.96
C GLN B 806 44.24 7.37 4.77
N PRO B 807 44.91 8.18 5.59
CA PRO B 807 44.78 9.64 5.45
C PRO B 807 45.31 10.16 4.12
N LYS B 808 44.61 9.85 3.03
CA LYS B 808 44.94 10.35 1.72
C LYS B 808 43.66 10.40 0.89
N ASP B 809 43.78 10.87 -0.35
CA ASP B 809 42.65 10.87 -1.25
C ASP B 809 42.11 9.45 -1.40
N ILE B 810 40.78 9.31 -1.33
CA ILE B 810 40.19 7.98 -1.43
C ILE B 810 40.49 7.35 -2.79
N MET B 811 40.55 8.17 -3.84
CA MET B 811 40.99 7.68 -5.14
C MET B 811 42.37 7.06 -5.03
N GLU B 812 43.30 7.78 -4.40
CA GLU B 812 44.64 7.23 -4.19
C GLU B 812 44.58 6.01 -3.28
N ASP B 813 43.93 6.13 -2.11
CA ASP B 813 43.92 5.04 -1.13
C ASP B 813 43.38 3.74 -1.73
N TYR B 814 42.43 3.83 -2.66
CA TYR B 814 41.90 2.61 -3.25
C TYR B 814 42.72 2.15 -4.46
N PHE B 815 42.99 3.05 -5.40
CA PHE B 815 43.59 2.67 -6.68
C PHE B 815 45.09 2.44 -6.59
N GLY B 816 45.77 2.96 -5.57
CA GLY B 816 47.21 3.08 -5.64
C GLY B 816 47.56 4.27 -6.49
N LYS B 817 48.53 5.08 -6.05
CA LYS B 817 48.96 6.20 -6.88
C LYS B 817 49.38 5.79 -8.29
N PRO B 818 50.10 4.66 -8.51
CA PRO B 818 50.40 4.25 -9.90
C PRO B 818 49.18 4.14 -10.79
N TYR B 819 48.19 3.34 -10.40
CA TYR B 819 47.03 3.13 -11.24
C TYR B 819 46.25 4.42 -11.45
N TYR B 820 46.03 5.17 -10.37
CA TYR B 820 45.29 6.43 -10.47
C TYR B 820 45.98 7.38 -11.46
N THR B 821 47.26 7.67 -11.21
CA THR B 821 47.98 8.59 -12.09
C THR B 821 48.05 8.07 -13.52
N THR B 822 48.14 6.75 -13.71
CA THR B 822 48.29 6.21 -15.04
C THR B 822 46.99 6.31 -15.84
N VAL B 823 45.91 5.75 -15.31
CA VAL B 823 44.70 5.64 -16.12
C VAL B 823 43.80 6.87 -16.01
N TYR B 824 43.81 7.59 -14.88
CA TYR B 824 42.95 8.74 -14.71
C TYR B 824 43.74 10.03 -14.54
N GLY B 825 45.06 9.98 -14.67
CA GLY B 825 45.88 11.17 -14.62
C GLY B 825 45.83 11.91 -13.30
N ALA B 826 45.66 11.19 -12.19
CA ALA B 826 45.52 11.77 -10.85
C ALA B 826 44.44 12.85 -10.81
N SER B 827 43.47 12.77 -11.72
CA SER B 827 42.48 13.82 -11.92
C SER B 827 41.09 13.26 -11.74
N ARG B 828 40.19 14.11 -11.23
CA ARG B 828 38.77 13.78 -11.15
C ARG B 828 37.99 14.36 -12.32
N SER B 829 38.57 14.30 -13.52
CA SER B 829 37.88 14.77 -14.72
C SER B 829 38.17 13.89 -15.93
N ALA B 830 38.72 12.69 -15.72
CA ALA B 830 39.08 11.84 -16.86
C ALA B 830 37.84 11.21 -17.50
N MET B 831 36.79 10.98 -16.72
CA MET B 831 35.58 10.33 -17.21
C MET B 831 34.41 11.30 -17.12
N SER B 832 33.34 10.98 -17.86
CA SER B 832 32.12 11.76 -17.79
C SER B 832 30.96 10.88 -18.22
N SER B 833 29.88 10.88 -17.44
CA SER B 833 28.68 10.12 -17.76
C SER B 833 27.51 10.75 -17.04
N GLU B 834 26.31 10.23 -17.29
CA GLU B 834 25.12 10.77 -16.65
C GLU B 834 25.21 10.68 -15.13
N LEU B 835 25.86 9.62 -14.62
CA LEU B 835 25.94 9.46 -13.17
C LEU B 835 26.86 10.50 -12.55
N ILE B 836 28.00 10.78 -13.18
CA ILE B 836 28.92 11.78 -12.63
C ILE B 836 28.28 13.16 -12.65
N SER B 837 27.57 13.49 -13.72
CA SER B 837 26.87 14.77 -13.76
C SER B 837 25.73 14.81 -12.76
N ALA B 838 25.11 13.65 -12.48
CA ALA B 838 24.07 13.60 -11.46
C ALA B 838 24.64 13.82 -10.06
N CYS B 839 25.87 13.38 -9.83
CA CYS B 839 26.54 13.63 -8.56
C CYS B 839 27.30 14.94 -8.55
N THR B 840 27.34 15.67 -9.67
CA THR B 840 28.06 16.93 -9.76
C THR B 840 27.18 18.07 -9.26
N ILE B 841 27.66 18.81 -8.27
CA ILE B 841 26.92 19.96 -7.75
C ILE B 841 27.03 21.11 -8.74
N LYS B 842 25.89 21.57 -9.24
CA LYS B 842 25.83 22.79 -10.05
C LYS B 842 25.53 23.97 -9.14
N HIS B 843 26.32 25.04 -9.27
CA HIS B 843 26.11 26.22 -8.46
C HIS B 843 26.48 27.46 -9.27
N CYS B 844 26.18 28.62 -8.71
CA CYS B 844 26.26 29.89 -9.41
C CYS B 844 27.24 30.83 -8.71
N SER B 845 27.55 31.93 -9.38
CA SER B 845 28.47 32.91 -8.82
C SER B 845 27.81 33.65 -7.65
N ASN B 846 28.63 34.37 -6.89
CA ASN B 846 28.11 35.08 -5.73
C ASN B 846 27.31 36.31 -6.15
N SER B 847 27.93 37.24 -6.86
CA SER B 847 27.25 38.48 -7.24
C SER B 847 27.97 39.21 -8.37
N LEU B 848 28.89 40.11 -8.00
CA LEU B 848 29.52 41.00 -8.97
C LEU B 848 30.38 40.21 -9.95
N GLU B 849 30.43 40.71 -11.19
CA GLU B 849 31.10 40.05 -12.29
C GLU B 849 32.31 40.88 -12.71
N VAL B 850 33.30 40.93 -11.82
CA VAL B 850 34.54 41.66 -12.06
C VAL B 850 35.69 40.67 -12.19
N LEU B 851 36.72 41.07 -12.93
CA LEU B 851 37.91 40.24 -13.11
C LEU B 851 39.08 41.07 -13.62
#